data_8TMC
#
_entry.id   8TMC
#
_cell.length_a   1.00
_cell.length_b   1.00
_cell.length_c   1.00
_cell.angle_alpha   90.00
_cell.angle_beta   90.00
_cell.angle_gamma   90.00
#
_symmetry.space_group_name_H-M   'P 1'
#
loop_
_entity.id
_entity.type
_entity.pdbx_description
1 polymer 'Cobalt/magnesium transport protein CorA'
2 polymer 'sAB C12 Heavy Chain'
3 polymer 'sAB C12 Light Chain'
4 non-polymer 'MAGNESIUM ION'
#
loop_
_entity_poly.entity_id
_entity_poly.type
_entity_poly.pdbx_seq_one_letter_code
_entity_poly.pdbx_strand_id
1 'polypeptide(L)'
;MGSSHHHHHHSSGRENLYFQGHMEEKRLSAKKGLPPGTLVYTGKYREDFEIEVMNYSIEEFREFKTTDVESVLPFRDSST
PTWINITGIHRTDVVQRVGEFFGIHPLVLEDILNVHQRPKVEFFENYVFIVLKMFTYDKNLHELESEQVSLILTKNCVLM
FQEKIGDVFDPVRERIRYNRGIIRKKRADYLLYSLIDALVDDYFVLLEKIDDEIDVLEEEVLERPEKETVQRTHQLKRNL
VELRKTIWPLREVLSSLYRDVPPLIEKETVPYFRDVYDHTIQIADTVETFRDIVSGLLDVYLSSVSNKTNEVMKVLTIIA
TIFMPLTFIAGIYGMNFEYMPELRWKWGYPVVLAVMGVIAVIMVVYFKKKKWL
;
A,B,C,D,E
2 'polypeptide(L)'
;EISEVQLVESGGGLVQPGGSLRLSCAASGFNIYYSSIHWVRQAPGKGLEWVASIYSYSGYTSYADSVKGRFTISADTSKN
TAYLQMNSLRAEDTAVYYCARSFYVFKRGTKYPYYNYPAMDYWGQGTLVTVFNQIKGPSVFPLAPSSKSTSGGTAALGCL
VKDYFPEPVTVSWNSGALTSGVHTFPAVLQSSGLYSLSSVVTVPSSSLGTQTYICNVNHKPSNTKVDKKVEPKSCDKTHT
;
H,F
3 'polypeptide(L)'
;SDIQMTQSPSSLSASVGDRVTITCRASQSVSSAVAWYQQKPGKAPKLLIYSASSLYSGVPSRFSGSRSGTDFTLTISSLQ
PEDFATYYCQQSYYKPITFGQGTKVEIKRTVAAPSVFIFPPSDSQLKSGTASVVCLLNNFYPREAKVQWKVDNALQSGNS
QESVTEQDSKDSTYSLSSTLTLSKADYEKHKVYACEVTHQGLSSPVTKSFNRGEC
;
L,G
#
# COMPACT_ATOMS: atom_id res chain seq x y z
N SER A 29 -11.51 -8.26 -30.02
CA SER A 29 -12.92 -8.63 -29.87
C SER A 29 -13.53 -8.96 -31.21
N ALA A 30 -14.85 -8.76 -31.32
CA ALA A 30 -15.54 -9.06 -32.58
C ALA A 30 -15.06 -8.14 -33.70
N LYS A 31 -14.86 -6.86 -33.39
CA LYS A 31 -14.43 -5.89 -34.38
C LYS A 31 -12.91 -5.80 -34.39
N LYS A 32 -12.31 -5.90 -35.58
CA LYS A 32 -10.86 -5.77 -35.73
C LYS A 32 -10.58 -5.19 -37.10
N GLY A 33 -9.88 -4.06 -37.14
CA GLY A 33 -9.57 -3.40 -38.38
C GLY A 33 -10.68 -2.53 -38.93
N LEU A 34 -11.82 -2.45 -38.26
CA LEU A 34 -12.90 -1.59 -38.72
C LEU A 34 -12.52 -0.13 -38.53
N PRO A 35 -12.93 0.75 -39.42
CA PRO A 35 -12.71 2.18 -39.20
C PRO A 35 -13.50 2.65 -37.99
N PRO A 36 -13.00 3.66 -37.29
CA PRO A 36 -13.68 4.09 -36.06
C PRO A 36 -14.97 4.87 -36.32
N GLY A 37 -15.82 4.32 -37.19
CA GLY A 37 -17.12 4.92 -37.45
C GLY A 37 -18.20 3.90 -37.69
N THR A 38 -17.86 2.61 -37.56
CA THR A 38 -18.78 1.54 -37.90
C THR A 38 -19.57 1.10 -36.67
N LEU A 39 -20.88 0.90 -36.86
CA LEU A 39 -21.79 0.55 -35.79
C LEU A 39 -22.03 -0.96 -35.81
N VAL A 40 -21.31 -1.67 -34.94
CA VAL A 40 -21.41 -3.12 -34.82
C VAL A 40 -21.82 -3.44 -33.39
N TYR A 41 -22.71 -4.41 -33.24
CA TYR A 41 -23.13 -4.89 -31.92
C TYR A 41 -22.18 -6.00 -31.51
N THR A 42 -21.23 -5.67 -30.63
CA THR A 42 -20.24 -6.64 -30.20
C THR A 42 -20.79 -7.68 -29.24
N GLY A 43 -21.87 -7.36 -28.53
CA GLY A 43 -22.42 -8.25 -27.53
C GLY A 43 -23.08 -9.47 -28.14
N LYS A 44 -23.57 -10.33 -27.26
CA LYS A 44 -24.14 -11.61 -27.65
C LYS A 44 -25.58 -11.80 -27.17
N TYR A 45 -26.23 -10.75 -26.69
CA TYR A 45 -27.63 -10.81 -26.28
C TYR A 45 -28.50 -10.25 -27.40
N ARG A 46 -29.12 -11.15 -28.17
CA ARG A 46 -29.98 -10.75 -29.28
C ARG A 46 -31.38 -11.35 -29.17
N GLU A 47 -31.76 -11.83 -27.99
CA GLU A 47 -33.00 -12.58 -27.85
C GLU A 47 -34.22 -11.66 -27.95
N ASP A 48 -34.20 -10.53 -27.25
CA ASP A 48 -35.40 -9.73 -27.07
C ASP A 48 -35.14 -8.28 -27.43
N PHE A 49 -36.19 -7.62 -27.92
CA PHE A 49 -36.15 -6.20 -28.24
C PHE A 49 -37.45 -5.55 -27.77
N GLU A 50 -37.32 -4.40 -27.11
CA GLU A 50 -38.50 -3.60 -26.78
C GLU A 50 -38.04 -2.18 -26.48
N ILE A 51 -38.98 -1.25 -26.51
CA ILE A 51 -38.71 0.15 -26.21
C ILE A 51 -39.79 0.63 -25.25
N GLU A 52 -39.39 1.10 -24.08
CA GLU A 52 -40.34 1.64 -23.12
C GLU A 52 -40.07 3.13 -22.93
N VAL A 53 -41.12 3.94 -23.01
CA VAL A 53 -41.02 5.37 -22.83
C VAL A 53 -41.85 5.74 -21.61
N MET A 54 -41.25 6.48 -20.68
CA MET A 54 -41.95 7.02 -19.53
C MET A 54 -41.74 8.52 -19.49
N ASN A 55 -42.78 9.27 -19.82
CA ASN A 55 -42.75 10.73 -19.84
C ASN A 55 -43.50 11.22 -18.62
N TYR A 56 -42.78 11.85 -17.69
CA TYR A 56 -43.35 12.21 -16.40
C TYR A 56 -43.15 13.69 -16.13
N SER A 57 -44.24 14.35 -15.72
CA SER A 57 -44.24 15.73 -15.28
C SER A 57 -44.77 15.77 -13.86
N ILE A 58 -44.41 16.82 -13.13
CA ILE A 58 -44.84 16.98 -11.73
C ILE A 58 -46.35 16.92 -11.63
N GLU A 59 -47.05 17.05 -12.76
CA GLU A 59 -48.50 16.85 -12.81
C GLU A 59 -48.90 15.39 -13.02
N GLU A 60 -48.40 14.76 -14.08
CA GLU A 60 -48.91 13.43 -14.44
C GLU A 60 -47.77 12.58 -14.98
N PHE A 61 -48.12 11.41 -15.52
CA PHE A 61 -47.13 10.53 -16.14
C PHE A 61 -47.80 9.77 -17.27
N ARG A 62 -46.97 9.24 -18.18
CA ARG A 62 -47.45 8.46 -19.30
C ARG A 62 -46.38 7.45 -19.66
N GLU A 63 -46.72 6.16 -19.58
CA GLU A 63 -45.79 5.10 -19.91
C GLU A 63 -46.36 4.22 -21.00
N PHE A 64 -45.50 3.84 -21.95
CA PHE A 64 -45.94 2.94 -23.01
C PHE A 64 -44.75 2.20 -23.60
N LYS A 65 -44.97 0.94 -23.95
CA LYS A 65 -43.96 0.08 -24.55
C LYS A 65 -44.36 -0.26 -25.97
N THR A 66 -43.36 -0.41 -26.84
CA THR A 66 -43.59 -0.65 -28.25
C THR A 66 -42.31 -1.24 -28.85
N THR A 67 -42.30 -1.34 -30.18
CA THR A 67 -41.11 -1.78 -30.91
C THR A 67 -40.86 -0.92 -32.14
N ASP A 68 -41.34 0.32 -32.13
CA ASP A 68 -41.22 1.24 -33.25
C ASP A 68 -40.51 2.51 -32.81
N VAL A 69 -39.94 3.22 -33.78
CA VAL A 69 -39.20 4.44 -33.48
C VAL A 69 -40.05 5.69 -33.72
N GLU A 70 -41.08 5.60 -34.56
CA GLU A 70 -41.89 6.77 -34.89
C GLU A 70 -42.58 7.33 -33.65
N SER A 71 -43.09 6.46 -32.79
CA SER A 71 -43.72 6.92 -31.55
C SER A 71 -42.72 7.26 -30.47
N VAL A 72 -41.44 7.02 -30.71
CA VAL A 72 -40.40 7.40 -29.75
C VAL A 72 -39.82 8.77 -30.10
N LEU A 73 -39.76 9.12 -31.38
CA LEU A 73 -39.13 10.37 -31.79
C LEU A 73 -39.74 11.63 -31.18
N PRO A 74 -41.07 11.81 -31.11
CA PRO A 74 -41.59 13.15 -30.77
C PRO A 74 -41.16 13.70 -29.43
N PHE A 75 -40.64 12.87 -28.54
CA PHE A 75 -40.31 13.32 -27.19
C PHE A 75 -39.03 14.13 -27.10
N ARG A 76 -38.29 14.29 -28.21
CA ARG A 76 -37.06 15.06 -28.17
C ARG A 76 -37.33 16.52 -27.82
N ASP A 77 -38.39 17.10 -28.38
CA ASP A 77 -38.68 18.51 -28.20
C ASP A 77 -39.62 18.79 -27.03
N SER A 78 -40.04 17.77 -26.29
CA SER A 78 -40.92 17.97 -25.15
C SER A 78 -40.13 18.49 -23.97
N SER A 79 -40.58 19.61 -23.40
CA SER A 79 -39.86 20.22 -22.28
C SER A 79 -39.89 19.34 -21.04
N THR A 80 -40.95 18.56 -20.89
CA THR A 80 -41.09 17.71 -19.72
C THR A 80 -40.07 16.57 -19.74
N PRO A 81 -39.58 16.14 -18.57
CA PRO A 81 -38.61 15.04 -18.54
C PRO A 81 -39.18 13.75 -19.11
N THR A 82 -38.33 13.01 -19.81
CA THR A 82 -38.72 11.76 -20.43
C THR A 82 -37.59 10.75 -20.26
N TRP A 83 -37.94 9.48 -20.15
CA TRP A 83 -36.98 8.38 -20.05
C TRP A 83 -37.31 7.37 -21.12
N ILE A 84 -36.39 7.19 -22.07
CA ILE A 84 -36.60 6.30 -23.20
C ILE A 84 -35.60 5.15 -23.08
N ASN A 85 -36.09 3.97 -22.72
CA ASN A 85 -35.25 2.81 -22.53
C ASN A 85 -35.38 1.89 -23.74
N ILE A 86 -34.27 1.72 -24.46
CA ILE A 86 -34.17 0.81 -25.60
C ILE A 86 -33.59 -0.48 -25.05
N THR A 87 -34.44 -1.45 -24.74
CA THR A 87 -34.01 -2.73 -24.21
C THR A 87 -33.69 -3.64 -25.37
N GLY A 88 -32.41 -3.92 -25.58
CA GLY A 88 -31.97 -4.74 -26.68
C GLY A 88 -31.40 -3.89 -27.80
N ILE A 89 -30.08 -3.78 -27.85
CA ILE A 89 -29.39 -2.97 -28.85
C ILE A 89 -28.83 -3.82 -29.97
N HIS A 90 -29.23 -5.09 -30.06
CA HIS A 90 -28.83 -5.91 -31.19
C HIS A 90 -29.37 -5.35 -32.50
N ARG A 91 -30.47 -4.60 -32.42
CA ARG A 91 -31.02 -3.92 -33.59
C ARG A 91 -30.26 -2.63 -33.79
N THR A 92 -29.26 -2.64 -34.67
CA THR A 92 -28.51 -1.43 -34.95
C THR A 92 -29.38 -0.36 -35.59
N ASP A 93 -30.45 -0.78 -36.29
CA ASP A 93 -31.30 0.18 -36.98
C ASP A 93 -31.95 1.16 -36.01
N VAL A 94 -32.52 0.64 -34.91
CA VAL A 94 -33.21 1.51 -33.97
C VAL A 94 -32.24 2.43 -33.25
N VAL A 95 -31.06 1.91 -32.89
CA VAL A 95 -30.07 2.74 -32.21
C VAL A 95 -29.61 3.86 -33.12
N GLN A 96 -29.36 3.54 -34.39
CA GLN A 96 -28.98 4.56 -35.37
C GLN A 96 -30.08 5.60 -35.53
N ARG A 97 -31.34 5.15 -35.61
CA ARG A 97 -32.45 6.07 -35.78
C ARG A 97 -32.54 7.04 -34.61
N VAL A 98 -32.58 6.52 -33.39
CA VAL A 98 -32.74 7.39 -32.23
C VAL A 98 -31.51 8.28 -32.04
N GLY A 99 -30.32 7.77 -32.35
CA GLY A 99 -29.13 8.58 -32.24
C GLY A 99 -29.11 9.73 -33.22
N GLU A 100 -29.47 9.46 -34.47
CA GLU A 100 -29.44 10.52 -35.48
C GLU A 100 -30.58 11.51 -35.28
N PHE A 101 -31.70 11.06 -34.70
CA PHE A 101 -32.78 12.01 -34.42
C PHE A 101 -32.49 12.85 -33.18
N PHE A 102 -31.87 12.27 -32.17
CA PHE A 102 -31.59 12.98 -30.92
C PHE A 102 -30.28 13.74 -30.97
N GLY A 103 -29.66 13.86 -32.14
CA GLY A 103 -28.40 14.57 -32.24
C GLY A 103 -27.26 13.86 -31.53
N ILE A 104 -27.22 12.54 -31.61
CA ILE A 104 -26.14 11.74 -31.02
C ILE A 104 -25.14 11.42 -32.10
N HIS A 105 -23.86 11.68 -31.83
CA HIS A 105 -22.82 11.48 -32.81
C HIS A 105 -22.68 9.99 -33.14
N PRO A 106 -22.38 9.66 -34.39
CA PRO A 106 -22.15 8.25 -34.74
C PRO A 106 -21.06 7.59 -33.92
N LEU A 107 -20.06 8.35 -33.48
CA LEU A 107 -19.06 7.79 -32.59
C LEU A 107 -19.67 7.35 -31.26
N VAL A 108 -20.58 8.15 -30.72
CA VAL A 108 -21.23 7.78 -29.46
C VAL A 108 -22.11 6.56 -29.65
N LEU A 109 -22.78 6.46 -30.80
CA LEU A 109 -23.55 5.26 -31.10
C LEU A 109 -22.65 4.04 -31.19
N GLU A 110 -21.49 4.18 -31.82
CA GLU A 110 -20.53 3.08 -31.88
C GLU A 110 -20.08 2.67 -30.48
N ASP A 111 -19.84 3.66 -29.61
CA ASP A 111 -19.48 3.34 -28.23
C ASP A 111 -20.60 2.63 -27.51
N ILE A 112 -21.85 3.03 -27.78
CA ILE A 112 -23.00 2.36 -27.16
C ILE A 112 -23.04 0.90 -27.60
N LEU A 113 -22.89 0.66 -28.90
CA LEU A 113 -22.97 -0.71 -29.41
C LEU A 113 -21.73 -1.52 -29.08
N ASN A 114 -20.57 -0.87 -28.98
CA ASN A 114 -19.35 -1.56 -28.56
C ASN A 114 -19.51 -1.95 -27.10
N VAL A 115 -19.60 -3.26 -26.85
CA VAL A 115 -19.96 -3.73 -25.52
C VAL A 115 -18.73 -3.82 -24.62
N HIS A 116 -17.65 -4.39 -25.14
CA HIS A 116 -16.47 -4.67 -24.32
C HIS A 116 -15.64 -3.40 -24.19
N GLN A 117 -15.98 -2.59 -23.18
CA GLN A 117 -15.22 -1.38 -22.90
C GLN A 117 -15.46 -0.98 -21.45
N ARG A 118 -14.57 -0.13 -20.95
CA ARG A 118 -14.67 0.36 -19.60
C ARG A 118 -15.86 1.30 -19.46
N PRO A 119 -16.40 1.46 -18.25
CA PRO A 119 -17.34 2.55 -18.01
C PRO A 119 -16.71 3.89 -18.37
N LYS A 120 -17.46 4.71 -19.10
CA LYS A 120 -16.94 5.96 -19.62
C LYS A 120 -17.88 7.11 -19.27
N VAL A 121 -17.31 8.31 -19.25
CA VAL A 121 -18.09 9.54 -19.15
C VAL A 121 -17.53 10.53 -20.18
N GLU A 122 -18.42 11.12 -20.96
CA GLU A 122 -18.05 12.10 -21.97
C GLU A 122 -19.05 13.25 -21.91
N PHE A 123 -18.55 14.48 -22.01
CA PHE A 123 -19.39 15.65 -21.90
C PHE A 123 -19.44 16.36 -23.25
N PHE A 124 -20.63 16.43 -23.83
CA PHE A 124 -20.88 17.20 -25.04
C PHE A 124 -21.78 18.37 -24.69
N GLU A 125 -21.73 19.41 -25.52
CA GLU A 125 -22.42 20.65 -25.17
C GLU A 125 -23.93 20.52 -25.16
N ASN A 126 -24.49 19.42 -25.68
CA ASN A 126 -25.93 19.21 -25.66
C ASN A 126 -26.36 17.90 -25.01
N TYR A 127 -25.44 17.00 -24.69
CA TYR A 127 -25.79 15.78 -23.99
C TYR A 127 -24.58 15.24 -23.27
N VAL A 128 -24.83 14.40 -22.26
CA VAL A 128 -23.79 13.77 -21.46
C VAL A 128 -23.89 12.26 -21.68
N PHE A 129 -22.78 11.65 -22.06
CA PHE A 129 -22.74 10.24 -22.45
C PHE A 129 -22.06 9.43 -21.36
N ILE A 130 -22.75 8.40 -20.88
CA ILE A 130 -22.26 7.56 -19.78
C ILE A 130 -22.36 6.11 -20.19
N VAL A 131 -21.31 5.35 -19.95
CA VAL A 131 -21.30 3.91 -20.15
C VAL A 131 -21.03 3.26 -18.80
N LEU A 132 -21.96 2.43 -18.34
CA LEU A 132 -21.83 1.72 -17.08
C LEU A 132 -22.08 0.25 -17.35
N LYS A 133 -21.65 -0.60 -16.42
CA LYS A 133 -21.85 -2.03 -16.55
C LYS A 133 -22.58 -2.54 -15.31
N MET A 134 -23.75 -3.15 -15.52
CA MET A 134 -24.49 -3.78 -14.45
C MET A 134 -24.27 -5.28 -14.51
N PHE A 135 -24.03 -5.89 -13.35
CA PHE A 135 -23.64 -7.28 -13.26
C PHE A 135 -24.78 -8.12 -12.71
N THR A 136 -24.79 -9.39 -13.09
CA THR A 136 -25.67 -10.39 -12.50
C THR A 136 -24.84 -11.57 -12.05
N TYR A 137 -25.04 -12.00 -10.81
CA TYR A 137 -24.24 -13.06 -10.20
C TYR A 137 -25.18 -14.12 -9.64
N ASP A 138 -24.97 -15.37 -10.04
CA ASP A 138 -25.82 -16.48 -9.63
C ASP A 138 -25.03 -17.43 -8.74
N LYS A 139 -25.65 -17.87 -7.64
CA LYS A 139 -24.95 -18.70 -6.67
C LYS A 139 -24.69 -20.09 -7.21
N ASN A 140 -25.62 -20.65 -7.98
CA ASN A 140 -25.47 -22.03 -8.46
C ASN A 140 -24.26 -22.17 -9.36
N LEU A 141 -24.08 -21.24 -10.29
CA LEU A 141 -22.92 -21.21 -11.18
C LEU A 141 -22.16 -19.92 -10.90
N HIS A 142 -21.01 -20.04 -10.23
CA HIS A 142 -20.28 -18.86 -9.77
C HIS A 142 -19.57 -18.18 -10.94
N GLU A 143 -20.35 -17.51 -11.79
CA GLU A 143 -19.82 -16.72 -12.90
C GLU A 143 -20.68 -15.48 -13.05
N LEU A 144 -20.11 -14.31 -12.80
CA LEU A 144 -20.83 -13.07 -12.95
C LEU A 144 -20.83 -12.63 -14.41
N GLU A 145 -21.99 -12.19 -14.88
CA GLU A 145 -22.18 -11.78 -16.27
C GLU A 145 -22.47 -10.29 -16.32
N SER A 146 -21.77 -9.58 -17.21
CA SER A 146 -21.89 -8.14 -17.32
C SER A 146 -22.88 -7.77 -18.43
N GLU A 147 -23.50 -6.61 -18.26
CA GLU A 147 -24.37 -6.04 -19.28
C GLU A 147 -24.12 -4.54 -19.31
N GLN A 148 -23.73 -4.03 -20.47
CA GLN A 148 -23.45 -2.60 -20.58
C GLN A 148 -24.74 -1.82 -20.77
N VAL A 149 -24.98 -0.88 -19.88
CA VAL A 149 -26.09 0.06 -19.99
C VAL A 149 -25.52 1.44 -20.27
N SER A 150 -26.10 2.12 -21.26
CA SER A 150 -25.57 3.39 -21.72
C SER A 150 -26.62 4.47 -21.53
N LEU A 151 -26.24 5.56 -20.87
CA LEU A 151 -27.12 6.67 -20.58
C LEU A 151 -26.71 7.88 -21.42
N ILE A 152 -27.70 8.57 -21.97
CA ILE A 152 -27.46 9.83 -22.67
C ILE A 152 -28.40 10.87 -22.08
N LEU A 153 -27.84 11.90 -21.48
CA LEU A 153 -28.61 12.95 -20.82
C LEU A 153 -28.66 14.16 -21.76
N THR A 154 -29.81 14.37 -22.38
CA THR A 154 -30.04 15.56 -23.20
C THR A 154 -30.61 16.65 -22.30
N LYS A 155 -31.07 17.75 -22.90
CA LYS A 155 -31.59 18.84 -22.10
C LYS A 155 -32.89 18.47 -21.38
N ASN A 156 -33.66 17.54 -21.94
CA ASN A 156 -34.95 17.19 -21.36
C ASN A 156 -35.26 15.70 -21.41
N CYS A 157 -34.35 14.85 -21.86
CA CYS A 157 -34.62 13.42 -21.98
C CYS A 157 -33.42 12.64 -21.53
N VAL A 158 -33.67 11.45 -21.01
CA VAL A 158 -32.62 10.48 -20.66
C VAL A 158 -32.86 9.27 -21.55
N LEU A 159 -31.91 9.00 -22.42
CA LEU A 159 -31.99 7.93 -23.41
C LEU A 159 -31.10 6.80 -22.91
N MET A 160 -31.70 5.72 -22.46
CA MET A 160 -30.99 4.57 -21.92
C MET A 160 -31.00 3.43 -22.91
N PHE A 161 -29.88 2.72 -23.01
CA PHE A 161 -29.73 1.58 -23.90
C PHE A 161 -29.25 0.39 -23.10
N GLN A 162 -29.92 -0.76 -23.27
CA GLN A 162 -29.57 -1.97 -22.53
C GLN A 162 -29.31 -3.10 -23.51
N GLU A 163 -28.60 -4.11 -23.02
CA GLU A 163 -28.17 -5.22 -23.88
C GLU A 163 -29.29 -6.22 -24.07
N LYS A 164 -29.91 -6.67 -22.96
CA LYS A 164 -30.93 -7.69 -22.97
C LYS A 164 -32.10 -7.23 -22.10
N ILE A 165 -33.12 -8.08 -22.01
CA ILE A 165 -34.27 -7.77 -21.18
C ILE A 165 -33.93 -8.07 -19.72
N GLY A 166 -34.22 -7.10 -18.85
CA GLY A 166 -33.91 -7.25 -17.43
C GLY A 166 -32.96 -6.15 -16.99
N ASP A 167 -33.26 -5.57 -15.84
CA ASP A 167 -32.48 -4.44 -15.32
C ASP A 167 -32.75 -4.32 -13.82
N VAL A 168 -32.29 -3.21 -13.24
CA VAL A 168 -32.47 -2.98 -11.81
C VAL A 168 -33.01 -1.56 -11.64
N PHE A 169 -33.45 -0.96 -12.74
CA PHE A 169 -34.06 0.37 -12.69
C PHE A 169 -35.54 0.31 -12.35
N ASP A 170 -36.04 -0.86 -11.93
CA ASP A 170 -37.43 -0.98 -11.52
C ASP A 170 -37.82 -0.02 -10.40
N PRO A 171 -37.03 0.20 -9.35
CA PRO A 171 -37.43 1.20 -8.34
C PRO A 171 -37.61 2.59 -8.91
N VAL A 172 -36.80 2.98 -9.90
CA VAL A 172 -36.98 4.28 -10.53
C VAL A 172 -38.30 4.34 -11.28
N ARG A 173 -38.65 3.25 -11.96
CA ARG A 173 -39.95 3.20 -12.63
C ARG A 173 -41.09 3.32 -11.62
N GLU A 174 -40.95 2.66 -10.47
CA GLU A 174 -41.99 2.75 -9.45
C GLU A 174 -42.09 4.16 -8.90
N ARG A 175 -40.96 4.82 -8.68
CA ARG A 175 -40.98 6.20 -8.22
C ARG A 175 -41.68 7.10 -9.23
N ILE A 176 -41.41 6.88 -10.52
CA ILE A 176 -42.06 7.67 -11.56
C ILE A 176 -43.56 7.43 -11.54
N ARG A 177 -43.96 6.16 -11.45
CA ARG A 177 -45.38 5.82 -11.58
C ARG A 177 -46.18 6.32 -10.39
N TYR A 178 -45.68 6.13 -9.17
CA TYR A 178 -46.45 6.40 -7.97
C TYR A 178 -46.03 7.67 -7.26
N ASN A 179 -45.27 8.54 -7.93
CA ASN A 179 -44.85 9.84 -7.41
C ASN A 179 -44.03 9.74 -6.13
N ARG A 180 -43.55 8.55 -5.79
CA ARG A 180 -42.76 8.38 -4.58
C ARG A 180 -41.47 9.17 -4.69
N GLY A 181 -41.06 9.78 -3.58
CA GLY A 181 -39.88 10.60 -3.58
C GLY A 181 -40.12 11.94 -4.26
N ILE A 182 -39.03 12.53 -4.73
CA ILE A 182 -39.08 13.84 -5.39
C ILE A 182 -38.65 13.75 -6.85
N ILE A 183 -38.74 12.57 -7.45
CA ILE A 183 -38.25 12.39 -8.80
C ILE A 183 -39.08 13.15 -9.81
N ARG A 184 -40.40 13.21 -9.60
CA ARG A 184 -41.28 13.85 -10.58
C ARG A 184 -41.14 15.37 -10.56
N LYS A 185 -40.89 15.96 -9.40
CA LYS A 185 -40.75 17.41 -9.32
C LYS A 185 -39.52 17.89 -10.07
N LYS A 186 -38.43 17.14 -10.01
CA LYS A 186 -37.15 17.60 -10.52
C LYS A 186 -37.09 17.44 -12.03
N ARG A 187 -35.91 17.64 -12.60
CA ARG A 187 -35.70 17.60 -14.05
C ARG A 187 -35.05 16.28 -14.44
N ALA A 188 -34.65 16.18 -15.71
CA ALA A 188 -34.15 14.90 -16.23
C ALA A 188 -32.76 14.57 -15.69
N ASP A 189 -31.98 15.58 -15.29
CA ASP A 189 -30.68 15.29 -14.69
C ASP A 189 -30.85 14.52 -13.39
N TYR A 190 -31.89 14.85 -12.62
CA TYR A 190 -32.20 14.04 -11.45
C TYR A 190 -32.59 12.63 -11.85
N LEU A 191 -33.18 12.45 -13.04
CA LEU A 191 -33.49 11.09 -13.49
C LEU A 191 -32.22 10.32 -13.81
N LEU A 192 -31.23 10.99 -14.43
CA LEU A 192 -29.93 10.35 -14.63
C LEU A 192 -29.29 9.97 -13.31
N TYR A 193 -29.36 10.88 -12.33
CA TYR A 193 -28.92 10.54 -10.98
C TYR A 193 -29.63 9.32 -10.44
N SER A 194 -30.95 9.26 -10.58
CA SER A 194 -31.72 8.15 -10.02
C SER A 194 -31.34 6.83 -10.68
N LEU A 195 -31.10 6.84 -11.99
CA LEU A 195 -30.68 5.62 -12.66
C LEU A 195 -29.30 5.17 -12.17
N ILE A 196 -28.37 6.10 -12.02
CA ILE A 196 -27.05 5.71 -11.53
C ILE A 196 -27.13 5.22 -10.09
N ASP A 197 -28.01 5.82 -9.30
CA ASP A 197 -28.24 5.35 -7.93
C ASP A 197 -28.78 3.94 -7.92
N ALA A 198 -29.72 3.63 -8.80
CA ALA A 198 -30.23 2.27 -8.89
C ALA A 198 -29.13 1.29 -9.27
N LEU A 199 -28.26 1.69 -10.21
CA LEU A 199 -27.17 0.80 -10.61
C LEU A 199 -26.21 0.53 -9.47
N VAL A 200 -25.83 1.56 -8.71
CA VAL A 200 -24.92 1.33 -7.60
C VAL A 200 -25.60 0.54 -6.48
N ASP A 201 -26.92 0.68 -6.33
CA ASP A 201 -27.64 -0.16 -5.38
C ASP A 201 -27.60 -1.63 -5.79
N ASP A 202 -27.76 -1.90 -7.09
CA ASP A 202 -27.57 -3.27 -7.56
C ASP A 202 -26.15 -3.75 -7.29
N TYR A 203 -25.17 -2.85 -7.42
CA TYR A 203 -23.80 -3.20 -7.07
C TYR A 203 -23.70 -3.60 -5.60
N PHE A 204 -24.40 -2.89 -4.72
CA PHE A 204 -24.41 -3.25 -3.31
C PHE A 204 -25.02 -4.62 -3.09
N VAL A 205 -26.12 -4.92 -3.79
CA VAL A 205 -26.74 -6.25 -3.68
C VAL A 205 -25.75 -7.33 -4.08
N LEU A 206 -25.06 -7.12 -5.20
CA LEU A 206 -24.12 -8.13 -5.68
C LEU A 206 -22.91 -8.24 -4.75
N LEU A 207 -22.49 -7.13 -4.14
CA LEU A 207 -21.45 -7.20 -3.13
C LEU A 207 -21.89 -8.03 -1.94
N GLU A 208 -23.17 -7.89 -1.55
CA GLU A 208 -23.69 -8.73 -0.47
C GLU A 208 -23.67 -10.21 -0.86
N LYS A 209 -24.07 -10.51 -2.09
CA LYS A 209 -24.06 -11.90 -2.54
C LYS A 209 -22.65 -12.49 -2.52
N ILE A 210 -21.67 -11.72 -3.01
CA ILE A 210 -20.30 -12.23 -2.98
C ILE A 210 -19.76 -12.27 -1.56
N ASP A 211 -20.21 -11.39 -0.67
CA ASP A 211 -19.82 -11.51 0.74
C ASP A 211 -20.31 -12.82 1.32
N ASP A 212 -21.54 -13.19 1.01
CA ASP A 212 -22.06 -14.49 1.45
C ASP A 212 -21.23 -15.63 0.85
N GLU A 213 -20.88 -15.51 -0.42
CA GLU A 213 -20.06 -16.54 -1.06
C GLU A 213 -18.69 -16.65 -0.39
N ILE A 214 -18.08 -15.52 -0.05
CA ILE A 214 -16.79 -15.51 0.62
C ILE A 214 -16.89 -16.14 2.00
N ASP A 215 -17.99 -15.88 2.71
CA ASP A 215 -18.17 -16.52 4.02
C ASP A 215 -18.32 -18.03 3.88
N VAL A 216 -19.10 -18.48 2.89
CA VAL A 216 -19.27 -19.91 2.66
C VAL A 216 -17.94 -20.56 2.33
N LEU A 217 -17.15 -19.91 1.47
CA LEU A 217 -15.85 -20.47 1.11
C LEU A 217 -14.87 -20.40 2.28
N GLU A 218 -14.95 -19.37 3.12
CA GLU A 218 -14.18 -19.33 4.35
C GLU A 218 -14.44 -20.56 5.19
N GLU A 219 -15.71 -20.86 5.44
CA GLU A 219 -16.06 -22.06 6.21
C GLU A 219 -15.54 -23.32 5.53
N GLU A 220 -15.78 -23.43 4.23
CA GLU A 220 -15.44 -24.67 3.51
C GLU A 220 -13.94 -24.91 3.51
N VAL A 221 -13.15 -23.87 3.23
CA VAL A 221 -11.70 -23.99 3.29
C VAL A 221 -11.23 -24.32 4.70
N LEU A 222 -11.85 -23.69 5.71
CA LEU A 222 -11.36 -23.86 7.07
C LEU A 222 -11.57 -25.28 7.57
N GLU A 223 -12.75 -25.86 7.37
CA GLU A 223 -13.03 -27.16 7.97
C GLU A 223 -13.19 -28.32 6.98
N ARG A 224 -13.52 -28.07 5.72
CA ARG A 224 -13.69 -29.13 4.72
C ARG A 224 -12.89 -28.83 3.46
N PRO A 225 -11.57 -28.95 3.51
CA PRO A 225 -10.74 -28.59 2.36
C PRO A 225 -10.75 -29.69 1.30
N GLU A 226 -11.06 -29.31 0.06
CA GLU A 226 -11.11 -30.22 -1.07
C GLU A 226 -10.59 -29.50 -2.31
N LYS A 227 -10.67 -30.20 -3.46
CA LYS A 227 -10.28 -29.60 -4.73
C LYS A 227 -11.24 -28.50 -5.16
N GLU A 228 -12.55 -28.75 -5.01
CA GLU A 228 -13.54 -27.77 -5.43
C GLU A 228 -13.39 -26.46 -4.67
N THR A 229 -12.89 -26.52 -3.44
CA THR A 229 -12.60 -25.30 -2.70
C THR A 229 -11.57 -24.45 -3.42
N VAL A 230 -10.50 -25.08 -3.93
CA VAL A 230 -9.46 -24.35 -4.63
C VAL A 230 -9.98 -23.81 -5.94
N GLN A 231 -10.76 -24.61 -6.68
CA GLN A 231 -11.32 -24.11 -7.93
C GLN A 231 -12.23 -22.92 -7.68
N ARG A 232 -13.05 -23.00 -6.64
CA ARG A 232 -13.97 -21.90 -6.35
C ARG A 232 -13.23 -20.67 -5.84
N THR A 233 -12.14 -20.84 -5.08
CA THR A 233 -11.42 -19.66 -4.62
C THR A 233 -10.68 -18.97 -5.78
N HIS A 234 -10.16 -19.74 -6.74
CA HIS A 234 -9.60 -19.10 -7.92
C HIS A 234 -10.67 -18.39 -8.73
N GLN A 235 -11.85 -19.01 -8.83
CA GLN A 235 -12.96 -18.36 -9.53
C GLN A 235 -13.35 -17.06 -8.84
N LEU A 236 -13.38 -17.04 -7.52
CA LEU A 236 -13.69 -15.82 -6.79
C LEU A 236 -12.61 -14.77 -6.99
N LYS A 237 -11.35 -15.17 -7.01
CA LYS A 237 -10.27 -14.21 -7.30
C LYS A 237 -10.48 -13.56 -8.66
N ARG A 238 -10.78 -14.36 -9.68
CA ARG A 238 -11.00 -13.81 -11.01
C ARG A 238 -12.22 -12.90 -11.06
N ASN A 239 -13.30 -13.31 -10.39
CA ASN A 239 -14.51 -12.51 -10.38
C ASN A 239 -14.27 -11.16 -9.69
N LEU A 240 -13.51 -11.16 -8.60
CA LEU A 240 -13.20 -9.91 -7.91
C LEU A 240 -12.27 -9.04 -8.74
N VAL A 241 -11.35 -9.65 -9.49
CA VAL A 241 -10.55 -8.89 -10.45
C VAL A 241 -11.46 -8.16 -11.44
N GLU A 242 -12.43 -8.88 -12.00
CA GLU A 242 -13.36 -8.26 -12.94
C GLU A 242 -14.16 -7.15 -12.27
N LEU A 243 -14.60 -7.39 -11.03
CA LEU A 243 -15.36 -6.38 -10.31
C LEU A 243 -14.56 -5.10 -10.12
N ARG A 244 -13.32 -5.22 -9.63
CA ARG A 244 -12.54 -4.00 -9.41
C ARG A 244 -12.21 -3.32 -10.73
N LYS A 245 -11.95 -4.11 -11.77
CA LYS A 245 -11.67 -3.56 -13.09
C LYS A 245 -12.86 -2.76 -13.62
N THR A 246 -14.08 -3.13 -13.22
CA THR A 246 -15.25 -2.38 -13.67
C THR A 246 -15.69 -1.31 -12.67
N ILE A 247 -15.25 -1.37 -11.42
CA ILE A 247 -15.71 -0.43 -10.41
C ILE A 247 -14.80 0.79 -10.32
N TRP A 248 -13.50 0.63 -10.55
CA TRP A 248 -12.64 1.82 -10.59
C TRP A 248 -13.06 2.81 -11.68
N PRO A 249 -13.37 2.40 -12.91
CA PRO A 249 -13.96 3.36 -13.85
C PRO A 249 -15.27 3.95 -13.37
N LEU A 250 -16.07 3.18 -12.61
CA LEU A 250 -17.28 3.73 -12.04
C LEU A 250 -16.97 4.88 -11.10
N ARG A 251 -15.95 4.71 -10.26
CA ARG A 251 -15.54 5.79 -9.36
C ARG A 251 -15.08 7.00 -10.15
N GLU A 252 -14.28 6.79 -11.20
CA GLU A 252 -13.83 7.92 -12.01
C GLU A 252 -15.00 8.63 -12.68
N VAL A 253 -15.97 7.87 -13.18
CA VAL A 253 -17.12 8.45 -13.87
C VAL A 253 -17.92 9.31 -12.90
N LEU A 254 -18.21 8.80 -11.71
CA LEU A 254 -18.99 9.58 -10.77
C LEU A 254 -18.21 10.79 -10.24
N SER A 255 -16.89 10.65 -10.09
CA SER A 255 -16.07 11.79 -9.71
C SER A 255 -16.20 12.90 -10.73
N SER A 256 -16.07 12.55 -12.01
CA SER A 256 -16.26 13.53 -13.07
C SER A 256 -17.66 14.12 -13.00
N LEU A 257 -18.66 13.29 -12.75
CA LEU A 257 -20.04 13.77 -12.77
C LEU A 257 -20.29 14.81 -11.69
N TYR A 258 -19.77 14.61 -10.47
CA TYR A 258 -20.14 15.59 -9.46
C TYR A 258 -19.13 16.73 -9.36
N ARG A 259 -17.95 16.59 -9.95
CA ARG A 259 -16.97 17.67 -9.83
C ARG A 259 -16.88 18.54 -11.07
N ASP A 260 -17.08 17.99 -12.27
CA ASP A 260 -17.02 18.81 -13.47
C ASP A 260 -18.23 19.73 -13.60
N VAL A 261 -19.30 19.45 -12.86
CA VAL A 261 -20.56 20.20 -12.87
C VAL A 261 -20.88 20.74 -14.26
N PRO A 262 -21.11 19.88 -15.25
CA PRO A 262 -21.41 20.36 -16.60
C PRO A 262 -22.73 21.12 -16.63
N PRO A 263 -22.94 21.97 -17.64
CA PRO A 263 -24.19 22.74 -17.69
C PRO A 263 -25.43 21.88 -17.77
N LEU A 264 -25.32 20.63 -18.24
CA LEU A 264 -26.48 19.74 -18.27
C LEU A 264 -26.96 19.43 -16.86
N ILE A 265 -26.05 19.17 -15.94
CA ILE A 265 -26.40 18.88 -14.55
C ILE A 265 -26.65 20.18 -13.82
N GLU A 266 -27.80 20.27 -13.15
CA GLU A 266 -28.11 21.44 -12.34
C GLU A 266 -27.30 21.41 -11.04
N LYS A 267 -27.05 22.61 -10.49
CA LYS A 267 -26.30 22.70 -9.25
C LYS A 267 -27.06 22.07 -8.09
N GLU A 268 -28.38 21.97 -8.19
CA GLU A 268 -29.18 21.37 -7.14
C GLU A 268 -29.05 19.85 -7.11
N THR A 269 -28.55 19.25 -8.18
CA THR A 269 -28.41 17.80 -8.27
C THR A 269 -27.00 17.31 -7.93
N VAL A 270 -26.02 18.21 -7.92
CA VAL A 270 -24.63 17.79 -7.67
C VAL A 270 -24.46 17.07 -6.34
N PRO A 271 -25.08 17.49 -5.22
CA PRO A 271 -24.95 16.70 -3.99
C PRO A 271 -25.40 15.25 -4.13
N TYR A 272 -26.40 14.99 -4.96
CA TYR A 272 -26.83 13.62 -5.18
C TYR A 272 -25.74 12.81 -5.88
N PHE A 273 -25.09 13.40 -6.89
CA PHE A 273 -23.99 12.71 -7.54
C PHE A 273 -22.82 12.51 -6.58
N ARG A 274 -22.59 13.46 -5.69
CA ARG A 274 -21.55 13.29 -4.68
C ARG A 274 -21.88 12.13 -3.75
N ASP A 275 -23.15 11.99 -3.38
CA ASP A 275 -23.57 10.87 -2.55
C ASP A 275 -23.34 9.54 -3.27
N VAL A 276 -23.66 9.50 -4.56
CA VAL A 276 -23.42 8.26 -5.32
C VAL A 276 -21.92 7.99 -5.42
N TYR A 277 -21.11 9.05 -5.53
CA TYR A 277 -19.67 8.88 -5.53
C TYR A 277 -19.18 8.28 -4.22
N ASP A 278 -19.73 8.73 -3.10
CA ASP A 278 -19.39 8.12 -1.82
C ASP A 278 -19.79 6.65 -1.78
N HIS A 279 -20.97 6.34 -2.33
CA HIS A 279 -21.38 4.94 -2.45
C HIS A 279 -20.38 4.13 -3.24
N THR A 280 -19.90 4.68 -4.36
CA THR A 280 -18.96 3.96 -5.20
C THR A 280 -17.61 3.78 -4.50
N ILE A 281 -17.17 4.77 -3.73
CA ILE A 281 -15.95 4.62 -2.96
C ILE A 281 -16.10 3.49 -1.94
N GLN A 282 -17.26 3.43 -1.28
CA GLN A 282 -17.52 2.34 -0.35
C GLN A 282 -17.47 0.99 -1.06
N ILE A 283 -18.06 0.92 -2.26
CA ILE A 283 -18.02 -0.32 -3.02
C ILE A 283 -16.58 -0.70 -3.35
N ALA A 284 -15.77 0.28 -3.74
CA ALA A 284 -14.38 -0.01 -4.09
C ALA A 284 -13.61 -0.54 -2.89
N ASP A 285 -13.76 0.08 -1.73
CA ASP A 285 -13.02 -0.39 -0.56
C ASP A 285 -13.51 -1.77 -0.12
N THR A 286 -14.82 -2.02 -0.24
CA THR A 286 -15.34 -3.35 0.07
C THR A 286 -14.74 -4.40 -0.86
N VAL A 287 -14.64 -4.08 -2.15
CA VAL A 287 -14.07 -5.02 -3.11
C VAL A 287 -12.61 -5.30 -2.79
N GLU A 288 -11.86 -4.25 -2.42
CA GLU A 288 -10.45 -4.46 -2.08
C GLU A 288 -10.30 -5.33 -0.84
N THR A 289 -11.13 -5.10 0.18
CA THR A 289 -11.08 -5.93 1.37
C THR A 289 -11.43 -7.38 1.04
N PHE A 290 -12.42 -7.57 0.17
CA PHE A 290 -12.76 -8.92 -0.27
C PHE A 290 -11.59 -9.58 -0.98
N ARG A 291 -10.86 -8.82 -1.81
CA ARG A 291 -9.69 -9.37 -2.47
C ARG A 291 -8.63 -9.80 -1.47
N ASP A 292 -8.40 -8.98 -0.44
CA ASP A 292 -7.43 -9.35 0.59
C ASP A 292 -7.87 -10.62 1.32
N ILE A 293 -9.15 -10.72 1.66
CA ILE A 293 -9.65 -11.89 2.37
C ILE A 293 -9.48 -13.14 1.53
N VAL A 294 -9.84 -13.07 0.25
CA VAL A 294 -9.74 -14.24 -0.62
C VAL A 294 -8.28 -14.61 -0.82
N SER A 295 -7.38 -13.62 -0.88
CA SER A 295 -5.96 -13.92 -1.00
C SER A 295 -5.45 -14.67 0.22
N GLY A 296 -5.90 -14.27 1.42
CA GLY A 296 -5.55 -15.02 2.61
C GLY A 296 -6.17 -16.40 2.68
N LEU A 297 -7.29 -16.58 1.96
CA LEU A 297 -7.97 -17.88 1.97
C LEU A 297 -7.06 -19.00 1.47
N LEU A 298 -6.21 -18.72 0.48
CA LEU A 298 -5.34 -19.76 -0.04
C LEU A 298 -4.29 -20.19 1.00
N ASP A 299 -3.72 -19.23 1.73
CA ASP A 299 -2.79 -19.59 2.79
C ASP A 299 -3.48 -20.40 3.88
N VAL A 300 -4.71 -20.01 4.23
CA VAL A 300 -5.47 -20.81 5.18
C VAL A 300 -5.70 -22.22 4.65
N TYR A 301 -5.94 -22.35 3.34
CA TYR A 301 -6.12 -23.66 2.73
C TYR A 301 -4.86 -24.50 2.85
N LEU A 302 -3.70 -23.91 2.56
CA LEU A 302 -2.45 -24.65 2.70
C LEU A 302 -2.25 -25.10 4.14
N SER A 303 -2.53 -24.23 5.11
CA SER A 303 -2.38 -24.62 6.50
C SER A 303 -3.32 -25.79 6.85
N SER A 304 -4.58 -25.70 6.42
CA SER A 304 -5.54 -26.74 6.76
C SER A 304 -5.20 -28.07 6.10
N VAL A 305 -4.77 -28.05 4.84
CA VAL A 305 -4.41 -29.28 4.16
C VAL A 305 -3.14 -29.87 4.75
N SER A 306 -2.21 -29.01 5.20
CA SER A 306 -1.05 -29.52 5.91
C SER A 306 -1.45 -30.21 7.20
N ASN A 307 -2.42 -29.63 7.92
CA ASN A 307 -2.90 -30.27 9.15
C ASN A 307 -3.56 -31.62 8.85
N LYS A 308 -4.37 -31.67 7.78
CA LYS A 308 -5.03 -32.93 7.43
C LYS A 308 -4.02 -33.99 7.01
N THR A 309 -2.99 -33.59 6.26
CA THR A 309 -1.93 -34.52 5.91
C THR A 309 -1.20 -34.98 7.16
N ASN A 310 -1.04 -34.09 8.15
CA ASN A 310 -0.41 -34.48 9.40
C ASN A 310 -1.24 -35.53 10.14
N GLU A 311 -2.56 -35.37 10.17
CA GLU A 311 -3.37 -36.35 10.91
C GLU A 311 -3.46 -37.67 10.16
N VAL A 312 -3.44 -37.64 8.82
CA VAL A 312 -3.35 -38.90 8.09
C VAL A 312 -2.00 -39.58 8.31
N MET A 313 -0.91 -38.80 8.33
CA MET A 313 0.39 -39.29 8.74
C MET A 313 0.32 -39.96 10.10
N LYS A 314 -0.37 -39.32 11.05
CA LYS A 314 -0.52 -39.90 12.39
C LYS A 314 -1.21 -41.25 12.32
N VAL A 315 -2.30 -41.35 11.54
CA VAL A 315 -3.00 -42.61 11.44
C VAL A 315 -2.09 -43.70 10.89
N LEU A 316 -1.38 -43.38 9.80
CA LEU A 316 -0.49 -44.36 9.18
C LEU A 316 0.62 -44.77 10.14
N THR A 317 1.20 -43.81 10.86
CA THR A 317 2.30 -44.12 11.77
C THR A 317 1.80 -44.95 12.95
N ILE A 318 0.62 -44.65 13.47
CA ILE A 318 0.07 -45.45 14.57
C ILE A 318 -0.13 -46.89 14.11
N ILE A 319 -0.72 -47.08 12.93
CA ILE A 319 -0.94 -48.43 12.44
C ILE A 319 0.38 -49.16 12.24
N ALA A 320 1.36 -48.48 11.64
CA ALA A 320 2.66 -49.10 11.43
C ALA A 320 3.30 -49.50 12.75
N THR A 321 3.34 -48.58 13.72
CA THR A 321 3.97 -48.88 14.99
C THR A 321 3.30 -50.03 15.71
N ILE A 322 1.96 -50.10 15.66
CA ILE A 322 1.26 -51.12 16.43
C ILE A 322 1.05 -52.41 15.64
N PHE A 323 1.48 -52.48 14.38
CA PHE A 323 1.32 -53.77 13.70
C PHE A 323 2.58 -54.31 13.04
N MET A 324 3.44 -53.46 12.48
CA MET A 324 4.64 -53.96 11.81
C MET A 324 5.56 -54.76 12.73
N PRO A 325 5.92 -54.27 13.93
CA PRO A 325 6.70 -55.13 14.83
C PRO A 325 5.99 -56.41 15.19
N LEU A 326 4.67 -56.39 15.24
CA LEU A 326 3.93 -57.60 15.57
C LEU A 326 4.01 -58.61 14.43
N THR A 327 3.95 -58.13 13.18
CA THR A 327 4.18 -59.03 12.04
C THR A 327 5.59 -59.59 12.07
N PHE A 328 6.58 -58.76 12.44
CA PHE A 328 7.94 -59.25 12.60
C PHE A 328 8.02 -60.33 13.66
N ILE A 329 7.34 -60.12 14.80
CA ILE A 329 7.35 -61.10 15.89
C ILE A 329 6.74 -62.41 15.43
N ALA A 330 5.60 -62.34 14.72
CA ALA A 330 4.97 -63.54 14.19
C ALA A 330 5.88 -64.24 13.19
N GLY A 331 6.62 -63.47 12.40
CA GLY A 331 7.52 -64.08 11.44
C GLY A 331 8.68 -64.79 12.10
N ILE A 332 9.21 -64.22 13.19
CA ILE A 332 10.39 -64.81 13.80
C ILE A 332 10.02 -65.93 14.75
N TYR A 333 8.77 -65.95 15.21
CA TYR A 333 8.23 -67.12 15.89
C TYR A 333 7.61 -68.11 14.92
N GLY A 334 7.58 -67.78 13.63
CA GLY A 334 7.03 -68.66 12.61
C GLY A 334 8.09 -69.19 11.67
N MET A 335 9.35 -69.12 12.09
CA MET A 335 10.45 -69.62 11.27
C MET A 335 10.36 -71.14 11.14
N ASN A 336 10.67 -71.64 9.95
CA ASN A 336 10.48 -73.05 9.65
C ASN A 336 11.64 -73.94 10.08
N PHE A 337 12.68 -73.39 10.72
CA PHE A 337 13.75 -74.24 11.21
C PHE A 337 13.47 -74.68 12.64
N GLU A 338 14.16 -75.76 13.05
CA GLU A 338 13.73 -76.52 14.22
C GLU A 338 14.03 -75.78 15.52
N TYR A 339 15.30 -75.48 15.77
CA TYR A 339 15.74 -75.00 17.09
C TYR A 339 15.01 -73.73 17.50
N MET A 340 14.16 -73.82 18.53
CA MET A 340 13.28 -72.74 18.93
C MET A 340 12.67 -73.05 20.30
N PRO A 341 12.43 -72.03 21.15
CA PRO A 341 11.74 -72.29 22.41
C PRO A 341 10.27 -72.63 22.21
N GLU A 342 9.99 -73.85 21.77
CA GLU A 342 8.67 -74.28 21.38
C GLU A 342 8.11 -75.28 22.40
N LEU A 343 6.95 -75.86 22.06
CA LEU A 343 6.32 -76.91 22.85
C LEU A 343 5.87 -76.42 24.22
N ARG A 344 5.28 -75.22 24.24
CA ARG A 344 4.67 -74.65 25.46
C ARG A 344 5.69 -74.53 26.58
N TRP A 345 6.69 -73.68 26.37
CA TRP A 345 7.66 -73.36 27.41
C TRP A 345 6.95 -72.51 28.45
N LYS A 346 6.41 -73.16 29.48
CA LYS A 346 5.51 -72.52 30.44
C LYS A 346 4.36 -71.83 29.71
N TRP A 347 3.71 -72.58 28.83
CA TRP A 347 2.66 -72.07 27.94
C TRP A 347 3.21 -70.92 27.07
N GLY A 348 4.12 -71.31 26.17
CA GLY A 348 4.84 -70.33 25.38
C GLY A 348 3.95 -69.50 24.47
N TYR A 349 2.87 -70.07 23.96
CA TYR A 349 2.00 -69.30 23.07
C TYR A 349 1.35 -68.12 23.78
N PRO A 350 0.68 -68.26 24.92
CA PRO A 350 0.23 -67.06 25.64
C PRO A 350 1.38 -66.20 26.11
N VAL A 351 2.59 -66.76 26.25
CA VAL A 351 3.74 -65.94 26.61
C VAL A 351 4.08 -64.96 25.47
N VAL A 352 4.12 -65.46 24.24
CA VAL A 352 4.41 -64.57 23.12
C VAL A 352 3.25 -63.59 22.91
N LEU A 353 2.01 -64.03 23.11
CA LEU A 353 0.90 -63.07 23.04
C LEU A 353 1.03 -61.99 24.11
N ALA A 354 1.46 -62.36 25.31
CA ALA A 354 1.65 -61.37 26.36
C ALA A 354 2.78 -60.41 26.03
N VAL A 355 3.87 -60.91 25.46
CA VAL A 355 4.97 -60.03 25.05
C VAL A 355 4.48 -59.04 23.99
N MET A 356 3.72 -59.54 23.01
CA MET A 356 3.18 -58.68 21.97
C MET A 356 2.25 -57.62 22.55
N GLY A 357 1.40 -58.03 23.50
CA GLY A 357 0.52 -57.08 24.15
C GLY A 357 1.27 -56.03 24.94
N VAL A 358 2.35 -56.43 25.61
CA VAL A 358 3.17 -55.48 26.36
C VAL A 358 3.80 -54.48 25.41
N ILE A 359 4.31 -54.95 24.26
CA ILE A 359 4.90 -54.05 23.29
C ILE A 359 3.86 -53.07 22.75
N ALA A 360 2.66 -53.57 22.44
CA ALA A 360 1.60 -52.70 21.94
C ALA A 360 1.18 -51.68 22.98
N VAL A 361 1.09 -52.10 24.25
CA VAL A 361 0.72 -51.17 25.32
C VAL A 361 1.78 -50.10 25.49
N ILE A 362 3.06 -50.49 25.44
CA ILE A 362 4.13 -49.50 25.55
C ILE A 362 4.04 -48.50 24.40
N MET A 363 3.81 -48.99 23.18
CA MET A 363 3.71 -48.09 22.03
C MET A 363 2.54 -47.13 22.18
N VAL A 364 1.37 -47.64 22.56
CA VAL A 364 0.19 -46.78 22.66
C VAL A 364 0.35 -45.78 23.81
N VAL A 365 1.02 -46.17 24.90
CA VAL A 365 1.25 -45.23 25.99
C VAL A 365 2.23 -44.15 25.56
N TYR A 366 3.27 -44.51 24.82
CA TYR A 366 4.19 -43.52 24.28
C TYR A 366 3.48 -42.53 23.38
N PHE A 367 2.55 -43.03 22.55
CA PHE A 367 1.85 -42.13 21.64
C PHE A 367 0.81 -41.27 22.37
N LYS A 368 0.19 -41.80 23.42
CA LYS A 368 -0.69 -40.99 24.25
C LYS A 368 0.10 -39.88 24.92
N LYS A 369 1.32 -40.18 25.37
CA LYS A 369 2.20 -39.14 25.87
C LYS A 369 2.52 -38.12 24.78
N LYS A 370 2.75 -38.59 23.56
CA LYS A 370 3.01 -37.72 22.43
C LYS A 370 1.77 -36.99 21.95
N LYS A 371 0.59 -37.33 22.48
CA LYS A 371 -0.71 -36.71 22.18
C LYS A 371 -1.23 -37.05 20.79
N TRP A 372 -0.74 -38.12 20.18
CA TRP A 372 -1.28 -38.55 18.90
C TRP A 372 -2.58 -39.32 19.10
N LEU A 373 -3.30 -39.54 18.01
CA LEU A 373 -4.55 -40.28 18.08
C LEU A 373 -4.27 -41.78 18.07
N LEU B 28 -26.31 -6.17 4.38
CA LEU B 28 -26.52 -5.02 5.24
C LEU B 28 -26.60 -3.73 4.43
N SER B 29 -26.22 -3.82 3.16
CA SER B 29 -26.23 -2.67 2.27
C SER B 29 -27.49 -2.57 1.42
N ALA B 30 -28.48 -3.43 1.67
CA ALA B 30 -29.74 -3.38 0.94
C ALA B 30 -30.60 -2.26 1.51
N LYS B 31 -30.71 -1.16 0.77
CA LYS B 31 -31.53 -0.01 1.14
C LYS B 31 -32.33 0.43 -0.09
N LYS B 32 -32.97 -0.53 -0.74
CA LYS B 32 -33.52 -0.33 -2.07
C LYS B 32 -35.00 0.01 -2.00
N GLY B 33 -35.53 0.45 -3.14
CA GLY B 33 -36.90 0.94 -3.18
C GLY B 33 -37.11 2.18 -2.35
N LEU B 34 -36.06 2.96 -2.15
CA LEU B 34 -36.13 4.14 -1.29
C LEU B 34 -35.41 5.31 -1.96
N PRO B 35 -36.09 6.41 -2.22
CA PRO B 35 -35.42 7.60 -2.74
C PRO B 35 -34.38 8.11 -1.77
N PRO B 36 -33.43 8.93 -2.23
CA PRO B 36 -32.39 9.44 -1.32
C PRO B 36 -32.95 10.24 -0.15
N GLY B 37 -34.13 10.85 -0.31
CA GLY B 37 -34.70 11.66 0.75
C GLY B 37 -35.29 10.89 1.92
N THR B 38 -35.46 9.58 1.78
CA THR B 38 -36.03 8.80 2.88
C THR B 38 -35.06 8.70 4.04
N LEU B 39 -35.61 8.74 5.25
CA LEU B 39 -34.82 8.68 6.48
C LEU B 39 -35.26 7.43 7.23
N VAL B 40 -34.55 6.33 7.00
CA VAL B 40 -34.80 5.07 7.68
C VAL B 40 -33.53 4.63 8.39
N TYR B 41 -33.65 4.27 9.66
CA TYR B 41 -32.51 3.82 10.43
C TYR B 41 -32.10 2.42 10.00
N THR B 42 -30.80 2.17 9.98
CA THR B 42 -30.24 0.92 9.48
C THR B 42 -29.71 0.01 10.57
N GLY B 43 -29.10 0.56 11.63
CA GLY B 43 -28.47 -0.24 12.66
C GLY B 43 -29.43 -1.09 13.46
N LYS B 44 -28.93 -1.73 14.52
CA LYS B 44 -29.71 -2.68 15.30
C LYS B 44 -29.99 -2.20 16.72
N TYR B 45 -29.78 -0.92 17.00
CA TYR B 45 -29.99 -0.37 18.34
C TYR B 45 -31.16 0.61 18.30
N ARG B 46 -32.23 0.28 19.05
CA ARG B 46 -33.41 1.13 19.08
C ARG B 46 -33.97 1.32 20.49
N GLU B 47 -33.30 0.79 21.52
CA GLU B 47 -33.88 0.79 22.86
C GLU B 47 -33.83 2.19 23.48
N ASP B 48 -32.72 2.89 23.34
CA ASP B 48 -32.46 4.11 24.10
C ASP B 48 -32.71 5.36 23.27
N PHE B 49 -32.93 6.48 23.97
CA PHE B 49 -33.06 7.78 23.35
C PHE B 49 -32.83 8.83 24.43
N GLU B 50 -31.79 9.64 24.27
CA GLU B 50 -31.59 10.83 25.09
C GLU B 50 -31.03 11.93 24.21
N ILE B 51 -31.20 13.17 24.66
CA ILE B 51 -30.61 14.33 24.00
C ILE B 51 -30.03 15.25 25.07
N GLU B 52 -28.78 15.66 24.87
CA GLU B 52 -28.09 16.48 25.86
C GLU B 52 -27.50 17.71 25.19
N VAL B 53 -27.34 18.76 25.98
CA VAL B 53 -26.87 20.06 25.52
C VAL B 53 -25.78 20.55 26.45
N MET B 54 -24.68 21.03 25.86
CA MET B 54 -23.67 21.81 26.58
C MET B 54 -23.50 23.13 25.85
N ASN B 55 -23.99 24.20 26.48
CA ASN B 55 -23.86 25.55 25.95
C ASN B 55 -22.80 26.25 26.79
N TYR B 56 -21.60 26.39 26.24
CA TYR B 56 -20.47 26.93 26.99
C TYR B 56 -19.92 28.16 26.32
N SER B 57 -19.51 29.13 27.14
CA SER B 57 -18.81 30.32 26.67
C SER B 57 -17.52 30.44 27.44
N ILE B 58 -16.83 31.57 27.30
CA ILE B 58 -15.56 31.76 28.00
C ILE B 58 -15.75 31.98 29.50
N GLU B 59 -16.99 32.17 29.97
CA GLU B 59 -17.21 32.24 31.41
C GLU B 59 -18.34 31.34 31.85
N GLU B 60 -19.32 31.11 30.98
CA GLU B 60 -20.55 30.43 31.34
C GLU B 60 -20.50 28.94 30.98
N PHE B 61 -21.50 28.21 31.46
CA PHE B 61 -21.64 26.79 31.17
C PHE B 61 -23.04 26.35 31.54
N ARG B 62 -23.73 25.74 30.59
CA ARG B 62 -25.10 25.24 30.79
C ARG B 62 -25.17 23.80 30.32
N GLU B 63 -25.71 22.94 31.18
CA GLU B 63 -25.85 21.52 30.90
C GLU B 63 -27.32 21.11 30.96
N PHE B 64 -27.79 20.46 29.91
CA PHE B 64 -29.16 19.98 29.84
C PHE B 64 -29.17 18.52 29.38
N LYS B 65 -30.17 17.77 29.85
CA LYS B 65 -30.38 16.40 29.38
C LYS B 65 -31.86 16.10 29.43
N THR B 66 -32.47 15.93 28.26
CA THR B 66 -33.91 15.72 28.13
C THR B 66 -34.15 14.65 27.06
N THR B 67 -35.41 14.56 26.62
CA THR B 67 -35.79 13.65 25.55
C THR B 67 -36.75 14.30 24.57
N ASP B 68 -36.75 15.63 24.47
CA ASP B 68 -37.62 16.35 23.55
C ASP B 68 -36.81 17.31 22.69
N VAL B 69 -37.34 17.60 21.50
CA VAL B 69 -36.64 18.48 20.58
C VAL B 69 -36.94 19.95 20.85
N GLU B 70 -38.06 20.25 21.52
CA GLU B 70 -38.42 21.64 21.78
C GLU B 70 -37.39 22.33 22.66
N SER B 71 -36.87 21.63 23.67
CA SER B 71 -35.88 22.23 24.55
C SER B 71 -34.59 22.57 23.81
N VAL B 72 -34.12 21.67 22.95
CA VAL B 72 -32.85 21.87 22.26
C VAL B 72 -32.98 22.79 21.05
N LEU B 73 -34.20 22.98 20.54
CA LEU B 73 -34.38 23.72 19.28
C LEU B 73 -33.85 25.15 19.34
N PRO B 74 -34.13 25.97 20.35
CA PRO B 74 -33.70 27.38 20.29
C PRO B 74 -32.19 27.56 20.41
N PHE B 75 -31.42 26.51 20.66
CA PHE B 75 -29.98 26.65 20.87
C PHE B 75 -29.22 26.92 19.57
N ARG B 76 -29.89 26.86 18.42
CA ARG B 76 -29.20 27.11 17.16
C ARG B 76 -28.64 28.53 17.09
N ASP B 77 -29.41 29.51 17.54
CA ASP B 77 -29.02 30.91 17.39
C ASP B 77 -28.06 31.38 18.48
N SER B 78 -27.72 30.52 19.45
CA SER B 78 -26.80 30.93 20.50
C SER B 78 -25.42 31.25 19.91
N SER B 79 -24.86 32.39 20.33
CA SER B 79 -23.56 32.81 19.81
C SER B 79 -22.44 31.91 20.32
N THR B 80 -22.50 31.52 21.59
CA THR B 80 -21.48 30.67 22.16
C THR B 80 -21.54 29.27 21.55
N PRO B 81 -20.42 28.56 21.50
CA PRO B 81 -20.44 27.18 20.97
C PRO B 81 -21.39 26.30 21.77
N THR B 82 -22.14 25.47 21.06
CA THR B 82 -23.15 24.62 21.66
C THR B 82 -22.97 23.20 21.13
N TRP B 83 -22.59 22.27 22.01
CA TRP B 83 -22.44 20.87 21.66
C TRP B 83 -23.74 20.17 22.04
N ILE B 84 -24.50 19.75 21.03
CA ILE B 84 -25.79 19.10 21.26
C ILE B 84 -25.73 17.69 20.71
N ASN B 85 -25.99 16.72 21.57
CA ASN B 85 -25.80 15.30 21.29
C ASN B 85 -27.15 14.59 21.35
N ILE B 86 -27.35 13.65 20.43
CA ILE B 86 -28.56 12.86 20.34
C ILE B 86 -28.14 11.40 20.28
N THR B 87 -28.38 10.67 21.37
CA THR B 87 -28.13 9.24 21.39
C THR B 87 -29.46 8.49 21.24
N GLY B 88 -29.41 7.39 20.50
CA GLY B 88 -30.63 6.70 20.13
C GLY B 88 -31.29 7.34 18.92
N ILE B 89 -30.57 7.35 17.80
CA ILE B 89 -31.08 7.95 16.56
C ILE B 89 -32.09 7.07 15.86
N HIS B 90 -32.47 5.94 16.45
CA HIS B 90 -33.46 5.07 15.84
C HIS B 90 -34.77 5.81 15.59
N ARG B 91 -35.15 6.69 16.51
CA ARG B 91 -36.37 7.47 16.38
C ARG B 91 -36.04 8.64 15.46
N THR B 92 -36.33 8.46 14.16
CA THR B 92 -35.83 9.33 13.10
C THR B 92 -36.49 10.70 13.08
N ASP B 93 -37.59 10.90 13.80
CA ASP B 93 -38.29 12.19 13.68
C ASP B 93 -37.49 13.32 14.30
N VAL B 94 -36.71 13.02 15.35
CA VAL B 94 -35.85 14.06 15.93
C VAL B 94 -34.74 14.45 14.95
N VAL B 95 -34.19 13.47 14.23
CA VAL B 95 -33.18 13.77 13.23
C VAL B 95 -33.80 14.60 12.11
N GLN B 96 -35.02 14.25 11.69
CA GLN B 96 -35.69 15.05 10.68
C GLN B 96 -35.93 16.48 11.16
N ARG B 97 -36.37 16.64 12.41
CA ARG B 97 -36.66 17.97 12.92
C ARG B 97 -35.40 18.83 12.96
N VAL B 98 -34.30 18.27 13.48
CA VAL B 98 -33.04 19.01 13.47
C VAL B 98 -32.51 19.17 12.04
N GLY B 99 -33.00 18.35 11.10
CA GLY B 99 -32.57 18.53 9.72
C GLY B 99 -33.21 19.73 9.06
N GLU B 100 -34.55 19.77 9.02
CA GLU B 100 -35.18 20.94 8.40
C GLU B 100 -35.01 22.21 9.24
N PHE B 101 -34.86 22.10 10.56
CA PHE B 101 -34.68 23.31 11.35
C PHE B 101 -33.31 23.93 11.11
N PHE B 102 -32.28 23.10 10.91
CA PHE B 102 -30.93 23.59 10.72
C PHE B 102 -30.55 23.74 9.26
N GLY B 103 -31.49 23.55 8.33
CA GLY B 103 -31.19 23.66 6.91
C GLY B 103 -30.21 22.63 6.41
N ILE B 104 -30.44 21.37 6.80
CA ILE B 104 -29.55 20.26 6.44
C ILE B 104 -30.20 19.43 5.34
N HIS B 105 -29.42 19.09 4.33
CA HIS B 105 -29.95 18.34 3.20
C HIS B 105 -30.51 17.00 3.66
N PRO B 106 -31.64 16.56 3.12
CA PRO B 106 -32.16 15.23 3.47
C PRO B 106 -31.18 14.11 3.15
N LEU B 107 -30.32 14.31 2.16
CA LEU B 107 -29.25 13.33 1.91
C LEU B 107 -28.36 13.17 3.12
N VAL B 108 -28.01 14.28 3.77
CA VAL B 108 -27.16 14.22 4.95
C VAL B 108 -27.87 13.51 6.09
N LEU B 109 -29.17 13.74 6.23
CA LEU B 109 -29.94 13.03 7.25
C LEU B 109 -29.96 11.54 6.99
N GLU B 110 -30.15 11.13 5.74
CA GLU B 110 -30.11 9.71 5.40
C GLU B 110 -28.73 9.13 5.69
N ASP B 111 -27.67 9.87 5.35
CA ASP B 111 -26.32 9.39 5.65
C ASP B 111 -26.11 9.27 7.15
N ILE B 112 -26.73 10.16 7.93
CA ILE B 112 -26.67 10.04 9.38
C ILE B 112 -27.34 8.74 9.83
N LEU B 113 -28.52 8.45 9.28
CA LEU B 113 -29.21 7.22 9.64
C LEU B 113 -28.58 5.99 9.00
N ASN B 114 -27.84 6.17 7.91
CA ASN B 114 -27.20 5.05 7.24
C ASN B 114 -25.99 4.57 8.04
N VAL B 115 -26.21 3.65 8.96
CA VAL B 115 -25.15 3.20 9.86
C VAL B 115 -24.02 2.54 9.09
N HIS B 116 -24.34 1.71 8.12
CA HIS B 116 -23.32 0.97 7.40
C HIS B 116 -22.76 1.81 6.26
N GLN B 117 -22.32 3.02 6.58
CA GLN B 117 -21.74 3.94 5.62
C GLN B 117 -20.34 4.32 6.07
N ARG B 118 -19.41 4.34 5.12
CA ARG B 118 -18.01 4.60 5.46
C ARG B 118 -17.83 6.01 5.99
N PRO B 119 -16.83 6.23 6.85
CA PRO B 119 -16.57 7.58 7.35
C PRO B 119 -16.25 8.54 6.22
N LYS B 120 -16.78 9.76 6.33
CA LYS B 120 -16.61 10.73 5.25
C LYS B 120 -16.93 12.12 5.78
N VAL B 121 -16.26 13.12 5.21
CA VAL B 121 -16.48 14.52 5.56
C VAL B 121 -16.92 15.28 4.32
N GLU B 122 -18.00 16.04 4.44
CA GLU B 122 -18.55 16.84 3.35
C GLU B 122 -18.67 18.29 3.82
N PHE B 123 -18.21 19.21 2.99
CA PHE B 123 -18.26 20.64 3.29
C PHE B 123 -19.36 21.29 2.47
N PHE B 124 -20.23 22.04 3.14
CA PHE B 124 -21.27 22.83 2.50
C PHE B 124 -21.01 24.30 2.73
N GLU B 125 -21.85 25.14 2.11
CA GLU B 125 -21.72 26.58 2.29
C GLU B 125 -22.12 27.03 3.69
N ASN B 126 -22.76 26.16 4.46
CA ASN B 126 -23.24 26.50 5.79
C ASN B 126 -22.73 25.57 6.87
N TYR B 127 -22.65 24.27 6.60
CA TYR B 127 -22.32 23.28 7.62
C TYR B 127 -21.31 22.28 7.08
N VAL B 128 -20.58 21.66 8.00
CA VAL B 128 -19.63 20.60 7.70
C VAL B 128 -20.11 19.32 8.37
N PHE B 129 -20.34 18.28 7.58
CA PHE B 129 -20.89 17.03 8.09
C PHE B 129 -19.84 15.94 7.98
N ILE B 130 -19.40 15.42 9.13
CA ILE B 130 -18.38 14.38 9.18
C ILE B 130 -18.95 13.17 9.92
N VAL B 131 -18.84 12.00 9.31
CA VAL B 131 -19.34 10.77 9.89
C VAL B 131 -18.17 9.82 10.13
N LEU B 132 -18.10 9.26 11.34
CA LEU B 132 -17.02 8.39 11.76
C LEU B 132 -17.61 7.21 12.53
N LYS B 133 -16.74 6.32 13.01
CA LYS B 133 -17.17 5.10 13.66
C LYS B 133 -16.48 4.94 15.01
N MET B 134 -17.24 4.46 15.98
CA MET B 134 -16.76 4.16 17.33
C MET B 134 -16.76 2.65 17.53
N PHE B 135 -15.63 2.11 17.97
CA PHE B 135 -15.44 0.67 18.04
C PHE B 135 -15.51 0.19 19.48
N THR B 136 -16.27 -0.88 19.70
CA THR B 136 -16.36 -1.55 20.99
C THR B 136 -15.79 -2.96 20.84
N TYR B 137 -14.83 -3.29 21.70
CA TYR B 137 -14.16 -4.58 21.69
C TYR B 137 -14.13 -5.14 23.11
N ASP B 138 -14.61 -6.37 23.28
CA ASP B 138 -14.50 -7.08 24.55
C ASP B 138 -14.04 -8.50 24.24
N LYS B 139 -13.36 -9.12 25.21
CA LYS B 139 -12.56 -10.30 24.93
C LYS B 139 -13.41 -11.50 24.50
N ASN B 140 -14.70 -11.50 24.78
CA ASN B 140 -15.53 -12.66 24.46
C ASN B 140 -15.66 -12.83 22.95
N LEU B 141 -15.39 -14.05 22.48
CA LEU B 141 -15.51 -14.48 21.09
C LEU B 141 -14.56 -13.76 20.16
N HIS B 142 -13.73 -12.84 20.68
CA HIS B 142 -12.76 -12.09 19.86
C HIS B 142 -13.44 -11.41 18.67
N GLU B 143 -14.59 -10.80 18.93
CA GLU B 143 -15.36 -10.10 17.91
C GLU B 143 -15.41 -8.62 18.23
N LEU B 144 -15.71 -7.81 17.21
CA LEU B 144 -15.69 -6.36 17.31
C LEU B 144 -17.02 -5.80 16.86
N GLU B 145 -17.43 -4.67 17.45
CA GLU B 145 -18.66 -4.00 17.06
C GLU B 145 -18.36 -2.54 16.72
N SER B 146 -19.17 -1.98 15.83
CA SER B 146 -19.00 -0.60 15.40
C SER B 146 -20.31 0.16 15.56
N GLU B 147 -20.21 1.46 15.83
CA GLU B 147 -21.35 2.35 15.99
C GLU B 147 -21.08 3.64 15.23
N GLN B 148 -22.04 4.06 14.42
CA GLN B 148 -21.91 5.31 13.70
C GLN B 148 -22.03 6.51 14.64
N VAL B 149 -21.12 7.46 14.49
CA VAL B 149 -21.24 8.76 15.16
C VAL B 149 -21.10 9.84 14.09
N SER B 150 -22.05 10.76 14.05
CA SER B 150 -22.13 11.75 12.98
C SER B 150 -22.17 13.14 13.57
N LEU B 151 -21.25 14.01 13.14
CA LEU B 151 -21.16 15.37 13.62
C LEU B 151 -21.48 16.33 12.48
N ILE B 152 -22.16 17.43 12.83
CA ILE B 152 -22.45 18.51 11.90
C ILE B 152 -22.06 19.80 12.60
N LEU B 153 -21.03 20.46 12.08
CA LEU B 153 -20.59 21.77 12.57
C LEU B 153 -21.35 22.83 11.78
N THR B 154 -22.19 23.60 12.48
CA THR B 154 -23.05 24.60 11.85
C THR B 154 -22.92 25.90 12.64
N LYS B 155 -22.16 26.84 12.10
CA LYS B 155 -21.98 28.17 12.67
C LYS B 155 -21.33 28.03 14.05
N ASN B 156 -22.14 28.00 15.12
CA ASN B 156 -21.62 27.78 16.48
C ASN B 156 -22.34 26.63 17.16
N CYS B 157 -22.70 25.59 16.42
CA CYS B 157 -23.35 24.42 16.97
C CYS B 157 -22.68 23.17 16.43
N VAL B 158 -22.71 22.10 17.23
CA VAL B 158 -22.24 20.80 16.80
C VAL B 158 -23.36 19.79 17.08
N LEU B 159 -24.05 19.37 16.02
CA LEU B 159 -25.06 18.32 16.09
C LEU B 159 -24.36 16.98 16.03
N MET B 160 -24.39 16.22 17.11
CA MET B 160 -23.78 14.90 17.10
C MET B 160 -24.87 13.85 17.31
N PHE B 161 -24.79 12.77 16.53
CA PHE B 161 -25.77 11.69 16.52
C PHE B 161 -25.05 10.39 16.75
N GLN B 162 -25.63 9.53 17.60
CA GLN B 162 -25.05 8.22 17.84
C GLN B 162 -26.15 7.21 18.15
N GLU B 163 -25.87 5.94 17.85
CA GLU B 163 -26.92 4.92 17.90
C GLU B 163 -27.28 4.56 19.33
N LYS B 164 -26.29 4.35 20.19
CA LYS B 164 -26.52 3.76 21.50
C LYS B 164 -25.97 4.68 22.58
N ILE B 165 -26.46 4.48 23.81
CA ILE B 165 -26.01 5.27 24.94
C ILE B 165 -24.54 4.93 25.24
N GLY B 166 -23.82 5.91 25.75
CA GLY B 166 -22.41 5.74 26.04
C GLY B 166 -21.52 6.04 24.86
N ASP B 167 -20.40 6.68 25.12
CA ASP B 167 -19.47 7.07 24.08
C ASP B 167 -18.09 7.25 24.71
N VAL B 168 -17.17 7.86 23.97
CA VAL B 168 -15.80 8.06 24.42
C VAL B 168 -15.46 9.54 24.56
N PHE B 169 -16.45 10.41 24.49
CA PHE B 169 -16.23 11.84 24.67
C PHE B 169 -16.43 12.28 26.11
N ASP B 170 -16.42 11.32 27.05
CA ASP B 170 -16.41 11.68 28.46
C ASP B 170 -15.25 12.60 28.83
N PRO B 171 -14.02 12.42 28.31
CA PRO B 171 -13.00 13.45 28.56
C PRO B 171 -13.42 14.83 28.08
N VAL B 172 -14.08 14.93 26.92
CA VAL B 172 -14.54 16.22 26.44
C VAL B 172 -15.65 16.76 27.33
N ARG B 173 -16.53 15.88 27.80
CA ARG B 173 -17.58 16.30 28.72
C ARG B 173 -16.99 16.89 30.00
N GLU B 174 -15.99 16.19 30.56
CA GLU B 174 -15.33 16.70 31.76
C GLU B 174 -14.61 18.00 31.48
N ARG B 175 -13.97 18.11 30.31
CA ARG B 175 -13.27 19.35 29.97
C ARG B 175 -14.24 20.53 29.90
N ILE B 176 -15.43 20.31 29.32
CA ILE B 176 -16.43 21.37 29.30
C ILE B 176 -16.91 21.69 30.70
N ARG B 177 -17.22 20.65 31.49
CA ARG B 177 -17.83 20.87 32.79
C ARG B 177 -16.89 21.60 33.75
N TYR B 178 -15.61 21.21 33.77
CA TYR B 178 -14.66 21.71 34.74
C TYR B 178 -13.68 22.73 34.16
N ASN B 179 -13.92 23.19 32.93
CA ASN B 179 -13.14 24.27 32.32
C ASN B 179 -11.64 23.97 32.34
N ARG B 180 -11.28 22.76 31.96
CA ARG B 180 -9.88 22.40 31.79
C ARG B 180 -9.44 22.68 30.35
N GLY B 181 -8.13 22.81 30.18
CA GLY B 181 -7.59 23.05 28.86
C GLY B 181 -8.03 24.39 28.29
N ILE B 182 -8.01 24.47 26.96
CA ILE B 182 -8.37 25.69 26.25
C ILE B 182 -9.59 25.48 25.36
N ILE B 183 -10.41 24.46 25.67
CA ILE B 183 -11.59 24.20 24.86
C ILE B 183 -12.63 25.30 25.04
N ARG B 184 -12.76 25.83 26.26
CA ARG B 184 -13.76 26.86 26.51
C ARG B 184 -13.42 28.16 25.79
N LYS B 185 -12.13 28.51 25.75
CA LYS B 185 -11.72 29.77 25.15
C LYS B 185 -11.97 29.82 23.65
N LYS B 186 -12.14 28.68 23.01
CA LYS B 186 -12.20 28.60 21.57
C LYS B 186 -13.64 28.46 21.08
N ARG B 187 -13.81 28.45 19.76
CA ARG B 187 -15.12 28.37 19.13
C ARG B 187 -15.56 26.92 19.06
N ALA B 188 -16.63 26.65 18.30
CA ALA B 188 -17.06 25.27 18.08
C ALA B 188 -16.11 24.52 17.16
N ASP B 189 -15.24 25.23 16.45
CA ASP B 189 -14.23 24.58 15.62
C ASP B 189 -13.33 23.70 16.48
N TYR B 190 -12.82 24.25 17.57
CA TYR B 190 -12.02 23.46 18.49
C TYR B 190 -12.84 22.38 19.18
N LEU B 191 -14.16 22.60 19.31
CA LEU B 191 -15.02 21.55 19.85
C LEU B 191 -15.05 20.34 18.92
N LEU B 192 -15.21 20.58 17.62
CA LEU B 192 -15.15 19.49 16.66
C LEU B 192 -13.77 18.85 16.66
N TYR B 193 -12.72 19.66 16.76
CA TYR B 193 -11.37 19.11 16.91
C TYR B 193 -11.27 18.17 18.10
N SER B 194 -11.79 18.58 19.26
CA SER B 194 -11.72 17.76 20.45
C SER B 194 -12.49 16.47 20.28
N LEU B 195 -13.65 16.55 19.61
CA LEU B 195 -14.44 15.35 19.37
C LEU B 195 -13.68 14.35 18.49
N ILE B 196 -13.07 14.84 17.41
CA ILE B 196 -12.32 13.95 16.52
C ILE B 196 -11.10 13.38 17.24
N ASP B 197 -10.44 14.20 18.06
CA ASP B 197 -9.29 13.70 18.82
C ASP B 197 -9.70 12.63 19.82
N ALA B 198 -10.89 12.79 20.43
CA ALA B 198 -11.38 11.77 21.34
C ALA B 198 -11.68 10.47 20.60
N LEU B 199 -12.24 10.58 19.38
CA LEU B 199 -12.45 9.38 18.57
C LEU B 199 -11.12 8.70 18.25
N VAL B 200 -10.09 9.49 17.93
CA VAL B 200 -8.77 8.91 17.64
C VAL B 200 -8.19 8.24 18.88
N ASP B 201 -8.35 8.86 20.06
CA ASP B 201 -7.86 8.25 21.29
C ASP B 201 -8.58 6.93 21.57
N ASP B 202 -9.89 6.89 21.32
CA ASP B 202 -10.61 5.62 21.46
C ASP B 202 -10.07 4.58 20.48
N TYR B 203 -9.70 5.02 19.28
CA TYR B 203 -9.09 4.09 18.33
C TYR B 203 -7.77 3.57 18.86
N PHE B 204 -7.01 4.41 19.56
CA PHE B 204 -5.77 3.95 20.18
C PHE B 204 -6.04 2.89 21.25
N VAL B 205 -7.06 3.11 22.07
CA VAL B 205 -7.42 2.10 23.07
C VAL B 205 -7.85 0.81 22.39
N LEU B 206 -8.61 0.93 21.31
CA LEU B 206 -8.95 -0.24 20.50
C LEU B 206 -7.70 -0.98 20.05
N LEU B 207 -6.71 -0.25 19.56
CA LEU B 207 -5.51 -0.89 19.04
C LEU B 207 -4.73 -1.57 20.17
N GLU B 208 -4.74 -0.98 21.36
CA GLU B 208 -4.10 -1.65 22.49
C GLU B 208 -4.79 -2.96 22.82
N LYS B 209 -6.13 -2.97 22.83
CA LYS B 209 -6.86 -4.21 23.05
C LYS B 209 -6.56 -5.24 21.97
N ILE B 210 -6.51 -4.78 20.72
CA ILE B 210 -6.22 -5.67 19.60
C ILE B 210 -4.83 -6.27 19.75
N ASP B 211 -3.85 -5.46 20.14
CA ASP B 211 -2.50 -5.97 20.36
C ASP B 211 -2.47 -7.01 21.46
N ASP B 212 -3.26 -6.80 22.52
CA ASP B 212 -3.39 -7.83 23.54
C ASP B 212 -3.92 -9.12 22.93
N GLU B 213 -4.91 -9.01 22.03
CA GLU B 213 -5.48 -10.20 21.42
C GLU B 213 -4.47 -10.95 20.54
N ILE B 214 -3.69 -10.22 19.73
CA ILE B 214 -2.64 -10.90 18.96
C ILE B 214 -1.58 -11.48 19.87
N ASP B 215 -1.27 -10.84 21.00
CA ASP B 215 -0.33 -11.46 21.92
C ASP B 215 -0.86 -12.79 22.44
N VAL B 216 -2.14 -12.83 22.79
CA VAL B 216 -2.75 -14.07 23.26
C VAL B 216 -2.70 -15.14 22.17
N LEU B 217 -3.03 -14.75 20.93
CA LEU B 217 -3.02 -15.71 19.84
C LEU B 217 -1.60 -16.20 19.54
N GLU B 218 -0.61 -15.31 19.65
CA GLU B 218 0.77 -15.71 19.45
C GLU B 218 1.20 -16.73 20.49
N GLU B 219 0.85 -16.49 21.75
CA GLU B 219 1.16 -17.48 22.79
C GLU B 219 0.47 -18.81 22.49
N GLU B 220 -0.79 -18.76 22.06
CA GLU B 220 -1.52 -20.00 21.77
C GLU B 220 -0.87 -20.77 20.63
N VAL B 221 -0.53 -20.10 19.55
CA VAL B 221 0.02 -20.79 18.38
C VAL B 221 1.44 -21.29 18.66
N LEU B 222 2.24 -20.51 19.39
CA LEU B 222 3.62 -20.93 19.64
C LEU B 222 3.68 -22.06 20.65
N GLU B 223 2.84 -22.02 21.68
CA GLU B 223 2.92 -23.01 22.75
C GLU B 223 2.06 -24.24 22.47
N ARG B 224 0.79 -24.05 22.14
CA ARG B 224 -0.16 -25.15 21.96
C ARG B 224 -0.88 -25.02 20.62
N PRO B 225 -0.21 -25.32 19.52
CA PRO B 225 -0.91 -25.34 18.22
C PRO B 225 -2.01 -26.39 18.24
N GLU B 226 -3.15 -26.04 17.63
CA GLU B 226 -4.30 -26.91 17.61
C GLU B 226 -4.95 -26.85 16.23
N LYS B 227 -5.91 -27.75 16.00
CA LYS B 227 -6.61 -27.79 14.72
C LYS B 227 -7.43 -26.53 14.50
N GLU B 228 -8.12 -26.06 15.55
CA GLU B 228 -8.99 -24.89 15.43
C GLU B 228 -8.22 -23.57 15.46
N THR B 229 -6.94 -23.60 15.83
CA THR B 229 -6.16 -22.37 15.94
C THR B 229 -6.20 -21.56 14.65
N VAL B 230 -6.19 -22.25 13.50
CA VAL B 230 -6.23 -21.56 12.21
C VAL B 230 -7.41 -20.62 12.15
N GLN B 231 -8.58 -21.09 12.58
CA GLN B 231 -9.75 -20.22 12.68
C GLN B 231 -9.40 -18.92 13.36
N ARG B 232 -8.92 -18.99 14.60
CA ARG B 232 -8.50 -17.79 15.31
C ARG B 232 -7.41 -17.07 14.52
N THR B 233 -6.43 -17.81 14.01
CA THR B 233 -5.34 -17.18 13.27
C THR B 233 -5.85 -16.45 12.05
N HIS B 234 -6.99 -16.88 11.49
CA HIS B 234 -7.60 -16.11 10.41
C HIS B 234 -8.63 -15.13 10.92
N GLN B 235 -9.32 -15.46 12.02
CA GLN B 235 -10.35 -14.58 12.54
C GLN B 235 -9.83 -13.16 12.70
N LEU B 236 -8.80 -13.00 13.54
CA LEU B 236 -8.18 -11.69 13.72
C LEU B 236 -7.82 -11.08 12.38
N LYS B 237 -7.21 -11.87 11.49
CA LYS B 237 -6.82 -11.33 10.20
C LYS B 237 -8.00 -10.65 9.53
N ARG B 238 -9.13 -11.35 9.43
CA ARG B 238 -10.31 -10.75 8.83
C ARG B 238 -10.68 -9.47 9.55
N ASN B 239 -10.74 -9.54 10.89
CA ASN B 239 -11.04 -8.35 11.68
C ASN B 239 -10.08 -7.21 11.33
N LEU B 240 -8.79 -7.51 11.26
CA LEU B 240 -7.82 -6.46 10.92
C LEU B 240 -8.20 -5.79 9.60
N VAL B 241 -8.51 -6.59 8.58
CA VAL B 241 -8.90 -6.01 7.29
C VAL B 241 -10.11 -5.10 7.48
N GLU B 242 -11.08 -5.55 8.28
CA GLU B 242 -12.25 -4.73 8.55
C GLU B 242 -11.85 -3.40 9.17
N LEU B 243 -10.93 -3.42 10.15
CA LEU B 243 -10.45 -2.16 10.72
C LEU B 243 -9.88 -1.26 9.62
N ARG B 244 -9.13 -1.85 8.69
CA ARG B 244 -8.62 -1.04 7.58
C ARG B 244 -9.76 -0.35 6.86
N LYS B 245 -10.82 -1.12 6.54
CA LYS B 245 -11.95 -0.58 5.81
C LYS B 245 -12.59 0.59 6.54
N THR B 246 -12.36 0.72 7.84
CA THR B 246 -12.78 1.90 8.58
C THR B 246 -11.64 2.86 8.85
N ILE B 247 -10.45 2.36 9.19
CA ILE B 247 -9.37 3.26 9.61
C ILE B 247 -8.83 4.05 8.42
N TRP B 248 -8.63 3.39 7.30
CA TRP B 248 -8.11 4.09 6.12
C TRP B 248 -9.00 5.24 5.66
N PRO B 249 -10.33 5.14 5.68
CA PRO B 249 -11.14 6.34 5.41
C PRO B 249 -10.86 7.50 6.35
N LEU B 250 -10.51 7.22 7.62
CA LEU B 250 -10.20 8.32 8.53
C LEU B 250 -9.01 9.11 8.04
N ARG B 251 -8.00 8.44 7.47
CA ARG B 251 -6.88 9.15 6.87
C ARG B 251 -7.37 10.18 5.87
N GLU B 252 -8.44 9.85 5.14
CA GLU B 252 -9.05 10.83 4.26
C GLU B 252 -9.70 11.96 5.04
N VAL B 253 -10.55 11.62 6.02
CA VAL B 253 -11.45 12.62 6.58
C VAL B 253 -10.69 13.67 7.37
N LEU B 254 -9.57 13.29 7.99
CA LEU B 254 -8.74 14.29 8.65
C LEU B 254 -7.91 15.08 7.63
N SER B 255 -7.49 14.43 6.54
CA SER B 255 -6.76 15.17 5.52
C SER B 255 -7.59 16.32 4.97
N SER B 256 -8.83 16.02 4.57
CA SER B 256 -9.74 17.07 4.13
C SER B 256 -10.01 18.09 5.22
N LEU B 257 -9.79 17.72 6.49
CA LEU B 257 -10.04 18.67 7.57
C LEU B 257 -8.91 19.68 7.71
N TYR B 258 -7.77 19.45 7.07
CA TYR B 258 -6.69 20.43 7.06
C TYR B 258 -6.30 20.89 5.67
N ARG B 259 -6.38 20.00 4.67
CA ARG B 259 -6.01 20.41 3.32
C ARG B 259 -7.00 21.42 2.75
N ASP B 260 -8.29 21.12 2.85
CA ASP B 260 -9.30 22.04 2.33
C ASP B 260 -9.43 23.29 3.20
N VAL B 261 -9.43 23.10 4.51
CA VAL B 261 -9.61 24.14 5.53
C VAL B 261 -10.65 25.16 5.06
N PRO B 262 -11.93 24.77 5.01
CA PRO B 262 -12.97 25.70 4.56
C PRO B 262 -13.22 26.77 5.60
N PRO B 263 -13.85 27.89 5.22
CA PRO B 263 -14.01 29.00 6.17
C PRO B 263 -14.78 28.65 7.43
N LEU B 264 -15.58 27.57 7.41
CA LEU B 264 -16.24 27.15 8.63
C LEU B 264 -15.24 26.72 9.70
N ILE B 265 -14.18 26.02 9.30
CA ILE B 265 -13.10 25.68 10.21
C ILE B 265 -12.09 26.81 10.21
N GLU B 266 -11.78 27.32 11.41
CA GLU B 266 -10.93 28.50 11.53
C GLU B 266 -9.50 28.20 11.08
N LYS B 267 -8.79 29.25 10.67
CA LYS B 267 -7.41 29.09 10.22
C LYS B 267 -6.50 28.62 11.35
N GLU B 268 -6.73 29.14 12.56
CA GLU B 268 -5.89 28.78 13.71
C GLU B 268 -6.10 27.35 14.17
N THR B 269 -7.16 26.68 13.71
CA THR B 269 -7.46 25.31 14.12
C THR B 269 -6.73 24.27 13.29
N VAL B 270 -6.16 24.67 12.15
CA VAL B 270 -5.57 23.69 11.23
C VAL B 270 -4.42 22.89 11.85
N PRO B 271 -3.50 23.45 12.65
CA PRO B 271 -2.41 22.61 13.18
C PRO B 271 -2.91 21.50 14.09
N TYR B 272 -4.00 21.73 14.81
CA TYR B 272 -4.59 20.68 15.64
C TYR B 272 -5.07 19.52 14.78
N PHE B 273 -5.70 19.83 13.66
CA PHE B 273 -6.11 18.78 12.74
C PHE B 273 -4.90 18.11 12.08
N ARG B 274 -3.80 18.85 11.91
CA ARG B 274 -2.55 18.24 11.48
C ARG B 274 -2.10 17.19 12.48
N ASP B 275 -2.16 17.53 13.77
CA ASP B 275 -1.76 16.58 14.80
C ASP B 275 -2.65 15.35 14.78
N VAL B 276 -3.96 15.54 14.64
CA VAL B 276 -4.87 14.39 14.61
C VAL B 276 -4.65 13.56 13.35
N TYR B 277 -4.32 14.21 12.23
CA TYR B 277 -4.00 13.48 11.01
C TYR B 277 -2.75 12.63 11.19
N ASP B 278 -1.74 13.17 11.87
CA ASP B 278 -0.55 12.38 12.18
C ASP B 278 -0.92 11.19 13.07
N HIS B 279 -1.82 11.41 14.04
CA HIS B 279 -2.27 10.30 14.88
C HIS B 279 -2.97 9.23 14.06
N THR B 280 -3.77 9.65 13.07
CA THR B 280 -4.47 8.67 12.23
C THR B 280 -3.48 7.90 11.36
N ILE B 281 -2.46 8.58 10.82
CA ILE B 281 -1.41 7.88 10.09
C ILE B 281 -0.74 6.86 10.99
N GLN B 282 -0.53 7.23 12.24
CA GLN B 282 0.08 6.33 13.23
C GLN B 282 -0.81 5.12 13.48
N ILE B 283 -2.13 5.33 13.57
CA ILE B 283 -3.07 4.23 13.72
C ILE B 283 -2.98 3.29 12.52
N ALA B 284 -2.94 3.86 11.32
CA ALA B 284 -2.85 3.03 10.12
C ALA B 284 -1.58 2.19 10.11
N ASP B 285 -0.46 2.79 10.48
CA ASP B 285 0.79 2.04 10.56
C ASP B 285 0.68 0.90 11.56
N THR B 286 0.09 1.17 12.73
CA THR B 286 -0.02 0.13 13.75
C THR B 286 -0.94 -1.00 13.30
N VAL B 287 -2.06 -0.68 12.67
CA VAL B 287 -2.97 -1.73 12.24
C VAL B 287 -2.34 -2.55 11.11
N GLU B 288 -1.57 -1.88 10.23
CA GLU B 288 -0.88 -2.62 9.18
C GLU B 288 0.17 -3.58 9.75
N THR B 289 0.94 -3.13 10.74
CA THR B 289 1.92 -4.05 11.32
C THR B 289 1.24 -5.15 12.12
N PHE B 290 0.05 -4.88 12.68
CA PHE B 290 -0.69 -5.96 13.33
C PHE B 290 -1.14 -7.00 12.32
N ARG B 291 -1.60 -6.56 11.15
CA ARG B 291 -1.97 -7.49 10.10
C ARG B 291 -0.76 -8.31 9.65
N ASP B 292 0.40 -7.67 9.56
CA ASP B 292 1.61 -8.40 9.19
C ASP B 292 1.98 -9.43 10.25
N ILE B 293 1.80 -9.10 11.53
CA ILE B 293 2.05 -10.06 12.60
C ILE B 293 1.08 -11.24 12.51
N VAL B 294 -0.18 -10.97 12.16
CA VAL B 294 -1.15 -12.06 12.04
C VAL B 294 -0.79 -12.97 10.86
N SER B 295 -0.37 -12.38 9.74
CA SER B 295 0.10 -13.19 8.63
C SER B 295 1.31 -14.02 9.03
N GLY B 296 2.21 -13.44 9.82
CA GLY B 296 3.33 -14.19 10.36
C GLY B 296 2.90 -15.33 11.26
N LEU B 297 1.80 -15.13 12.00
CA LEU B 297 1.26 -16.20 12.83
C LEU B 297 0.72 -17.35 11.97
N LEU B 298 0.06 -17.00 10.85
CA LEU B 298 -0.34 -18.04 9.91
C LEU B 298 0.87 -18.80 9.40
N ASP B 299 1.93 -18.07 9.04
CA ASP B 299 3.13 -18.72 8.52
C ASP B 299 3.81 -19.60 9.57
N VAL B 300 3.87 -19.14 10.82
CA VAL B 300 4.51 -19.93 11.86
C VAL B 300 3.69 -21.18 12.17
N TYR B 301 2.36 -21.07 12.12
CA TYR B 301 1.53 -22.25 12.31
C TYR B 301 1.79 -23.26 11.20
N LEU B 302 1.86 -22.80 9.95
CA LEU B 302 2.11 -23.72 8.85
C LEU B 302 3.48 -24.37 8.99
N SER B 303 4.49 -23.60 9.40
CA SER B 303 5.82 -24.15 9.62
C SER B 303 5.82 -25.19 10.73
N SER B 304 5.13 -24.90 11.84
CA SER B 304 5.09 -25.85 12.95
C SER B 304 4.39 -27.13 12.54
N VAL B 305 3.30 -27.02 11.78
CA VAL B 305 2.61 -28.21 11.30
C VAL B 305 3.51 -29.03 10.38
N SER B 306 4.24 -28.36 9.49
CA SER B 306 5.16 -29.09 8.63
C SER B 306 6.24 -29.80 9.43
N ASN B 307 6.80 -29.13 10.44
CA ASN B 307 7.83 -29.78 11.26
C ASN B 307 7.25 -30.94 12.04
N LYS B 308 6.01 -30.82 12.52
CA LYS B 308 5.43 -31.87 13.34
C LYS B 308 5.09 -33.09 12.51
N THR B 309 4.56 -32.91 11.30
CA THR B 309 4.37 -34.06 10.42
C THR B 309 5.71 -34.64 9.97
N ASN B 310 6.75 -33.80 9.84
CA ASN B 310 8.08 -34.33 9.56
C ASN B 310 8.54 -35.24 10.68
N GLU B 311 8.34 -34.83 11.93
CA GLU B 311 8.74 -35.67 13.06
C GLU B 311 7.97 -36.98 13.08
N VAL B 312 6.67 -36.92 12.75
CA VAL B 312 5.87 -38.14 12.74
C VAL B 312 6.40 -39.11 11.68
N MET B 313 6.68 -38.59 10.47
CA MET B 313 7.26 -39.43 9.45
C MET B 313 8.65 -39.92 9.84
N LYS B 314 9.36 -39.16 10.66
CA LYS B 314 10.64 -39.66 11.16
C LYS B 314 10.43 -40.91 11.99
N VAL B 315 9.45 -40.87 12.90
CA VAL B 315 9.13 -42.06 13.68
C VAL B 315 8.78 -43.23 12.76
N LEU B 316 7.94 -42.96 11.76
CA LEU B 316 7.55 -44.01 10.81
C LEU B 316 8.76 -44.56 10.06
N THR B 317 9.68 -43.69 9.68
CA THR B 317 10.81 -44.12 8.88
C THR B 317 11.77 -44.98 9.69
N ILE B 318 12.09 -44.60 10.92
CA ILE B 318 12.91 -45.51 11.73
C ILE B 318 12.21 -46.84 11.98
N ILE B 319 10.92 -46.83 12.34
CA ILE B 319 10.29 -48.12 12.63
C ILE B 319 10.32 -49.00 11.39
N ALA B 320 9.95 -48.45 10.23
CA ALA B 320 9.94 -49.24 9.01
C ALA B 320 11.35 -49.70 8.64
N THR B 321 12.33 -48.81 8.75
CA THR B 321 13.69 -49.12 8.31
C THR B 321 14.31 -50.22 9.16
N ILE B 322 14.05 -50.21 10.47
CA ILE B 322 14.69 -51.17 11.36
C ILE B 322 13.87 -52.42 11.56
N PHE B 323 12.61 -52.44 11.12
CA PHE B 323 11.79 -53.63 11.31
C PHE B 323 11.37 -54.30 10.02
N MET B 324 11.61 -53.68 8.87
CA MET B 324 11.20 -54.27 7.60
C MET B 324 12.22 -55.27 7.09
N PRO B 325 13.53 -55.01 7.10
CA PRO B 325 14.49 -56.09 6.83
C PRO B 325 14.45 -57.20 7.87
N LEU B 326 13.98 -56.91 9.09
CA LEU B 326 13.75 -57.97 10.04
C LEU B 326 12.64 -58.91 9.56
N THR B 327 11.56 -58.36 9.03
CA THR B 327 10.54 -59.19 8.41
C THR B 327 11.10 -59.90 7.18
N PHE B 328 12.03 -59.25 6.48
CA PHE B 328 12.70 -59.87 5.35
C PHE B 328 13.41 -61.15 5.77
N ILE B 329 14.26 -61.07 6.80
CA ILE B 329 15.02 -62.24 7.22
C ILE B 329 14.11 -63.28 7.84
N ALA B 330 13.06 -62.84 8.56
CA ALA B 330 12.11 -63.78 9.13
C ALA B 330 11.40 -64.56 8.03
N GLY B 331 11.02 -63.88 6.95
CA GLY B 331 10.41 -64.58 5.83
C GLY B 331 11.36 -65.53 5.13
N ILE B 332 12.59 -65.08 4.88
CA ILE B 332 13.50 -65.88 4.05
C ILE B 332 13.98 -67.12 4.79
N TYR B 333 14.36 -66.99 6.07
CA TYR B 333 14.79 -68.18 6.80
C TYR B 333 13.63 -68.97 7.39
N GLY B 334 12.41 -68.47 7.25
CA GLY B 334 11.23 -69.22 7.66
C GLY B 334 10.34 -69.54 6.48
N MET B 335 10.94 -69.96 5.38
CA MET B 335 10.26 -70.15 4.11
C MET B 335 10.46 -71.58 3.63
N ASN B 336 9.37 -72.21 3.21
CA ASN B 336 9.36 -73.64 2.92
C ASN B 336 10.34 -74.00 1.82
N PHE B 337 11.25 -74.93 2.12
CA PHE B 337 12.21 -75.42 1.14
C PHE B 337 12.38 -76.92 1.31
N GLU B 338 12.60 -77.61 0.18
CA GLU B 338 12.70 -79.06 0.21
C GLU B 338 13.93 -79.52 0.98
N TYR B 339 15.07 -78.85 0.77
CA TYR B 339 16.33 -79.20 1.45
C TYR B 339 17.01 -77.91 1.87
N MET B 340 16.70 -77.45 3.09
CA MET B 340 17.30 -76.23 3.60
C MET B 340 18.76 -76.49 3.97
N PRO B 341 19.71 -75.69 3.47
CA PRO B 341 21.11 -75.88 3.87
C PRO B 341 21.33 -75.74 5.36
N GLU B 342 20.54 -74.90 6.05
CA GLU B 342 20.65 -74.78 7.49
C GLU B 342 20.11 -76.02 8.19
N LEU B 343 18.82 -76.29 8.03
CA LEU B 343 18.17 -77.43 8.67
C LEU B 343 18.39 -77.39 10.18
N ARG B 344 19.41 -78.12 10.65
CA ARG B 344 19.84 -78.10 12.03
C ARG B 344 21.34 -77.86 12.11
N TRP B 345 21.82 -76.88 11.33
CA TRP B 345 23.25 -76.65 11.21
C TRP B 345 23.86 -76.25 12.55
N LYS B 346 23.22 -75.32 13.25
CA LYS B 346 23.73 -74.82 14.51
C LYS B 346 22.56 -74.23 15.28
N TRP B 347 22.86 -73.44 16.32
CA TRP B 347 21.83 -72.76 17.09
C TRP B 347 21.29 -71.64 16.22
N GLY B 348 20.34 -72.00 15.35
CA GLY B 348 19.83 -71.05 14.38
C GLY B 348 19.09 -69.89 15.01
N TYR B 349 18.37 -70.15 16.10
CA TYR B 349 17.65 -69.07 16.78
C TYR B 349 18.59 -68.03 17.38
N PRO B 350 19.65 -68.38 18.12
CA PRO B 350 20.63 -67.36 18.51
C PRO B 350 21.30 -66.68 17.34
N VAL B 351 21.54 -67.40 16.24
CA VAL B 351 22.16 -66.77 15.07
C VAL B 351 21.23 -65.70 14.49
N VAL B 352 19.93 -66.01 14.38
CA VAL B 352 18.96 -65.06 13.87
C VAL B 352 18.87 -63.85 14.81
N LEU B 353 18.81 -64.10 16.11
CA LEU B 353 18.74 -62.96 17.03
C LEU B 353 20.02 -62.12 16.99
N ALA B 354 21.17 -62.75 16.79
CA ALA B 354 22.42 -62.02 16.69
C ALA B 354 22.45 -61.13 15.44
N VAL B 355 22.01 -61.67 14.31
CA VAL B 355 22.02 -60.85 13.09
C VAL B 355 20.99 -59.73 13.21
N MET B 356 19.84 -60.01 13.82
CA MET B 356 18.88 -58.96 14.17
C MET B 356 19.56 -57.83 14.92
N GLY B 357 20.20 -58.18 16.04
CA GLY B 357 20.82 -57.16 16.87
C GLY B 357 21.90 -56.40 16.15
N VAL B 358 22.71 -57.10 15.35
CA VAL B 358 23.81 -56.45 14.65
C VAL B 358 23.27 -55.42 13.66
N ILE B 359 22.33 -55.83 12.81
CA ILE B 359 21.82 -54.87 11.82
C ILE B 359 21.02 -53.76 12.50
N ALA B 360 20.30 -54.07 13.57
CA ALA B 360 19.51 -53.05 14.26
C ALA B 360 20.41 -52.00 14.90
N VAL B 361 21.48 -52.43 15.58
CA VAL B 361 22.37 -51.45 16.19
C VAL B 361 23.12 -50.67 15.12
N ILE B 362 23.50 -51.32 14.01
CA ILE B 362 24.16 -50.61 12.93
C ILE B 362 23.25 -49.51 12.38
N MET B 363 21.98 -49.84 12.16
CA MET B 363 21.10 -48.87 11.52
C MET B 363 20.64 -47.80 12.49
N VAL B 364 20.54 -48.10 13.79
CA VAL B 364 20.24 -47.04 14.74
C VAL B 364 21.44 -46.12 14.92
N VAL B 365 22.66 -46.65 14.79
CA VAL B 365 23.82 -45.76 14.75
C VAL B 365 23.79 -44.89 13.50
N TYR B 366 23.34 -45.45 12.38
CA TYR B 366 23.13 -44.65 11.18
C TYR B 366 22.12 -43.53 11.44
N PHE B 367 21.04 -43.84 12.16
CA PHE B 367 20.04 -42.83 12.48
C PHE B 367 20.60 -41.77 13.43
N LYS B 368 21.44 -42.18 14.37
CA LYS B 368 22.13 -41.20 15.22
C LYS B 368 23.01 -40.29 14.40
N LYS B 369 23.71 -40.84 13.40
CA LYS B 369 24.50 -40.02 12.48
C LYS B 369 23.60 -39.05 11.74
N LYS B 370 22.42 -39.50 11.32
CA LYS B 370 21.43 -38.61 10.72
C LYS B 370 20.65 -37.83 11.76
N LYS B 371 20.81 -38.15 13.05
CA LYS B 371 20.13 -37.48 14.15
C LYS B 371 18.61 -37.66 14.09
N TRP B 372 18.13 -38.71 13.44
CA TRP B 372 16.69 -38.90 13.30
C TRP B 372 16.05 -39.36 14.60
N LEU B 373 16.68 -40.29 15.31
CA LEU B 373 16.17 -40.77 16.58
C LEU B 373 16.60 -39.84 17.72
N LEU C 34 -8.04 9.25 37.52
CA LEU C 34 -6.97 9.57 36.58
C LEU C 34 -6.91 11.08 36.32
N PRO C 35 -6.30 11.82 37.23
CA PRO C 35 -6.18 13.27 37.06
C PRO C 35 -5.36 13.61 35.82
N PRO C 36 -5.70 14.69 35.13
CA PRO C 36 -4.92 15.06 33.92
C PRO C 36 -3.46 15.35 34.20
N GLY C 37 -3.13 15.90 35.36
CA GLY C 37 -1.76 16.26 35.65
C GLY C 37 -1.17 15.55 36.86
N THR C 38 -1.61 14.32 37.11
CA THR C 38 -1.13 13.58 38.26
C THR C 38 0.32 13.13 38.06
N LEU C 39 0.99 12.88 39.18
CA LEU C 39 2.38 12.45 39.19
C LEU C 39 2.44 11.06 39.81
N VAL C 40 2.24 10.03 38.99
CA VAL C 40 2.25 8.64 39.44
C VAL C 40 3.27 7.88 38.61
N TYR C 41 4.08 7.07 39.30
CA TYR C 41 5.13 6.30 38.64
C TYR C 41 4.49 5.13 37.90
N THR C 42 4.41 5.25 36.57
CA THR C 42 3.81 4.19 35.77
C THR C 42 4.67 2.93 35.77
N GLY C 43 5.99 3.10 35.71
CA GLY C 43 6.88 1.96 35.62
C GLY C 43 6.85 1.09 36.86
N LYS C 44 7.55 -0.04 36.77
CA LYS C 44 7.53 -1.04 37.83
C LYS C 44 8.84 -1.17 38.58
N TYR C 45 9.90 -0.52 38.12
CA TYR C 45 11.20 -0.61 38.80
C TYR C 45 11.21 0.36 39.97
N ARG C 46 10.98 -0.17 41.18
CA ARG C 46 10.87 0.63 42.39
C ARG C 46 11.68 0.01 43.52
N GLU C 47 12.93 -0.35 43.22
CA GLU C 47 13.77 -1.05 44.19
C GLU C 47 15.05 -0.31 44.55
N ASP C 48 15.36 0.81 43.90
CA ASP C 48 16.62 1.48 44.11
C ASP C 48 16.48 2.97 43.86
N PHE C 49 17.40 3.75 44.44
CA PHE C 49 17.35 5.20 44.34
C PHE C 49 18.72 5.77 44.69
N GLU C 50 19.20 6.68 43.85
CA GLU C 50 20.40 7.45 44.14
C GLU C 50 20.37 8.71 43.29
N ILE C 51 21.27 9.64 43.63
CA ILE C 51 21.40 10.90 42.92
C ILE C 51 22.88 11.16 42.69
N GLU C 52 23.25 11.44 41.45
CA GLU C 52 24.65 11.68 41.09
C GLU C 52 24.78 13.06 40.44
N VAL C 53 25.49 13.97 41.10
CA VAL C 53 25.66 15.32 40.59
C VAL C 53 27.14 15.55 40.34
N MET C 54 27.49 15.93 39.10
CA MET C 54 28.85 16.32 38.77
C MET C 54 28.82 17.68 38.07
N ASN C 55 29.34 18.69 38.75
CA ASN C 55 29.48 20.03 38.20
C ASN C 55 30.87 20.14 37.61
N TYR C 56 30.96 20.16 36.29
CA TYR C 56 32.25 20.11 35.61
C TYR C 56 32.48 21.39 34.82
N SER C 57 33.74 21.79 34.72
CA SER C 57 34.13 22.92 33.90
C SER C 57 35.60 22.75 33.52
N ILE C 58 36.14 23.77 32.86
CA ILE C 58 37.54 23.73 32.45
C ILE C 58 38.45 23.72 33.68
N GLU C 59 38.12 24.52 34.68
CA GLU C 59 38.99 24.65 35.84
C GLU C 59 39.01 23.38 36.69
N GLU C 60 37.84 22.84 37.01
CA GLU C 60 37.76 21.73 37.95
C GLU C 60 36.40 21.06 37.83
N PHE C 61 36.35 19.78 38.19
CA PHE C 61 35.11 19.02 38.27
C PHE C 61 34.86 18.64 39.72
N ARG C 62 33.60 18.74 40.15
CA ARG C 62 33.19 18.35 41.50
C ARG C 62 32.06 17.35 41.37
N GLU C 63 32.30 16.12 41.80
CA GLU C 63 31.36 15.03 41.63
C GLU C 63 31.00 14.44 42.99
N PHE C 64 29.73 14.09 43.16
CA PHE C 64 29.30 13.40 44.38
C PHE C 64 27.99 12.67 44.11
N LYS C 65 27.65 11.80 45.06
CA LYS C 65 26.36 11.11 45.09
C LYS C 65 25.76 11.27 46.48
N THR C 66 24.50 11.67 46.54
CA THR C 66 23.85 11.91 47.83
C THR C 66 22.36 11.66 47.70
N THR C 67 21.80 10.89 48.64
CA THR C 67 20.38 10.59 48.61
C THR C 67 19.55 11.84 48.90
N ASP C 68 20.08 12.78 49.69
CA ASP C 68 19.36 14.01 49.97
C ASP C 68 19.23 14.85 48.71
N VAL C 69 18.03 15.41 48.51
CA VAL C 69 17.79 16.20 47.32
C VAL C 69 18.23 17.66 47.49
N GLU C 70 18.40 18.11 48.74
CA GLU C 70 18.76 19.51 48.96
C GLU C 70 20.11 19.84 48.32
N SER C 71 21.07 18.91 48.38
CA SER C 71 22.37 19.12 47.77
C SER C 71 22.26 19.34 46.26
N VAL C 72 21.17 18.89 45.64
CA VAL C 72 20.97 19.13 44.22
C VAL C 72 20.63 20.60 43.95
N LEU C 73 19.94 21.24 44.89
CA LEU C 73 19.31 22.53 44.61
C LEU C 73 20.28 23.63 44.19
N PRO C 74 21.41 23.85 44.86
CA PRO C 74 22.28 24.98 44.45
C PRO C 74 22.76 24.88 43.01
N PHE C 75 23.01 23.67 42.51
CA PHE C 75 23.55 23.49 41.17
C PHE C 75 22.56 23.91 40.08
N ARG C 76 21.30 24.14 40.45
CA ARG C 76 20.37 24.84 39.57
C ARG C 76 20.95 26.15 39.05
N ASP C 77 21.60 26.92 39.93
CA ASP C 77 22.04 28.26 39.58
C ASP C 77 23.53 28.32 39.27
N SER C 78 24.18 27.19 39.03
CA SER C 78 25.59 27.19 38.65
C SER C 78 25.74 27.75 37.24
N SER C 79 26.70 28.65 37.07
CA SER C 79 26.99 29.17 35.74
C SER C 79 27.67 28.11 34.87
N THR C 80 28.63 27.39 35.43
CA THR C 80 29.29 26.32 34.70
C THR C 80 28.35 25.13 34.53
N PRO C 81 28.53 24.33 33.48
CA PRO C 81 27.65 23.19 33.26
C PRO C 81 27.72 22.19 34.41
N THR C 82 26.57 21.62 34.74
CA THR C 82 26.50 20.58 35.76
C THR C 82 25.48 19.54 35.33
N TRP C 83 25.79 18.28 35.63
CA TRP C 83 24.98 17.16 35.20
C TRP C 83 24.41 16.47 36.44
N ILE C 84 23.09 16.38 36.50
CA ILE C 84 22.38 15.78 37.64
C ILE C 84 21.61 14.58 37.13
N ASN C 85 21.93 13.40 37.65
CA ASN C 85 21.30 12.15 37.27
C ASN C 85 20.49 11.65 38.46
N ILE C 86 19.17 11.65 38.32
CA ILE C 86 18.27 11.26 39.40
C ILE C 86 17.91 9.81 39.12
N THR C 87 18.73 8.89 39.63
CA THR C 87 18.53 7.47 39.36
C THR C 87 17.42 6.94 40.26
N GLY C 88 16.35 6.45 39.65
CA GLY C 88 15.23 5.92 40.41
C GLY C 88 14.13 6.95 40.56
N ILE C 89 13.09 6.82 39.75
CA ILE C 89 11.99 7.76 39.76
C ILE C 89 10.78 7.18 40.48
N HIS C 90 10.97 6.11 41.24
CA HIS C 90 9.87 5.54 42.01
C HIS C 90 9.40 6.48 43.10
N ARG C 91 10.31 7.24 43.70
CA ARG C 91 9.95 8.25 44.69
C ARG C 91 9.56 9.51 43.94
N THR C 92 8.25 9.77 43.86
CA THR C 92 7.77 10.97 43.18
C THR C 92 8.09 12.24 43.95
N ASP C 93 8.43 12.13 45.24
CA ASP C 93 8.79 13.31 46.02
C ASP C 93 10.07 13.95 45.49
N VAL C 94 11.08 13.14 45.21
CA VAL C 94 12.35 13.67 44.72
C VAL C 94 12.18 14.28 43.34
N VAL C 95 11.48 13.56 42.45
CA VAL C 95 11.25 14.07 41.10
C VAL C 95 10.47 15.37 41.15
N GLN C 96 9.43 15.42 41.97
CA GLN C 96 8.66 16.66 42.12
C GLN C 96 9.55 17.78 42.60
N ARG C 97 10.13 17.64 43.80
CA ARG C 97 11.03 18.66 44.35
C ARG C 97 12.02 19.18 43.32
N VAL C 98 12.66 18.28 42.59
CA VAL C 98 13.63 18.70 41.58
C VAL C 98 12.96 19.55 40.50
N GLY C 99 11.84 19.07 39.97
CA GLY C 99 11.17 19.81 38.91
C GLY C 99 10.65 21.16 39.38
N GLU C 100 10.10 21.20 40.59
CA GLU C 100 9.55 22.44 41.11
C GLU C 100 10.64 23.46 41.37
N PHE C 101 11.79 23.04 41.89
CA PHE C 101 12.87 23.99 42.13
C PHE C 101 13.53 24.43 40.83
N PHE C 102 13.61 23.53 39.84
CA PHE C 102 14.27 23.86 38.59
C PHE C 102 13.33 24.49 37.56
N GLY C 103 12.03 24.54 37.85
CA GLY C 103 11.08 25.17 36.95
C GLY C 103 10.41 24.26 35.95
N ILE C 104 10.55 22.93 36.10
CA ILE C 104 9.88 22.02 35.18
C ILE C 104 8.38 22.03 35.45
N HIS C 105 7.61 22.10 34.37
CA HIS C 105 6.17 22.11 34.47
C HIS C 105 5.67 20.81 35.10
N PRO C 106 4.58 20.85 35.87
CA PRO C 106 4.06 19.60 36.44
C PRO C 106 3.70 18.55 35.40
N LEU C 107 3.22 18.96 34.23
CA LEU C 107 2.91 17.99 33.18
C LEU C 107 4.17 17.33 32.64
N VAL C 108 5.26 18.09 32.54
CA VAL C 108 6.52 17.49 32.13
C VAL C 108 7.00 16.50 33.19
N LEU C 109 6.77 16.81 34.47
CA LEU C 109 7.11 15.85 35.51
C LEU C 109 6.26 14.59 35.38
N GLU C 110 4.98 14.73 35.03
CA GLU C 110 4.16 13.56 34.77
C GLU C 110 4.72 12.73 33.63
N ASP C 111 5.13 13.39 32.54
CA ASP C 111 5.74 12.67 31.43
C ASP C 111 7.01 11.96 31.87
N ILE C 112 7.77 12.57 32.76
CA ILE C 112 8.96 11.92 33.32
C ILE C 112 8.55 10.67 34.08
N LEU C 113 7.50 10.77 34.89
CA LEU C 113 7.04 9.64 35.68
C LEU C 113 6.20 8.65 34.89
N ASN C 114 5.86 8.98 33.65
CA ASN C 114 5.10 8.06 32.79
C ASN C 114 6.11 7.23 32.00
N VAL C 115 6.52 6.10 32.58
CA VAL C 115 7.52 5.26 31.95
C VAL C 115 6.99 4.70 30.63
N HIS C 116 5.76 4.22 30.63
CA HIS C 116 5.19 3.67 29.41
C HIS C 116 4.84 4.81 28.47
N GLN C 117 5.82 5.22 27.66
CA GLN C 117 5.70 6.36 26.77
C GLN C 117 6.65 6.14 25.61
N ARG C 118 6.45 6.88 24.54
CA ARG C 118 7.39 6.76 23.43
C ARG C 118 8.43 7.86 23.50
N PRO C 119 9.53 7.71 22.78
CA PRO C 119 10.52 8.81 22.70
C PRO C 119 9.86 10.08 22.19
N LYS C 120 10.21 11.19 22.82
CA LYS C 120 9.51 12.45 22.61
C LYS C 120 10.48 13.60 22.77
N VAL C 121 10.16 14.71 22.12
CA VAL C 121 10.91 15.95 22.29
C VAL C 121 9.92 17.11 22.37
N GLU C 122 10.15 18.00 23.33
CA GLU C 122 9.34 19.19 23.50
C GLU C 122 10.27 20.36 23.81
N PHE C 123 9.90 21.54 23.33
CA PHE C 123 10.70 22.74 23.51
C PHE C 123 9.92 23.77 24.30
N PHE C 124 10.54 24.33 25.32
CA PHE C 124 9.96 25.39 26.11
C PHE C 124 10.89 26.60 26.07
N GLU C 125 10.51 27.67 26.77
CA GLU C 125 11.31 28.88 26.74
C GLU C 125 12.65 28.68 27.42
N ASN C 126 12.68 27.94 28.53
CA ASN C 126 13.88 27.82 29.32
C ASN C 126 14.46 26.41 29.39
N TYR C 127 13.72 25.38 28.99
CA TYR C 127 14.22 24.02 29.06
C TYR C 127 13.73 23.23 27.86
N VAL C 128 14.48 22.19 27.52
CA VAL C 128 14.15 21.28 26.43
C VAL C 128 13.96 19.89 27.03
N PHE C 129 12.81 19.29 26.76
CA PHE C 129 12.43 18.00 27.34
C PHE C 129 12.60 16.91 26.30
N ILE C 130 13.23 15.80 26.71
CA ILE C 130 13.52 14.68 25.83
C ILE C 130 13.24 13.39 26.59
N VAL C 131 12.56 12.45 25.94
CA VAL C 131 12.28 11.13 26.50
C VAL C 131 12.81 10.09 25.54
N LEU C 132 13.76 9.28 26.00
CA LEU C 132 14.37 8.25 25.18
C LEU C 132 14.34 6.92 25.94
N LYS C 133 14.81 5.87 25.29
CA LYS C 133 14.75 4.53 25.86
C LYS C 133 16.13 3.89 25.85
N MET C 134 16.51 3.31 26.98
CA MET C 134 17.71 2.50 27.09
C MET C 134 17.30 1.04 26.96
N PHE C 135 17.88 0.34 25.99
CA PHE C 135 17.50 -1.03 25.70
C PHE C 135 18.56 -2.00 26.22
N THR C 136 18.11 -3.11 26.78
CA THR C 136 18.98 -4.17 27.24
C THR C 136 18.53 -5.49 26.62
N TYR C 137 19.48 -6.22 26.05
CA TYR C 137 19.23 -7.51 25.43
C TYR C 137 19.96 -8.58 26.22
N ASP C 138 19.23 -9.60 26.64
CA ASP C 138 19.78 -10.66 27.48
C ASP C 138 19.81 -11.97 26.69
N LYS C 139 20.94 -12.67 26.75
CA LYS C 139 21.05 -13.97 26.12
C LYS C 139 20.28 -15.02 26.92
N ASN C 140 19.92 -16.10 26.23
CA ASN C 140 19.20 -17.25 26.79
C ASN C 140 17.76 -16.90 27.13
N LEU C 141 17.40 -15.62 26.99
CA LEU C 141 16.03 -15.17 27.17
C LEU C 141 15.84 -14.00 26.19
N HIS C 142 15.35 -14.32 25.00
CA HIS C 142 15.35 -13.36 23.89
C HIS C 142 14.21 -12.36 24.09
N GLU C 143 14.51 -11.35 24.91
CA GLU C 143 13.57 -10.28 25.20
C GLU C 143 14.33 -8.96 25.27
N LEU C 144 13.60 -7.86 25.16
CA LEU C 144 14.15 -6.52 25.28
C LEU C 144 13.64 -5.89 26.56
N GLU C 145 14.54 -5.31 27.34
CA GLU C 145 14.17 -4.57 28.54
C GLU C 145 14.39 -3.09 28.26
N SER C 146 13.32 -2.31 28.33
CA SER C 146 13.36 -0.88 28.01
C SER C 146 13.24 -0.06 29.29
N GLU C 147 14.16 0.87 29.45
CA GLU C 147 14.18 1.78 30.59
C GLU C 147 14.05 3.20 30.07
N GLN C 148 12.94 3.86 30.40
CA GLN C 148 12.74 5.22 29.92
C GLN C 148 13.66 6.17 30.67
N VAL C 149 14.36 7.02 29.91
CA VAL C 149 15.24 8.03 30.47
C VAL C 149 14.74 9.40 30.01
N SER C 150 14.78 10.36 30.91
CA SER C 150 14.30 11.71 30.63
C SER C 150 15.45 12.69 30.77
N LEU C 151 15.59 13.58 29.78
CA LEU C 151 16.65 14.57 29.74
C LEU C 151 16.03 15.96 29.64
N ILE C 152 16.45 16.86 30.52
CA ILE C 152 15.96 18.23 30.54
C ILE C 152 17.15 19.16 30.41
N LEU C 153 17.14 19.99 29.38
CA LEU C 153 18.19 20.96 29.12
C LEU C 153 17.75 22.32 29.65
N THR C 154 18.64 22.98 30.41
CA THR C 154 18.28 24.16 31.17
C THR C 154 19.13 25.38 30.79
N LYS C 155 20.10 25.21 29.88
CA LYS C 155 21.03 26.26 29.45
C LYS C 155 22.07 26.51 30.53
N ASN C 156 21.88 25.89 31.69
CA ASN C 156 22.87 25.93 32.75
C ASN C 156 23.13 24.56 33.36
N CYS C 157 22.29 23.58 33.10
CA CYS C 157 22.45 22.23 33.65
C CYS C 157 21.62 21.27 32.82
N VAL C 158 21.89 19.99 32.99
CA VAL C 158 21.12 18.92 32.37
C VAL C 158 20.62 18.01 33.48
N LEU C 159 19.30 17.82 33.54
CA LEU C 159 18.68 16.93 34.50
C LEU C 159 18.35 15.61 33.82
N MET C 160 18.84 14.51 34.38
CA MET C 160 18.52 13.18 33.86
C MET C 160 17.73 12.41 34.91
N PHE C 161 16.62 11.81 34.46
CA PHE C 161 15.79 10.95 35.29
C PHE C 161 15.87 9.55 34.73
N GLN C 162 16.26 8.60 35.58
CA GLN C 162 16.43 7.20 35.20
C GLN C 162 15.57 6.33 36.11
N GLU C 163 15.17 5.17 35.58
CA GLU C 163 14.28 4.29 36.33
C GLU C 163 15.01 3.52 37.42
N LYS C 164 16.25 3.08 37.16
CA LYS C 164 16.94 2.21 38.09
C LYS C 164 18.44 2.35 37.89
N ILE C 165 19.18 1.85 38.88
CA ILE C 165 20.64 1.87 38.80
C ILE C 165 21.09 1.05 37.60
N GLY C 166 22.04 1.59 36.85
CA GLY C 166 22.49 0.98 35.62
C GLY C 166 22.20 1.87 34.44
N ASP C 167 23.24 2.47 33.89
CA ASP C 167 23.09 3.42 32.79
C ASP C 167 24.20 3.19 31.78
N VAL C 168 23.94 3.65 30.56
CA VAL C 168 24.85 3.44 29.44
C VAL C 168 25.75 4.66 29.27
N PHE C 169 25.72 5.56 30.26
CA PHE C 169 26.42 6.83 30.19
C PHE C 169 27.79 6.80 30.84
N ASP C 170 28.28 5.62 31.22
CA ASP C 170 29.60 5.51 31.83
C ASP C 170 30.72 6.12 30.99
N PRO C 171 30.77 5.95 29.67
CA PRO C 171 31.79 6.67 28.90
C PRO C 171 31.73 8.19 29.08
N VAL C 172 30.53 8.76 29.18
CA VAL C 172 30.42 10.21 29.28
C VAL C 172 30.97 10.71 30.62
N ARG C 173 30.59 10.05 31.72
CA ARG C 173 31.11 10.48 33.01
C ARG C 173 32.60 10.20 33.14
N GLU C 174 33.08 9.12 32.52
CA GLU C 174 34.52 8.88 32.47
C GLU C 174 35.24 9.98 31.70
N ARG C 175 34.63 10.44 30.61
CA ARG C 175 35.19 11.55 29.84
C ARG C 175 35.24 12.82 30.67
N ILE C 176 34.17 13.09 31.42
CA ILE C 176 34.12 14.29 32.26
C ILE C 176 35.19 14.22 33.35
N ARG C 177 35.35 13.04 33.96
CA ARG C 177 36.27 12.90 35.09
C ARG C 177 37.72 13.18 34.68
N TYR C 178 38.17 12.56 33.60
CA TYR C 178 39.57 12.63 33.21
C TYR C 178 39.82 13.64 32.09
N ASN C 179 38.91 14.58 31.89
CA ASN C 179 39.10 15.69 30.95
C ASN C 179 39.36 15.20 29.53
N ARG C 180 38.81 14.05 29.18
CA ARG C 180 38.96 13.55 27.81
C ARG C 180 38.05 14.33 26.87
N GLY C 181 38.42 14.33 25.59
CA GLY C 181 37.59 14.98 24.60
C GLY C 181 37.52 16.48 24.82
N ILE C 182 36.42 17.07 24.37
CA ILE C 182 36.17 18.49 24.51
C ILE C 182 34.93 18.77 25.37
N ILE C 183 34.49 17.76 26.13
CA ILE C 183 33.24 17.90 26.88
C ILE C 183 33.40 18.92 27.99
N ARG C 184 34.58 18.97 28.62
CA ARG C 184 34.78 19.89 29.74
C ARG C 184 34.71 21.34 29.30
N LYS C 185 35.26 21.65 28.12
CA LYS C 185 35.30 23.03 27.65
C LYS C 185 33.92 23.54 27.26
N LYS C 186 33.11 22.70 26.63
CA LYS C 186 31.85 23.15 26.08
C LYS C 186 30.72 23.07 27.10
N ARG C 187 29.64 23.79 26.81
CA ARG C 187 28.57 24.04 27.78
C ARG C 187 27.63 22.85 27.85
N ALA C 188 26.48 23.04 28.50
CA ALA C 188 25.55 21.95 28.74
C ALA C 188 24.93 21.40 27.46
N ASP C 189 24.94 22.17 26.37
CA ASP C 189 24.46 21.65 25.10
C ASP C 189 25.29 20.46 24.66
N TYR C 190 26.62 20.58 24.76
CA TYR C 190 27.49 19.45 24.46
C TYR C 190 27.26 18.30 25.43
N LEU C 191 26.88 18.60 26.67
CA LEU C 191 26.57 17.53 27.62
C LEU C 191 25.34 16.74 27.17
N LEU C 192 24.28 17.44 26.76
CA LEU C 192 23.11 16.76 26.24
C LEU C 192 23.44 15.96 24.99
N TYR C 193 24.27 16.53 24.11
CA TYR C 193 24.70 15.81 22.92
C TYR C 193 25.46 14.54 23.29
N SER C 194 26.33 14.63 24.29
CA SER C 194 27.12 13.47 24.70
C SER C 194 26.22 12.38 25.27
N LEU C 195 25.24 12.75 26.08
CA LEU C 195 24.33 11.75 26.64
C LEU C 195 23.51 11.07 25.54
N ILE C 196 22.99 11.85 24.58
CA ILE C 196 22.22 11.26 23.50
C ILE C 196 23.11 10.40 22.61
N ASP C 197 24.36 10.82 22.42
CA ASP C 197 25.30 10.03 21.62
C ASP C 197 25.60 8.70 22.31
N ALA C 198 25.75 8.71 23.64
CA ALA C 198 25.93 7.46 24.36
C ALA C 198 24.71 6.55 24.20
N LEU C 199 23.51 7.14 24.24
CA LEU C 199 22.30 6.35 24.01
C LEU C 199 22.30 5.71 22.63
N VAL C 200 22.68 6.47 21.61
CA VAL C 200 22.70 5.93 20.24
C VAL C 200 23.77 4.86 20.10
N ASP C 201 24.92 5.04 20.75
CA ASP C 201 25.95 4.00 20.72
C ASP C 201 25.47 2.72 21.38
N ASP C 202 24.73 2.85 22.48
CA ASP C 202 24.14 1.65 23.08
C ASP C 202 23.12 1.01 22.16
N TYR C 203 22.38 1.81 21.40
CA TYR C 203 21.49 1.25 20.38
C TYR C 203 22.29 0.46 19.34
N PHE C 204 23.46 0.98 18.96
CA PHE C 204 24.32 0.24 18.04
C PHE C 204 24.77 -1.09 18.63
N VAL C 205 25.10 -1.09 19.93
CA VAL C 205 25.48 -2.34 20.60
C VAL C 205 24.32 -3.32 20.56
N LEU C 206 23.11 -2.85 20.85
CA LEU C 206 21.94 -3.71 20.81
C LEU C 206 21.71 -4.27 19.41
N LEU C 207 21.88 -3.44 18.38
CA LEU C 207 21.71 -3.91 17.01
C LEU C 207 22.78 -4.94 16.64
N GLU C 208 24.00 -4.77 17.14
CA GLU C 208 25.03 -5.78 16.89
C GLU C 208 24.66 -7.10 17.54
N LYS C 209 24.15 -7.07 18.76
CA LYS C 209 23.69 -8.31 19.40
C LYS C 209 22.54 -8.94 18.62
N ILE C 210 21.62 -8.12 18.13
CA ILE C 210 20.52 -8.63 17.32
C ILE C 210 21.04 -9.29 16.06
N ASP C 211 22.07 -8.69 15.43
CA ASP C 211 22.65 -9.28 14.24
C ASP C 211 23.30 -10.63 14.55
N ASP C 212 23.97 -10.73 15.69
CA ASP C 212 24.52 -12.01 16.11
C ASP C 212 23.42 -13.06 16.26
N GLU C 213 22.31 -12.67 16.90
CA GLU C 213 21.18 -13.59 17.05
C GLU C 213 20.61 -14.00 15.70
N ILE C 214 20.53 -13.06 14.76
CA ILE C 214 20.01 -13.36 13.43
C ILE C 214 20.92 -14.34 12.70
N ASP C 215 22.24 -14.16 12.83
CA ASP C 215 23.16 -15.10 12.21
C ASP C 215 22.99 -16.49 12.79
N VAL C 216 22.84 -16.57 14.12
CA VAL C 216 22.61 -17.87 14.76
C VAL C 216 21.32 -18.49 14.24
N LEU C 217 20.26 -17.70 14.10
CA LEU C 217 18.99 -18.21 13.60
C LEU C 217 19.10 -18.68 12.15
N GLU C 218 19.87 -17.96 11.34
CA GLU C 218 20.09 -18.38 9.95
C GLU C 218 20.77 -19.74 9.93
N GLU C 219 21.82 -19.90 10.73
CA GLU C 219 22.50 -21.19 10.80
C GLU C 219 21.55 -22.29 11.25
N GLU C 220 20.72 -21.99 12.27
CA GLU C 220 19.81 -22.99 12.81
C GLU C 220 18.77 -23.42 11.76
N VAL C 221 18.17 -22.45 11.06
CA VAL C 221 17.14 -22.80 10.10
C VAL C 221 17.75 -23.53 8.91
N LEU C 222 18.98 -23.20 8.53
CA LEU C 222 19.58 -23.91 7.41
C LEU C 222 20.01 -25.32 7.79
N GLU C 223 20.49 -25.52 9.02
CA GLU C 223 21.08 -26.79 9.42
C GLU C 223 20.20 -27.60 10.35
N ARG C 224 19.79 -27.04 11.49
CA ARG C 224 19.12 -27.80 12.55
C ARG C 224 17.79 -27.14 12.89
N PRO C 225 16.77 -27.35 12.06
CA PRO C 225 15.50 -26.64 12.26
C PRO C 225 14.84 -26.90 13.61
N GLU C 226 14.90 -28.14 14.13
CA GLU C 226 14.22 -28.58 15.34
C GLU C 226 12.84 -27.93 15.49
N LYS C 227 12.49 -27.46 16.69
CA LYS C 227 11.20 -26.80 16.86
C LYS C 227 11.31 -25.44 17.55
N GLU C 228 12.22 -25.29 18.52
CA GLU C 228 12.36 -24.01 19.21
C GLU C 228 12.86 -22.91 18.29
N THR C 229 13.44 -23.28 17.16
CA THR C 229 13.96 -22.28 16.22
C THR C 229 12.83 -21.40 15.68
N VAL C 230 11.67 -21.99 15.41
CA VAL C 230 10.58 -21.20 14.82
C VAL C 230 10.04 -20.20 15.83
N GLN C 231 9.92 -20.61 17.11
CA GLN C 231 9.44 -19.68 18.12
C GLN C 231 10.48 -18.60 18.40
N ARG C 232 11.78 -18.94 18.33
CA ARG C 232 12.80 -17.92 18.49
C ARG C 232 12.78 -16.94 17.32
N THR C 233 12.50 -17.43 16.11
CA THR C 233 12.38 -16.54 14.96
C THR C 233 11.21 -15.58 15.15
N HIS C 234 10.06 -16.08 15.61
CA HIS C 234 8.93 -15.19 15.84
C HIS C 234 9.22 -14.20 16.96
N GLN C 235 9.89 -14.66 18.03
CA GLN C 235 10.24 -13.76 19.13
C GLN C 235 11.16 -12.65 18.65
N LEU C 236 12.13 -13.00 17.80
CA LEU C 236 13.01 -11.98 17.25
C LEU C 236 12.27 -11.03 16.31
N LYS C 237 11.27 -11.54 15.58
CA LYS C 237 10.43 -10.67 14.78
C LYS C 237 9.70 -9.66 15.64
N ARG C 238 9.14 -10.12 16.76
CA ARG C 238 8.48 -9.21 17.70
C ARG C 238 9.47 -8.21 18.28
N ASN C 239 10.68 -8.66 18.59
CA ASN C 239 11.71 -7.77 19.12
C ASN C 239 12.04 -6.68 18.11
N LEU C 240 12.17 -7.04 16.83
CA LEU C 240 12.46 -6.05 15.81
C LEU C 240 11.28 -5.10 15.59
N VAL C 241 10.05 -5.60 15.72
CA VAL C 241 8.89 -4.72 15.62
C VAL C 241 8.92 -3.68 16.73
N GLU C 242 9.19 -4.12 17.96
CA GLU C 242 9.29 -3.19 19.08
C GLU C 242 10.45 -2.21 18.88
N LEU C 243 11.58 -2.70 18.38
CA LEU C 243 12.73 -1.83 18.16
C LEU C 243 12.41 -0.76 17.14
N ARG C 244 11.74 -1.12 16.03
CA ARG C 244 11.35 -0.13 15.04
C ARG C 244 10.38 0.88 15.63
N LYS C 245 9.39 0.38 16.40
CA LYS C 245 8.39 1.26 17.00
C LYS C 245 9.02 2.25 17.97
N THR C 246 10.13 1.86 18.60
CA THR C 246 10.83 2.78 19.50
C THR C 246 11.83 3.69 18.78
N ILE C 247 12.44 3.22 17.70
CA ILE C 247 13.52 3.96 17.06
C ILE C 247 12.99 5.02 16.09
N TRP C 248 11.89 4.76 15.40
CA TRP C 248 11.36 5.79 14.51
C TRP C 248 11.01 7.08 15.26
N PRO C 249 10.33 7.06 16.41
CA PRO C 249 10.22 8.29 17.19
C PRO C 249 11.56 8.87 17.58
N LEU C 250 12.57 8.03 17.82
CA LEU C 250 13.91 8.54 18.15
C LEU C 250 14.50 9.33 17.00
N ARG C 251 14.35 8.84 15.77
CA ARG C 251 14.83 9.59 14.61
C ARG C 251 14.01 10.86 14.42
N GLU C 252 12.72 10.84 14.76
CA GLU C 252 11.94 12.08 14.73
C GLU C 252 12.47 13.07 15.75
N VAL C 253 12.83 12.61 16.94
CA VAL C 253 13.35 13.48 17.99
C VAL C 253 14.67 14.13 17.53
N LEU C 254 15.57 13.32 16.97
CA LEU C 254 16.84 13.91 16.54
C LEU C 254 16.67 14.80 15.31
N SER C 255 15.72 14.49 14.43
CA SER C 255 15.41 15.41 13.35
C SER C 255 14.91 16.73 13.89
N SER C 256 14.11 16.68 14.97
CA SER C 256 13.66 17.92 15.60
C SER C 256 14.82 18.68 16.22
N LEU C 257 15.75 17.96 16.87
CA LEU C 257 16.87 18.63 17.52
C LEU C 257 17.85 19.24 16.52
N TYR C 258 17.95 18.65 15.32
CA TYR C 258 18.87 19.19 14.32
C TYR C 258 18.23 20.22 13.39
N ARG C 259 17.08 19.90 12.80
CA ARG C 259 16.51 20.78 11.78
C ARG C 259 16.16 22.15 12.34
N ASP C 260 15.61 22.19 13.55
CA ASP C 260 15.34 23.45 14.24
C ASP C 260 16.19 23.50 15.51
N VAL C 261 16.91 24.61 15.68
CA VAL C 261 17.79 24.77 16.82
C VAL C 261 17.22 25.83 17.74
N PRO C 262 16.58 25.45 18.84
CA PRO C 262 16.05 26.44 19.79
C PRO C 262 17.19 27.18 20.46
N PRO C 263 16.91 28.34 21.06
CA PRO C 263 17.98 29.11 21.70
C PRO C 263 18.70 28.36 22.81
N LEU C 264 18.08 27.32 23.37
CA LEU C 264 18.75 26.52 24.38
C LEU C 264 20.00 25.86 23.81
N ILE C 265 19.91 25.32 22.60
CA ILE C 265 21.02 24.63 21.97
C ILE C 265 21.84 25.63 21.18
N GLU C 266 23.15 25.71 21.49
CA GLU C 266 24.01 26.64 20.79
C GLU C 266 24.24 26.17 19.35
N LYS C 267 24.49 27.13 18.46
CA LYS C 267 24.70 26.82 17.06
C LYS C 267 25.98 26.00 16.87
N GLU C 268 27.02 26.31 17.64
CA GLU C 268 28.30 25.62 17.47
C GLU C 268 28.16 24.12 17.69
N THR C 269 27.12 23.67 18.40
CA THR C 269 26.91 22.26 18.68
C THR C 269 25.91 21.60 17.74
N VAL C 270 25.34 22.32 16.77
CA VAL C 270 24.42 21.70 15.84
C VAL C 270 25.07 20.61 14.99
N PRO C 271 26.31 20.74 14.51
CA PRO C 271 26.86 19.63 13.71
C PRO C 271 26.96 18.33 14.48
N TYR C 272 27.33 18.41 15.77
CA TYR C 272 27.47 17.20 16.56
C TYR C 272 26.16 16.44 16.63
N PHE C 273 25.06 17.16 16.91
CA PHE C 273 23.75 16.52 16.88
C PHE C 273 23.50 15.84 15.54
N ARG C 274 23.91 16.49 14.44
CA ARG C 274 23.77 15.88 13.12
C ARG C 274 24.37 14.48 13.12
N ASP C 275 25.58 14.35 13.66
CA ASP C 275 26.22 13.04 13.71
C ASP C 275 25.29 12.04 14.38
N VAL C 276 24.80 12.37 15.57
CA VAL C 276 23.86 11.49 16.26
C VAL C 276 22.67 11.21 15.36
N TYR C 277 22.10 12.28 14.78
CA TYR C 277 20.98 12.09 13.86
C TYR C 277 21.35 11.13 12.76
N ASP C 278 22.51 11.36 12.12
CA ASP C 278 22.94 10.46 11.06
C ASP C 278 23.02 9.03 11.59
N HIS C 279 23.65 8.87 12.75
CA HIS C 279 23.74 7.53 13.35
C HIS C 279 22.36 6.94 13.50
N THR C 280 21.41 7.73 14.01
CA THR C 280 20.06 7.22 14.20
C THR C 280 19.47 6.74 12.89
N ILE C 281 19.66 7.52 11.82
CA ILE C 281 19.17 7.08 10.52
C ILE C 281 19.76 5.72 10.18
N GLN C 282 21.07 5.59 10.32
CA GLN C 282 21.72 4.30 10.10
C GLN C 282 21.04 3.22 10.91
N ILE C 283 20.82 3.49 12.19
CA ILE C 283 20.18 2.50 13.06
C ILE C 283 18.85 2.07 12.47
N ALA C 284 18.02 3.05 12.08
CA ALA C 284 16.73 2.71 11.50
C ALA C 284 16.91 1.80 10.31
N ASP C 285 17.80 2.17 9.39
CA ASP C 285 18.06 1.34 8.23
C ASP C 285 18.38 -0.08 8.66
N THR C 286 19.31 -0.22 9.60
CA THR C 286 19.71 -1.55 10.04
C THR C 286 18.50 -2.33 10.51
N VAL C 287 17.66 -1.71 11.34
CA VAL C 287 16.48 -2.41 11.85
C VAL C 287 15.64 -2.93 10.70
N GLU C 288 15.36 -2.06 9.72
CA GLU C 288 14.59 -2.48 8.56
C GLU C 288 15.23 -3.69 7.91
N THR C 289 16.54 -3.62 7.67
CA THR C 289 17.24 -4.75 7.08
C THR C 289 17.01 -6.01 7.91
N PHE C 290 17.21 -5.91 9.22
CA PHE C 290 17.00 -7.07 10.07
C PHE C 290 15.58 -7.59 9.89
N ARG C 291 14.60 -6.69 9.91
CA ARG C 291 13.22 -7.08 9.70
C ARG C 291 13.09 -7.89 8.41
N ASP C 292 13.64 -7.35 7.32
CA ASP C 292 13.56 -8.05 6.04
C ASP C 292 14.16 -9.44 6.15
N ILE C 293 15.34 -9.55 6.78
CA ILE C 293 15.98 -10.84 6.90
C ILE C 293 15.06 -11.80 7.67
N VAL C 294 14.50 -11.32 8.78
CA VAL C 294 13.62 -12.18 9.56
C VAL C 294 12.41 -12.56 8.74
N SER C 295 11.90 -11.62 7.93
CA SER C 295 10.76 -11.92 7.07
C SER C 295 11.06 -13.10 6.17
N GLY C 296 12.31 -13.22 5.71
CA GLY C 296 12.69 -14.38 4.92
C GLY C 296 12.88 -15.62 5.76
N LEU C 297 13.43 -15.46 6.97
CA LEU C 297 13.94 -16.59 7.74
C LEU C 297 12.89 -17.67 7.91
N LEU C 298 11.71 -17.29 8.42
CA LEU C 298 10.64 -18.24 8.61
C LEU C 298 10.33 -19.00 7.33
N ASP C 299 10.15 -18.27 6.24
CA ASP C 299 9.90 -18.91 4.95
C ASP C 299 11.02 -19.89 4.63
N VAL C 300 12.28 -19.45 4.78
CA VAL C 300 13.41 -20.33 4.54
C VAL C 300 13.29 -21.58 5.39
N TYR C 301 12.96 -21.41 6.67
CA TYR C 301 12.78 -22.54 7.57
C TYR C 301 11.83 -23.54 6.95
N LEU C 302 10.67 -23.05 6.50
CA LEU C 302 9.70 -23.93 5.85
C LEU C 302 10.37 -24.73 4.75
N SER C 303 10.99 -24.02 3.79
CA SER C 303 11.66 -24.71 2.70
C SER C 303 12.61 -25.76 3.24
N SER C 304 13.45 -25.37 4.21
CA SER C 304 14.43 -26.29 4.76
C SER C 304 13.75 -27.55 5.26
N VAL C 305 12.72 -27.39 6.10
CA VAL C 305 12.11 -28.57 6.70
C VAL C 305 11.46 -29.41 5.61
N SER C 306 10.88 -28.76 4.60
CA SER C 306 10.29 -29.50 3.50
C SER C 306 11.34 -30.35 2.82
N ASN C 307 12.51 -29.77 2.57
CA ASN C 307 13.61 -30.54 1.98
C ASN C 307 13.96 -31.72 2.87
N LYS C 308 13.98 -31.51 4.18
CA LYS C 308 14.24 -32.62 5.10
C LYS C 308 13.23 -33.74 4.87
N THR C 309 11.95 -33.37 4.79
CA THR C 309 10.92 -34.37 4.53
C THR C 309 11.24 -35.16 3.28
N ASN C 310 11.72 -34.48 2.24
CA ASN C 310 12.05 -35.16 0.99
C ASN C 310 13.03 -36.30 1.23
N GLU C 311 14.09 -36.04 2.01
CA GLU C 311 15.04 -37.09 2.32
C GLU C 311 14.35 -38.23 3.06
N VAL C 312 13.52 -37.88 4.06
CA VAL C 312 12.79 -38.89 4.80
C VAL C 312 11.89 -39.69 3.88
N MET C 313 11.46 -39.07 2.77
CA MET C 313 10.69 -39.81 1.78
C MET C 313 11.59 -40.84 1.11
N LYS C 314 12.74 -40.39 0.61
CA LYS C 314 13.63 -41.26 -0.14
C LYS C 314 14.08 -42.43 0.71
N VAL C 315 14.54 -42.14 1.94
CA VAL C 315 14.96 -43.21 2.84
C VAL C 315 13.82 -44.18 3.10
N LEU C 316 12.59 -43.68 3.23
CA LEU C 316 11.50 -44.62 3.42
C LEU C 316 11.21 -45.35 2.13
N THR C 317 11.30 -44.67 0.98
CA THR C 317 10.93 -45.33 -0.26
C THR C 317 11.95 -46.37 -0.66
N ILE C 318 13.23 -45.98 -0.74
CA ILE C 318 14.27 -46.90 -1.17
C ILE C 318 14.47 -48.06 -0.20
N ILE C 319 13.76 -48.07 0.93
CA ILE C 319 13.86 -49.16 1.89
C ILE C 319 12.51 -49.85 2.00
N ALA C 320 11.45 -49.19 1.55
CA ALA C 320 10.16 -49.84 1.47
C ALA C 320 9.84 -50.37 0.07
N THR C 321 10.77 -50.25 -0.87
CA THR C 321 10.58 -50.79 -2.21
C THR C 321 11.62 -51.83 -2.58
N ILE C 322 12.71 -51.95 -1.83
CA ILE C 322 13.71 -52.99 -2.07
C ILE C 322 13.61 -54.13 -1.07
N PHE C 323 12.63 -54.09 -0.16
CA PHE C 323 12.42 -55.15 0.81
C PHE C 323 11.03 -55.75 0.75
N MET C 324 9.99 -54.90 0.67
CA MET C 324 8.63 -55.43 0.63
C MET C 324 8.37 -56.28 -0.60
N PRO C 325 8.79 -55.91 -1.82
CA PRO C 325 8.76 -56.90 -2.90
C PRO C 325 9.59 -58.13 -2.59
N LEU C 326 10.72 -57.97 -1.92
CA LEU C 326 11.51 -59.13 -1.52
C LEU C 326 10.88 -59.87 -0.35
N THR C 327 10.19 -59.15 0.54
CA THR C 327 9.38 -59.82 1.56
C THR C 327 8.28 -60.65 0.90
N PHE C 328 7.70 -60.13 -0.18
CA PHE C 328 6.73 -60.88 -0.97
C PHE C 328 7.36 -62.12 -1.59
N ILE C 329 8.57 -61.98 -2.14
CA ILE C 329 9.25 -63.14 -2.72
C ILE C 329 9.52 -64.19 -1.65
N ALA C 330 9.89 -63.76 -0.44
CA ALA C 330 10.09 -64.68 0.66
C ALA C 330 8.78 -65.32 1.12
N GLY C 331 7.67 -64.61 0.94
CA GLY C 331 6.38 -65.16 1.33
C GLY C 331 5.72 -66.04 0.29
N ILE C 332 6.16 -65.96 -0.97
CA ILE C 332 5.54 -66.77 -2.02
C ILE C 332 5.70 -68.25 -1.74
N TYR C 333 6.94 -68.68 -1.48
CA TYR C 333 7.21 -70.10 -1.30
C TYR C 333 6.95 -70.58 0.12
N GLY C 334 6.56 -69.69 1.02
CA GLY C 334 6.21 -70.08 2.37
C GLY C 334 4.84 -70.68 2.51
N MET C 335 4.08 -70.76 1.42
CA MET C 335 2.74 -71.35 1.44
C MET C 335 2.84 -72.86 1.61
N ASN C 336 2.69 -73.35 2.84
CA ASN C 336 2.75 -74.80 3.04
C ASN C 336 1.55 -75.46 2.38
N PHE C 337 1.77 -76.06 1.22
CA PHE C 337 0.73 -76.75 0.47
C PHE C 337 1.01 -78.23 0.39
N GLU C 338 -0.04 -78.99 0.08
CA GLU C 338 0.14 -80.40 -0.23
C GLU C 338 0.97 -80.58 -1.49
N TYR C 339 0.72 -79.78 -2.51
CA TYR C 339 1.51 -79.79 -3.74
C TYR C 339 2.25 -78.46 -3.88
N MET C 340 3.52 -78.54 -4.29
CA MET C 340 4.33 -77.35 -4.48
C MET C 340 5.47 -77.70 -5.43
N PRO C 341 5.82 -76.82 -6.36
CA PRO C 341 6.99 -77.08 -7.22
C PRO C 341 8.31 -76.77 -6.50
N GLU C 342 8.26 -76.70 -5.17
CA GLU C 342 9.47 -76.47 -4.39
C GLU C 342 10.54 -77.49 -4.70
N LEU C 343 10.15 -78.74 -4.94
CA LEU C 343 11.11 -79.75 -5.35
C LEU C 343 11.66 -79.39 -6.73
N ARG C 344 12.90 -78.93 -6.78
CA ARG C 344 13.47 -78.41 -8.02
C ARG C 344 14.98 -78.51 -7.94
N TRP C 345 15.65 -78.03 -8.98
CA TRP C 345 17.10 -78.12 -9.09
C TRP C 345 17.77 -77.27 -8.01
N LYS C 346 19.03 -77.62 -7.72
CA LYS C 346 19.84 -76.93 -6.71
C LYS C 346 19.19 -77.00 -5.33
N TRP C 347 18.63 -78.16 -5.01
CA TRP C 347 18.08 -78.46 -3.68
C TRP C 347 16.97 -77.48 -3.36
N GLY C 348 17.06 -76.71 -2.28
CA GLY C 348 15.99 -75.81 -1.89
C GLY C 348 16.34 -74.33 -1.97
N TYR C 349 16.70 -73.78 -0.81
CA TYR C 349 16.86 -72.35 -0.52
C TYR C 349 17.51 -71.52 -1.62
N PRO C 350 18.78 -71.76 -1.97
CA PRO C 350 19.52 -70.74 -2.73
C PRO C 350 18.88 -70.39 -4.06
N VAL C 351 18.10 -71.31 -4.64
CA VAL C 351 17.54 -71.10 -5.97
C VAL C 351 16.66 -69.86 -6.01
N VAL C 352 16.06 -69.48 -4.87
CA VAL C 352 15.26 -68.26 -4.89
C VAL C 352 16.16 -67.02 -5.01
N LEU C 353 17.24 -66.99 -4.23
CA LEU C 353 18.04 -65.76 -4.13
C LEU C 353 18.62 -65.37 -5.49
N ALA C 354 18.82 -66.35 -6.37
CA ALA C 354 19.43 -66.08 -7.66
C ALA C 354 18.64 -65.04 -8.44
N VAL C 355 17.35 -64.90 -8.16
CA VAL C 355 16.58 -63.77 -8.65
C VAL C 355 16.34 -62.73 -7.55
N MET C 356 16.08 -63.23 -6.35
CA MET C 356 15.56 -62.41 -5.26
C MET C 356 16.46 -61.21 -4.99
N GLY C 357 17.71 -61.46 -4.58
CA GLY C 357 18.64 -60.36 -4.38
C GLY C 357 18.88 -59.56 -5.64
N VAL C 358 18.88 -60.25 -6.80
CA VAL C 358 19.03 -59.56 -8.07
C VAL C 358 17.93 -58.51 -8.23
N ILE C 359 16.70 -58.85 -7.82
CA ILE C 359 15.62 -57.88 -7.88
C ILE C 359 16.00 -56.61 -7.12
N ALA C 360 16.54 -56.79 -5.91
CA ALA C 360 17.00 -55.64 -5.14
C ALA C 360 18.00 -54.81 -5.93
N VAL C 361 18.96 -55.48 -6.58
CA VAL C 361 19.93 -54.77 -7.39
C VAL C 361 19.22 -53.95 -8.46
N ILE C 362 18.23 -54.56 -9.12
CA ILE C 362 17.46 -53.84 -10.13
C ILE C 362 16.88 -52.57 -9.55
N MET C 363 16.31 -52.67 -8.34
CA MET C 363 15.73 -51.50 -7.70
C MET C 363 16.74 -50.38 -7.59
N VAL C 364 17.98 -50.70 -7.21
CA VAL C 364 19.01 -49.68 -7.08
C VAL C 364 19.16 -48.95 -8.41
N VAL C 365 19.21 -49.70 -9.51
CA VAL C 365 19.35 -49.10 -10.83
C VAL C 365 18.24 -48.07 -11.05
N TYR C 366 17.01 -48.42 -10.69
CA TYR C 366 15.91 -47.48 -10.83
C TYR C 366 16.22 -46.17 -10.11
N PHE C 367 16.63 -46.26 -8.85
CA PHE C 367 16.98 -45.04 -8.13
C PHE C 367 18.17 -44.36 -8.79
N LYS C 368 19.13 -45.14 -9.28
CA LYS C 368 20.30 -44.57 -9.93
C LYS C 368 19.94 -43.84 -11.22
N LYS C 369 18.74 -44.05 -11.76
CA LYS C 369 18.36 -43.33 -12.97
C LYS C 369 17.63 -42.04 -12.66
N LYS C 370 17.40 -41.72 -11.38
CA LYS C 370 16.83 -40.43 -11.03
C LYS C 370 17.47 -39.82 -9.78
N LYS C 371 18.52 -40.44 -9.24
CA LYS C 371 19.24 -39.92 -8.08
C LYS C 371 18.32 -39.76 -6.86
N TRP C 372 17.48 -40.78 -6.63
CA TRP C 372 16.66 -40.77 -5.42
C TRP C 372 17.49 -41.11 -4.19
N LEU C 373 18.67 -41.69 -4.36
CA LEU C 373 19.52 -42.04 -3.24
C LEU C 373 20.15 -40.79 -2.63
N LYS D 26 36.10 -7.55 11.84
CA LYS D 26 34.71 -8.03 11.87
C LYS D 26 33.75 -6.88 11.60
N ARG D 27 32.54 -7.22 11.14
CA ARG D 27 31.53 -6.22 10.79
C ARG D 27 30.75 -5.83 12.05
N LEU D 28 31.47 -5.22 12.99
CA LEU D 28 30.90 -4.80 14.27
C LEU D 28 31.25 -3.35 14.53
N SER D 29 30.29 -2.60 15.06
CA SER D 29 30.43 -1.17 15.27
C SER D 29 31.00 -0.93 16.67
N ALA D 30 32.28 -0.55 16.74
CA ALA D 30 33.00 -0.43 18.01
C ALA D 30 33.70 0.91 18.10
N LYS D 31 33.01 1.98 17.75
CA LYS D 31 33.51 3.33 18.00
C LYS D 31 33.00 3.89 19.32
N LYS D 32 32.19 3.14 20.06
CA LYS D 32 31.62 3.61 21.31
C LYS D 32 32.72 3.80 22.35
N GLY D 33 32.34 4.47 23.45
CA GLY D 33 33.29 4.72 24.51
C GLY D 33 34.41 5.66 24.15
N LEU D 34 34.24 6.45 23.09
CA LEU D 34 35.26 7.36 22.63
C LEU D 34 34.67 8.75 22.45
N PRO D 35 35.45 9.79 22.71
CA PRO D 35 34.98 11.14 22.43
C PRO D 35 34.75 11.32 20.94
N PRO D 36 33.80 12.18 20.57
CA PRO D 36 33.50 12.36 19.14
C PRO D 36 34.68 12.85 18.32
N GLY D 37 35.59 13.61 18.92
CA GLY D 37 36.74 14.09 18.18
C GLY D 37 37.80 13.04 17.90
N THR D 38 37.67 11.85 18.47
CA THR D 38 38.67 10.81 18.29
C THR D 38 38.53 10.15 16.93
N LEU D 39 39.66 9.68 16.41
CA LEU D 39 39.76 9.08 15.08
C LEU D 39 40.31 7.67 15.23
N VAL D 40 39.48 6.67 14.99
CA VAL D 40 39.91 5.27 15.05
C VAL D 40 39.37 4.54 13.84
N TYR D 41 40.23 3.73 13.20
CA TYR D 41 39.86 2.97 12.02
C TYR D 41 39.10 1.71 12.42
N THR D 42 37.97 1.48 11.77
CA THR D 42 37.05 0.41 12.14
C THR D 42 37.19 -0.84 11.29
N GLY D 43 37.51 -0.70 10.01
CA GLY D 43 37.56 -1.83 9.10
C GLY D 43 38.74 -2.76 9.36
N LYS D 44 39.17 -3.44 8.30
CA LYS D 44 40.16 -4.49 8.40
C LYS D 44 41.39 -4.32 7.52
N TYR D 45 41.33 -3.50 6.47
CA TYR D 45 42.43 -3.40 5.53
C TYR D 45 43.46 -2.41 6.04
N ARG D 46 44.52 -2.94 6.66
CA ARG D 46 45.62 -2.14 7.19
C ARG D 46 46.94 -2.47 6.50
N GLU D 47 46.87 -2.89 5.24
CA GLU D 47 48.04 -3.43 4.56
C GLU D 47 48.87 -2.34 3.88
N ASP D 48 48.26 -1.57 2.98
CA ASP D 48 49.01 -0.65 2.13
C ASP D 48 48.58 0.79 2.43
N PHE D 49 49.53 1.70 2.26
CA PHE D 49 49.30 3.12 2.46
C PHE D 49 50.01 3.88 1.34
N GLU D 50 49.24 4.40 0.38
CA GLU D 50 49.78 5.08 -0.78
C GLU D 50 49.06 6.40 -0.98
N ILE D 51 49.81 7.41 -1.41
CA ILE D 51 49.26 8.72 -1.74
C ILE D 51 49.50 8.96 -3.23
N GLU D 52 48.42 9.11 -3.99
CA GLU D 52 48.49 9.37 -5.42
C GLU D 52 47.93 10.75 -5.69
N VAL D 53 48.72 11.59 -6.34
CA VAL D 53 48.35 12.98 -6.58
C VAL D 53 48.40 13.24 -8.08
N MET D 54 47.33 13.80 -8.61
CA MET D 54 47.33 14.26 -10.00
C MET D 54 46.77 15.68 -10.05
N ASN D 55 47.65 16.63 -10.33
CA ASN D 55 47.29 18.03 -10.48
C ASN D 55 47.23 18.30 -11.98
N TYR D 56 46.02 18.44 -12.51
CA TYR D 56 45.82 18.54 -13.95
C TYR D 56 45.21 19.88 -14.31
N SER D 57 45.57 20.36 -15.50
CA SER D 57 45.10 21.63 -16.02
C SER D 57 44.79 21.45 -17.50
N ILE D 58 44.41 22.55 -18.15
CA ILE D 58 44.16 22.49 -19.59
C ILE D 58 45.44 22.17 -20.35
N GLU D 59 46.55 22.80 -19.97
CA GLU D 59 47.79 22.64 -20.72
C GLU D 59 48.53 21.37 -20.31
N GLU D 60 48.95 21.27 -19.06
CA GLU D 60 49.78 20.15 -18.62
C GLU D 60 49.28 19.65 -17.28
N PHE D 61 49.68 18.41 -16.96
CA PHE D 61 49.30 17.76 -15.71
C PHE D 61 50.55 17.14 -15.09
N ARG D 62 50.48 16.92 -13.78
CA ARG D 62 51.59 16.35 -13.03
C ARG D 62 51.07 15.24 -12.12
N GLU D 63 51.80 14.14 -12.08
CA GLU D 63 51.47 12.99 -11.25
C GLU D 63 52.57 12.78 -10.22
N PHE D 64 52.17 12.25 -9.06
CA PHE D 64 53.05 12.21 -7.89
C PHE D 64 52.60 11.07 -7.00
N LYS D 65 53.37 9.98 -6.96
CA LYS D 65 53.11 8.87 -6.06
C LYS D 65 54.08 8.96 -4.89
N THR D 66 53.54 9.08 -3.68
CA THR D 66 54.37 9.34 -2.51
C THR D 66 53.76 8.67 -1.30
N THR D 67 54.60 8.51 -0.27
CA THR D 67 54.18 7.94 1.00
C THR D 67 54.39 8.92 2.16
N ASP D 68 54.66 10.19 1.87
CA ASP D 68 54.77 11.23 2.88
C ASP D 68 53.70 12.27 2.60
N VAL D 69 52.82 12.50 3.59
CA VAL D 69 51.71 13.41 3.39
C VAL D 69 52.21 14.86 3.28
N GLU D 70 53.26 15.21 4.01
CA GLU D 70 53.75 16.59 3.97
C GLU D 70 54.14 17.02 2.57
N SER D 71 54.41 16.07 1.67
CA SER D 71 54.63 16.41 0.27
C SER D 71 53.33 16.80 -0.43
N VAL D 72 52.19 16.24 -0.01
CA VAL D 72 50.94 16.55 -0.69
C VAL D 72 50.20 17.71 -0.03
N LEU D 73 50.54 18.07 1.20
CA LEU D 73 49.93 19.26 1.80
C LEU D 73 50.00 20.52 0.94
N PRO D 74 51.14 20.88 0.30
CA PRO D 74 51.18 22.15 -0.44
C PRO D 74 50.28 22.20 -1.67
N PHE D 75 49.50 21.15 -1.91
CA PHE D 75 48.58 21.11 -3.04
C PHE D 75 47.23 21.73 -2.73
N ARG D 76 47.01 22.21 -1.51
CA ARG D 76 45.70 22.76 -1.15
C ARG D 76 45.39 24.02 -1.95
N ASP D 77 46.38 24.90 -2.11
CA ASP D 77 46.17 26.22 -2.70
C ASP D 77 46.58 26.29 -4.16
N SER D 78 46.87 25.16 -4.80
CA SER D 78 47.19 25.18 -6.22
C SER D 78 45.93 25.43 -7.04
N SER D 79 45.98 26.45 -7.91
CA SER D 79 44.77 26.90 -8.59
C SER D 79 44.19 25.83 -9.50
N THR D 80 45.05 25.10 -10.21
CA THR D 80 44.58 24.03 -11.06
C THR D 80 43.97 22.91 -10.21
N PRO D 81 42.94 22.24 -10.71
CA PRO D 81 42.31 21.17 -9.92
C PRO D 81 43.30 20.05 -9.63
N THR D 82 43.22 19.51 -8.41
CA THR D 82 44.08 18.42 -8.00
C THR D 82 43.23 17.29 -7.43
N TRP D 83 43.71 16.07 -7.60
CA TRP D 83 43.06 14.86 -7.10
C TRP D 83 44.06 14.13 -6.22
N ILE D 84 43.70 13.92 -4.95
CA ILE D 84 44.58 13.28 -3.98
C ILE D 84 43.86 12.04 -3.46
N ASN D 85 44.31 10.88 -3.92
CA ASN D 85 43.86 9.58 -3.42
C ASN D 85 44.74 9.17 -2.25
N ILE D 86 44.14 9.07 -1.07
CA ILE D 86 44.83 8.61 0.12
C ILE D 86 44.26 7.23 0.46
N THR D 87 44.99 6.19 0.09
CA THR D 87 44.58 4.82 0.35
C THR D 87 45.13 4.35 1.68
N GLY D 88 44.43 3.39 2.29
CA GLY D 88 44.85 2.88 3.58
C GLY D 88 44.73 3.91 4.67
N ILE D 89 43.50 4.28 5.03
CA ILE D 89 43.26 5.33 6.01
C ILE D 89 43.47 4.79 7.42
N HIS D 90 43.95 3.55 7.53
CA HIS D 90 44.37 3.04 8.84
C HIS D 90 45.48 3.88 9.43
N ARG D 91 46.24 4.58 8.58
CA ARG D 91 47.25 5.53 9.05
C ARG D 91 46.50 6.79 9.49
N THR D 92 46.00 6.73 10.73
CA THR D 92 45.17 7.81 11.26
C THR D 92 45.91 9.14 11.32
N ASP D 93 47.24 9.10 11.47
CA ASP D 93 48.00 10.34 11.58
C ASP D 93 47.85 11.20 10.33
N VAL D 94 47.91 10.58 9.15
CA VAL D 94 47.80 11.34 7.91
C VAL D 94 46.42 11.96 7.77
N VAL D 95 45.38 11.20 8.11
CA VAL D 95 44.03 11.73 8.02
C VAL D 95 43.85 12.90 8.98
N GLN D 96 44.37 12.77 10.21
CA GLN D 96 44.27 13.88 11.16
C GLN D 96 45.04 15.11 10.67
N ARG D 97 46.21 14.90 10.08
CA ARG D 97 46.98 16.01 9.53
C ARG D 97 46.20 16.72 8.42
N VAL D 98 45.59 15.95 7.51
CA VAL D 98 44.85 16.53 6.41
C VAL D 98 43.63 17.29 6.94
N GLY D 99 42.94 16.72 7.92
CA GLY D 99 41.80 17.40 8.50
C GLY D 99 42.19 18.70 9.19
N GLU D 100 43.35 18.70 9.84
CA GLU D 100 43.81 19.93 10.50
C GLU D 100 44.19 20.98 9.47
N PHE D 101 44.85 20.58 8.38
CA PHE D 101 45.34 21.57 7.42
C PHE D 101 44.23 22.08 6.50
N PHE D 102 43.62 21.19 5.73
CA PHE D 102 42.58 21.60 4.80
C PHE D 102 41.35 22.16 5.51
N GLY D 103 41.22 21.93 6.82
CA GLY D 103 40.19 22.57 7.61
C GLY D 103 38.90 21.78 7.73
N ILE D 104 39.01 20.47 7.96
CA ILE D 104 37.84 19.60 8.05
C ILE D 104 37.51 19.35 9.50
N HIS D 105 36.22 19.35 9.82
CA HIS D 105 35.77 19.14 11.18
C HIS D 105 36.17 17.73 11.66
N PRO D 106 36.48 17.55 12.94
CA PRO D 106 36.83 16.21 13.43
C PRO D 106 35.72 15.19 13.24
N LEU D 107 34.46 15.60 13.29
CA LEU D 107 33.37 14.65 13.04
C LEU D 107 33.48 14.07 11.64
N VAL D 108 33.80 14.89 10.65
CA VAL D 108 33.96 14.38 9.29
C VAL D 108 35.12 13.41 9.21
N LEU D 109 36.22 13.70 9.93
CA LEU D 109 37.34 12.77 9.93
C LEU D 109 36.96 11.43 10.56
N GLU D 110 36.23 11.45 11.67
CA GLU D 110 35.84 10.19 12.29
C GLU D 110 34.85 9.44 11.41
N ASP D 111 34.01 10.15 10.66
CA ASP D 111 33.11 9.49 9.73
C ASP D 111 33.87 8.91 8.55
N ILE D 112 34.95 9.58 8.11
CA ILE D 112 35.83 9.00 7.11
C ILE D 112 36.41 7.69 7.61
N LEU D 113 36.87 7.68 8.86
CA LEU D 113 37.47 6.49 9.42
C LEU D 113 36.46 5.49 9.94
N ASN D 114 35.20 5.88 10.09
CA ASN D 114 34.15 4.95 10.50
C ASN D 114 33.69 4.19 9.27
N VAL D 115 34.19 2.96 9.11
CA VAL D 115 33.90 2.18 7.91
C VAL D 115 32.42 1.85 7.83
N HIS D 116 31.78 1.55 8.95
CA HIS D 116 30.36 1.24 8.94
C HIS D 116 29.52 2.51 9.01
N GLN D 117 29.79 3.45 8.10
CA GLN D 117 29.03 4.69 7.99
C GLN D 117 28.25 4.65 6.69
N ARG D 118 26.93 4.81 6.78
CA ARG D 118 26.11 4.74 5.59
C ARG D 118 26.47 5.87 4.64
N PRO D 119 26.32 5.66 3.33
CA PRO D 119 26.63 6.72 2.38
C PRO D 119 25.82 7.96 2.67
N LYS D 120 26.47 9.12 2.61
CA LYS D 120 25.81 10.36 2.98
C LYS D 120 26.52 11.52 2.31
N VAL D 121 25.92 12.69 2.41
CA VAL D 121 26.50 13.93 1.88
C VAL D 121 26.25 15.05 2.87
N GLU D 122 27.25 15.91 3.04
CA GLU D 122 27.15 17.05 3.93
C GLU D 122 27.79 18.25 3.25
N PHE D 123 27.02 19.34 3.14
CA PHE D 123 27.46 20.54 2.43
C PHE D 123 27.94 21.55 3.47
N PHE D 124 29.24 21.52 3.76
CA PHE D 124 29.81 22.53 4.63
C PHE D 124 30.13 23.79 3.82
N GLU D 125 30.46 24.86 4.54
CA GLU D 125 30.73 26.14 3.88
C GLU D 125 32.05 26.10 3.11
N ASN D 126 33.03 25.37 3.61
CA ASN D 126 34.34 25.31 2.97
C ASN D 126 34.45 24.17 1.97
N TYR D 127 33.80 23.03 2.25
CA TYR D 127 33.94 21.84 1.44
C TYR D 127 32.60 21.12 1.39
N VAL D 128 32.51 20.12 0.52
CA VAL D 128 31.41 19.17 0.53
C VAL D 128 32.00 17.79 0.78
N PHE D 129 31.38 17.03 1.66
CA PHE D 129 31.91 15.76 2.14
C PHE D 129 30.90 14.66 1.82
N ILE D 130 31.32 13.67 1.04
CA ILE D 130 30.42 12.64 0.53
C ILE D 130 31.01 11.27 0.80
N VAL D 131 30.27 10.41 1.48
CA VAL D 131 30.66 9.04 1.73
C VAL D 131 29.87 8.13 0.80
N LEU D 132 30.58 7.31 0.03
CA LEU D 132 29.98 6.27 -0.79
C LEU D 132 30.63 4.93 -0.45
N LYS D 133 29.98 3.86 -0.87
CA LYS D 133 30.47 2.50 -0.68
C LYS D 133 30.68 1.86 -2.04
N MET D 134 31.88 1.33 -2.27
CA MET D 134 32.19 0.60 -3.48
C MET D 134 32.31 -0.88 -3.16
N PHE D 135 31.64 -1.71 -3.95
CA PHE D 135 31.43 -3.12 -3.66
C PHE D 135 32.33 -4.01 -4.52
N THR D 136 32.45 -5.25 -4.08
CA THR D 136 33.18 -6.28 -4.80
C THR D 136 32.44 -7.59 -4.64
N TYR D 137 32.13 -8.24 -5.76
CA TYR D 137 31.38 -9.49 -5.78
C TYR D 137 32.28 -10.58 -6.36
N ASP D 138 32.45 -11.66 -5.61
CA ASP D 138 33.22 -12.81 -6.05
C ASP D 138 32.25 -13.85 -6.59
N LYS D 139 32.36 -14.14 -7.89
CA LYS D 139 31.44 -15.10 -8.52
C LYS D 139 31.65 -16.50 -7.97
N ASN D 140 32.91 -16.89 -7.74
CA ASN D 140 33.18 -18.24 -7.24
C ASN D 140 32.57 -18.46 -5.86
N LEU D 141 32.72 -17.48 -4.97
CA LEU D 141 32.07 -17.52 -3.67
C LEU D 141 30.69 -16.86 -3.82
N HIS D 142 30.00 -16.61 -2.71
CA HIS D 142 28.75 -15.87 -2.74
C HIS D 142 28.76 -14.66 -1.84
N GLU D 143 29.87 -14.37 -1.17
CA GLU D 143 29.95 -13.23 -0.27
C GLU D 143 30.26 -11.96 -1.04
N LEU D 144 29.59 -10.87 -0.65
CA LEU D 144 29.78 -9.56 -1.25
C LEU D 144 30.47 -8.65 -0.24
N GLU D 145 31.59 -8.07 -0.65
CA GLU D 145 32.37 -7.21 0.23
C GLU D 145 32.18 -5.75 -0.16
N SER D 146 32.47 -4.86 0.79
CA SER D 146 32.33 -3.43 0.58
C SER D 146 33.54 -2.71 1.15
N GLU D 147 33.81 -1.52 0.60
CA GLU D 147 34.73 -0.61 1.25
C GLU D 147 34.20 0.81 1.09
N GLN D 148 34.69 1.70 1.95
CA GLN D 148 34.20 3.07 2.01
C GLN D 148 35.14 3.98 1.25
N VAL D 149 34.58 4.85 0.41
CA VAL D 149 35.32 5.90 -0.26
C VAL D 149 34.72 7.24 0.15
N SER D 150 35.56 8.14 0.64
CA SER D 150 35.10 9.42 1.17
C SER D 150 35.74 10.54 0.36
N LEU D 151 34.91 11.43 -0.18
CA LEU D 151 35.38 12.48 -1.06
C LEU D 151 35.10 13.84 -0.43
N ILE D 152 36.12 14.68 -0.37
CA ILE D 152 36.00 16.04 0.13
C ILE D 152 36.39 16.99 -1.00
N LEU D 153 35.48 17.89 -1.35
CA LEU D 153 35.68 18.85 -2.42
C LEU D 153 35.79 20.25 -1.82
N THR D 154 36.89 20.94 -2.14
CA THR D 154 37.22 22.24 -1.56
C THR D 154 37.39 23.32 -2.62
N LYS D 155 36.67 23.21 -3.73
CA LYS D 155 36.58 24.23 -4.78
C LYS D 155 37.88 24.35 -5.57
N ASN D 156 38.93 23.67 -5.12
CA ASN D 156 40.17 23.59 -5.89
C ASN D 156 40.78 22.20 -5.89
N CYS D 157 40.34 21.29 -5.03
CA CYS D 157 40.96 19.99 -4.90
C CYS D 157 39.91 18.99 -4.45
N VAL D 158 40.18 17.71 -4.73
CA VAL D 158 39.34 16.61 -4.28
C VAL D 158 40.23 15.63 -3.52
N LEU D 159 40.00 15.53 -2.21
CA LEU D 159 40.68 14.57 -1.35
C LEU D 159 39.76 13.36 -1.20
N MET D 160 40.17 12.21 -1.74
CA MET D 160 39.34 11.02 -1.61
C MET D 160 40.11 9.94 -0.87
N PHE D 161 39.48 9.38 0.15
CA PHE D 161 40.08 8.42 1.07
C PHE D 161 39.48 7.05 0.79
N GLN D 162 40.35 6.05 0.69
CA GLN D 162 39.97 4.66 0.52
C GLN D 162 40.59 3.83 1.63
N GLU D 163 40.27 2.55 1.64
CA GLU D 163 40.81 1.63 2.64
C GLU D 163 41.94 0.76 2.10
N LYS D 164 41.92 0.43 0.81
CA LYS D 164 42.94 -0.43 0.24
C LYS D 164 43.10 -0.13 -1.24
N ILE D 165 44.22 -0.57 -1.81
CA ILE D 165 44.43 -0.44 -3.24
C ILE D 165 43.49 -1.38 -3.99
N GLY D 166 43.33 -1.11 -5.28
CA GLY D 166 42.35 -1.81 -6.08
C GLY D 166 41.09 -0.97 -6.19
N ASP D 167 40.89 -0.35 -7.34
CA ASP D 167 39.93 0.75 -7.44
C ASP D 167 38.99 0.53 -8.63
N VAL D 168 38.04 1.44 -8.75
CA VAL D 168 37.25 1.58 -9.97
C VAL D 168 37.53 2.91 -10.66
N PHE D 169 38.24 3.82 -10.01
CA PHE D 169 38.53 5.13 -10.56
C PHE D 169 39.68 5.12 -11.56
N ASP D 170 40.32 3.97 -11.76
CA ASP D 170 41.45 3.88 -12.69
C ASP D 170 41.14 4.44 -14.07
N PRO D 171 40.01 4.09 -14.72
CA PRO D 171 39.72 4.73 -16.02
C PRO D 171 39.69 6.24 -15.94
N VAL D 172 39.17 6.80 -14.85
CA VAL D 172 39.20 8.25 -14.68
C VAL D 172 40.63 8.76 -14.78
N ARG D 173 41.56 8.11 -14.06
CA ARG D 173 42.96 8.49 -14.15
C ARG D 173 43.42 8.52 -15.59
N GLU D 174 43.01 7.53 -16.38
CA GLU D 174 43.42 7.47 -17.77
C GLU D 174 43.07 8.77 -18.49
N ARG D 175 41.85 9.26 -18.29
CA ARG D 175 41.45 10.52 -18.90
C ARG D 175 42.43 11.62 -18.51
N ILE D 176 42.72 11.74 -17.22
CA ILE D 176 43.65 12.77 -16.76
C ILE D 176 45.01 12.59 -17.43
N ARG D 177 45.43 11.34 -17.60
CA ARG D 177 46.73 11.09 -18.21
C ARG D 177 46.70 11.18 -19.73
N TYR D 178 45.53 11.21 -20.35
CA TYR D 178 45.44 11.15 -21.80
C TYR D 178 44.67 12.31 -22.41
N ASN D 179 44.33 13.33 -21.62
CA ASN D 179 43.55 14.47 -22.08
C ASN D 179 42.23 14.05 -22.71
N ARG D 180 41.76 12.84 -22.39
CA ARG D 180 40.56 12.30 -22.98
C ARG D 180 39.32 12.96 -22.40
N GLY D 181 38.30 13.14 -23.23
CA GLY D 181 37.07 13.69 -22.73
C GLY D 181 37.19 15.17 -22.38
N ILE D 182 36.30 15.60 -21.47
CA ILE D 182 36.19 16.99 -21.07
C ILE D 182 36.63 17.20 -19.63
N ILE D 183 37.21 16.18 -18.99
CA ILE D 183 37.54 16.27 -17.58
C ILE D 183 38.64 17.30 -17.33
N ARG D 184 39.59 17.42 -18.24
CA ARG D 184 40.71 18.31 -18.01
C ARG D 184 40.37 19.77 -18.26
N LYS D 185 39.19 20.06 -18.80
CA LYS D 185 38.78 21.42 -19.10
C LYS D 185 37.92 22.04 -18.02
N LYS D 186 37.39 21.23 -17.09
CA LYS D 186 36.50 21.71 -16.05
C LYS D 186 37.25 21.77 -14.72
N ARG D 187 36.51 22.15 -13.67
CA ARG D 187 37.09 22.37 -12.35
C ARG D 187 37.04 21.09 -11.52
N ALA D 188 37.32 21.21 -10.22
CA ALA D 188 37.36 20.04 -9.35
C ALA D 188 35.98 19.45 -9.11
N ASP D 189 34.90 20.22 -9.27
CA ASP D 189 33.57 19.67 -9.13
C ASP D 189 33.31 18.61 -10.20
N TYR D 190 33.81 18.83 -11.41
CA TYR D 190 33.69 17.81 -12.44
C TYR D 190 34.53 16.58 -12.10
N LEU D 191 35.62 16.75 -11.37
CA LEU D 191 36.38 15.59 -10.90
C LEU D 191 35.59 14.79 -9.88
N LEU D 192 34.91 15.48 -8.95
CA LEU D 192 33.97 14.82 -8.06
C LEU D 192 32.92 14.05 -8.85
N TYR D 193 32.35 14.69 -9.87
CA TYR D 193 31.46 14.01 -10.81
C TYR D 193 32.08 12.75 -11.39
N SER D 194 33.29 12.85 -11.92
CA SER D 194 33.88 11.71 -12.62
C SER D 194 34.08 10.55 -11.67
N LEU D 195 34.53 10.83 -10.45
CA LEU D 195 34.70 9.75 -9.48
C LEU D 195 33.38 9.12 -9.09
N ILE D 196 32.34 9.94 -8.86
CA ILE D 196 31.04 9.39 -8.48
C ILE D 196 30.46 8.56 -9.62
N ASP D 197 30.64 9.02 -10.86
CA ASP D 197 30.14 8.28 -12.01
C ASP D 197 30.89 6.96 -12.16
N ALA D 198 32.19 6.94 -11.87
CA ALA D 198 32.92 5.68 -11.88
C ALA D 198 32.37 4.72 -10.83
N LEU D 199 32.04 5.23 -9.64
CA LEU D 199 31.43 4.38 -8.62
C LEU D 199 30.09 3.82 -9.10
N VAL D 200 29.27 4.65 -9.73
CA VAL D 200 27.96 4.19 -10.19
C VAL D 200 28.12 3.14 -11.30
N ASP D 201 29.11 3.33 -12.18
CA ASP D 201 29.37 2.32 -13.20
C ASP D 201 29.82 1.00 -12.57
N ASP D 202 30.63 1.08 -11.51
CA ASP D 202 30.97 -0.12 -10.76
C ASP D 202 29.73 -0.79 -10.21
N TYR D 203 28.78 0.00 -9.73
CA TYR D 203 27.52 -0.55 -9.25
C TYR D 203 26.77 -1.27 -10.37
N PHE D 204 26.77 -0.69 -11.57
CA PHE D 204 26.12 -1.35 -12.70
C PHE D 204 26.78 -2.70 -13.01
N VAL D 205 28.11 -2.75 -12.94
CA VAL D 205 28.82 -4.01 -13.14
C VAL D 205 28.42 -5.02 -12.08
N LEU D 206 28.32 -4.57 -10.83
CA LEU D 206 27.94 -5.46 -9.74
C LEU D 206 26.53 -6.01 -9.93
N LEU D 207 25.60 -5.16 -10.37
CA LEU D 207 24.25 -5.64 -10.67
C LEU D 207 24.24 -6.61 -11.84
N GLU D 208 25.10 -6.43 -12.83
CA GLU D 208 25.21 -7.42 -13.90
C GLU D 208 25.64 -8.78 -13.34
N LYS D 209 26.65 -8.76 -12.46
CA LYS D 209 27.11 -10.01 -11.85
C LYS D 209 26.01 -10.66 -11.03
N ILE D 210 25.28 -9.86 -10.25
CA ILE D 210 24.21 -10.40 -9.43
C ILE D 210 23.08 -10.94 -10.29
N ASP D 211 22.81 -10.29 -11.42
CA ASP D 211 21.79 -10.81 -12.34
C ASP D 211 22.21 -12.16 -12.92
N ASP D 212 23.49 -12.31 -13.25
CA ASP D 212 23.97 -13.62 -13.69
C ASP D 212 23.80 -14.67 -12.60
N GLU D 213 24.12 -14.29 -11.35
CA GLU D 213 23.92 -15.21 -10.23
C GLU D 213 22.45 -15.58 -10.07
N ILE D 214 21.55 -14.62 -10.28
CA ILE D 214 20.12 -14.88 -10.13
C ILE D 214 19.64 -15.80 -11.23
N ASP D 215 20.15 -15.63 -12.45
CA ASP D 215 19.78 -16.55 -13.53
C ASP D 215 20.24 -17.97 -13.21
N VAL D 216 21.47 -18.12 -12.71
CA VAL D 216 21.96 -19.44 -12.33
C VAL D 216 21.10 -20.02 -11.22
N LEU D 217 20.74 -19.20 -10.23
CA LEU D 217 19.97 -19.69 -9.10
C LEU D 217 18.57 -20.13 -9.52
N GLU D 218 17.91 -19.36 -10.40
CA GLU D 218 16.58 -19.75 -10.83
C GLU D 218 16.63 -21.00 -11.69
N GLU D 219 17.66 -21.14 -12.51
CA GLU D 219 17.82 -22.37 -13.28
C GLU D 219 17.99 -23.57 -12.34
N GLU D 220 18.80 -23.43 -11.30
CA GLU D 220 18.97 -24.54 -10.36
C GLU D 220 17.68 -24.82 -9.59
N VAL D 221 16.95 -23.77 -9.21
CA VAL D 221 15.72 -23.94 -8.45
C VAL D 221 14.68 -24.71 -9.25
N LEU D 222 14.43 -24.27 -10.48
CA LEU D 222 13.41 -24.94 -11.28
C LEU D 222 13.87 -26.28 -11.83
N GLU D 223 15.18 -26.45 -12.06
CA GLU D 223 15.69 -27.63 -12.74
C GLU D 223 16.06 -28.74 -11.77
N ARG D 224 17.00 -28.47 -10.85
CA ARG D 224 17.54 -29.49 -9.95
C ARG D 224 17.57 -28.97 -8.51
N PRO D 225 16.42 -28.94 -7.83
CA PRO D 225 16.43 -28.58 -6.41
C PRO D 225 17.34 -29.48 -5.60
N GLU D 226 18.07 -28.88 -4.65
CA GLU D 226 18.97 -29.61 -3.77
C GLU D 226 18.89 -28.99 -2.38
N LYS D 227 19.69 -29.53 -1.46
CA LYS D 227 19.70 -29.00 -0.10
C LYS D 227 20.43 -27.66 -0.02
N GLU D 228 21.55 -27.53 -0.72
CA GLU D 228 22.32 -26.29 -0.72
C GLU D 228 21.66 -25.17 -1.51
N THR D 229 20.64 -25.50 -2.30
CA THR D 229 19.99 -24.48 -3.11
C THR D 229 19.30 -23.43 -2.24
N VAL D 230 18.62 -23.86 -1.18
CA VAL D 230 17.95 -22.91 -0.30
C VAL D 230 18.98 -22.05 0.44
N GLN D 231 20.11 -22.64 0.81
CA GLN D 231 21.16 -21.86 1.47
C GLN D 231 21.72 -20.79 0.53
N ARG D 232 21.97 -21.16 -0.73
CA ARG D 232 22.48 -20.17 -1.68
C ARG D 232 21.43 -19.10 -1.96
N THR D 233 20.15 -19.49 -2.03
CA THR D 233 19.10 -18.50 -2.24
C THR D 233 19.01 -17.53 -1.08
N HIS D 234 19.13 -18.03 0.15
CA HIS D 234 19.12 -17.15 1.32
C HIS D 234 20.33 -16.22 1.30
N GLN D 235 21.50 -16.73 0.93
CA GLN D 235 22.68 -15.87 0.85
C GLN D 235 22.49 -14.78 -0.19
N LEU D 236 21.94 -15.12 -1.35
CA LEU D 236 21.69 -14.13 -2.38
C LEU D 236 20.68 -13.10 -1.93
N LYS D 237 19.62 -13.53 -1.24
CA LYS D 237 18.64 -12.58 -0.73
C LYS D 237 19.25 -11.64 0.30
N ARG D 238 20.09 -12.18 1.19
CA ARG D 238 20.75 -11.33 2.19
C ARG D 238 21.68 -10.34 1.51
N ASN D 239 22.42 -10.77 0.50
CA ASN D 239 23.29 -9.87 -0.24
C ASN D 239 22.49 -8.77 -0.93
N LEU D 240 21.34 -9.13 -1.51
CA LEU D 240 20.51 -8.12 -2.16
C LEU D 240 19.95 -7.14 -1.15
N VAL D 241 19.60 -7.61 0.05
CA VAL D 241 19.09 -6.70 1.08
C VAL D 241 20.18 -5.74 1.53
N GLU D 242 21.40 -6.25 1.73
CA GLU D 242 22.52 -5.37 2.06
C GLU D 242 22.77 -4.36 0.95
N LEU D 243 22.71 -4.80 -0.30
CA LEU D 243 22.91 -3.90 -1.43
C LEU D 243 21.84 -2.81 -1.46
N ARG D 244 20.59 -3.18 -1.18
CA ARG D 244 19.52 -2.19 -1.12
C ARG D 244 19.75 -1.19 0.00
N LYS D 245 20.17 -1.69 1.18
CA LYS D 245 20.50 -0.81 2.30
C LYS D 245 21.60 0.17 1.94
N THR D 246 22.53 -0.24 1.08
CA THR D 246 23.59 0.67 0.68
C THR D 246 23.16 1.62 -0.44
N ILE D 247 22.26 1.17 -1.31
CA ILE D 247 21.93 1.94 -2.52
C ILE D 247 20.90 3.02 -2.25
N TRP D 248 19.91 2.79 -1.38
CA TRP D 248 18.96 3.85 -1.11
C TRP D 248 19.63 5.12 -0.57
N PRO D 249 20.57 5.05 0.39
CA PRO D 249 21.35 6.25 0.70
C PRO D 249 22.10 6.81 -0.50
N LEU D 250 22.54 5.97 -1.45
CA LEU D 250 23.20 6.48 -2.64
C LEU D 250 22.25 7.34 -3.46
N ARG D 251 21.00 6.88 -3.63
CA ARG D 251 20.01 7.69 -4.33
C ARG D 251 19.74 8.99 -3.60
N GLU D 252 19.65 8.94 -2.26
CA GLU D 252 19.45 10.17 -1.50
C GLU D 252 20.63 11.13 -1.68
N VAL D 253 21.84 10.60 -1.71
CA VAL D 253 23.05 11.42 -1.87
C VAL D 253 23.03 12.12 -3.22
N LEU D 254 22.74 11.36 -4.28
CA LEU D 254 22.73 11.99 -5.60
C LEU D 254 21.57 12.96 -5.74
N SER D 255 20.43 12.69 -5.10
CA SER D 255 19.36 13.67 -5.08
C SER D 255 19.81 14.96 -4.41
N SER D 256 20.55 14.85 -3.31
CA SER D 256 21.06 16.05 -2.64
C SER D 256 22.05 16.79 -3.54
N LEU D 257 22.92 16.05 -4.23
CA LEU D 257 23.88 16.69 -5.12
C LEU D 257 23.24 17.29 -6.35
N TYR D 258 22.03 16.84 -6.71
CA TYR D 258 21.34 17.30 -7.92
C TYR D 258 20.38 18.46 -7.65
N ARG D 259 19.39 18.25 -6.78
CA ARG D 259 18.28 19.20 -6.67
C ARG D 259 18.77 20.57 -6.19
N ASP D 260 19.50 20.60 -5.08
CA ASP D 260 20.00 21.84 -4.52
C ASP D 260 21.51 21.74 -4.40
N VAL D 261 22.22 22.69 -4.98
CA VAL D 261 23.68 22.63 -5.04
C VAL D 261 24.27 23.82 -4.28
N PRO D 262 25.37 23.63 -3.56
CA PRO D 262 26.08 24.76 -2.98
C PRO D 262 26.94 25.43 -4.02
N PRO D 263 27.56 26.58 -3.69
CA PRO D 263 28.49 27.21 -4.65
C PRO D 263 29.67 26.33 -5.03
N LEU D 264 29.88 25.21 -4.33
CA LEU D 264 31.01 24.34 -4.66
C LEU D 264 30.87 23.75 -6.05
N ILE D 265 29.66 23.35 -6.43
CA ILE D 265 29.40 22.70 -7.71
C ILE D 265 28.92 23.76 -8.70
N GLU D 266 29.64 23.90 -9.81
CA GLU D 266 29.26 24.87 -10.83
C GLU D 266 27.94 24.47 -11.47
N LYS D 267 27.25 25.47 -12.04
CA LYS D 267 25.98 25.20 -12.72
C LYS D 267 26.17 24.28 -13.92
N GLU D 268 27.37 24.29 -14.52
CA GLU D 268 27.64 23.40 -15.64
C GLU D 268 27.68 21.94 -15.24
N THR D 269 27.91 21.65 -13.95
CA THR D 269 28.03 20.28 -13.49
C THR D 269 26.71 19.69 -13.02
N VAL D 270 25.69 20.52 -12.82
CA VAL D 270 24.41 20.01 -12.32
C VAL D 270 23.76 19.00 -13.26
N PRO D 271 23.68 19.22 -14.57
CA PRO D 271 23.08 18.19 -15.44
C PRO D 271 23.81 16.86 -15.39
N TYR D 272 25.13 16.88 -15.24
CA TYR D 272 25.88 15.63 -15.09
C TYR D 272 25.47 14.92 -13.80
N PHE D 273 25.31 15.66 -12.71
CA PHE D 273 24.83 15.05 -11.48
C PHE D 273 23.41 14.53 -11.63
N ARG D 274 22.59 15.18 -12.47
CA ARG D 274 21.27 14.63 -12.78
C ARG D 274 21.40 13.29 -13.50
N ASP D 275 22.36 13.19 -14.41
CA ASP D 275 22.61 11.91 -15.09
C ASP D 275 22.96 10.83 -14.08
N VAL D 276 23.86 11.14 -13.14
CA VAL D 276 24.24 10.14 -12.15
C VAL D 276 23.07 9.81 -11.23
N TYR D 277 22.23 10.79 -10.90
CA TYR D 277 21.04 10.53 -10.10
C TYR D 277 20.11 9.57 -10.81
N ASP D 278 19.92 9.77 -12.12
CA ASP D 278 19.09 8.84 -12.89
C ASP D 278 19.71 7.45 -12.92
N HIS D 279 21.04 7.37 -13.02
CA HIS D 279 21.71 6.08 -12.97
C HIS D 279 21.45 5.37 -11.64
N THR D 280 21.55 6.10 -10.53
CA THR D 280 21.31 5.49 -9.23
C THR D 280 19.85 5.07 -9.07
N ILE D 281 18.92 5.86 -9.63
CA ILE D 281 17.52 5.47 -9.63
C ILE D 281 17.34 4.15 -10.36
N GLN D 282 17.98 4.01 -11.53
CA GLN D 282 17.89 2.77 -12.28
C GLN D 282 18.47 1.60 -11.49
N ILE D 283 19.59 1.83 -10.80
CA ILE D 283 20.21 0.76 -10.02
C ILE D 283 19.28 0.33 -8.88
N ALA D 284 18.67 1.29 -8.21
CA ALA D 284 17.75 0.94 -7.11
C ALA D 284 16.54 0.17 -7.63
N ASP D 285 16.01 0.57 -8.78
CA ASP D 285 14.90 -0.17 -9.38
C ASP D 285 15.32 -1.59 -9.74
N THR D 286 16.54 -1.75 -10.27
CA THR D 286 17.05 -3.08 -10.59
C THR D 286 17.16 -3.94 -9.34
N VAL D 287 17.65 -3.35 -8.24
CA VAL D 287 17.76 -4.10 -6.99
C VAL D 287 16.39 -4.53 -6.49
N GLU D 288 15.40 -3.64 -6.58
CA GLU D 288 14.05 -3.99 -6.15
C GLU D 288 13.48 -5.13 -6.99
N THR D 289 13.67 -5.08 -8.31
CA THR D 289 13.22 -6.17 -9.16
C THR D 289 13.91 -7.48 -8.79
N PHE D 290 15.22 -7.41 -8.53
CA PHE D 290 15.96 -8.61 -8.13
C PHE D 290 15.41 -9.19 -6.84
N ARG D 291 15.10 -8.33 -5.88
CA ARG D 291 14.55 -8.79 -4.61
C ARG D 291 13.21 -9.49 -4.81
N ASP D 292 12.34 -8.90 -5.65
CA ASP D 292 11.07 -9.56 -5.94
C ASP D 292 11.27 -10.91 -6.60
N ILE D 293 12.22 -10.99 -7.55
CA ILE D 293 12.46 -12.25 -8.24
C ILE D 293 12.94 -13.33 -7.28
N VAL D 294 13.86 -12.98 -6.37
CA VAL D 294 14.36 -14.00 -5.45
C VAL D 294 13.29 -14.40 -4.43
N SER D 295 12.44 -13.44 -4.02
CA SER D 295 11.34 -13.78 -3.13
C SER D 295 10.39 -14.76 -3.78
N GLY D 296 10.11 -14.58 -5.08
CA GLY D 296 9.35 -15.57 -5.80
C GLY D 296 10.09 -16.89 -5.95
N LEU D 297 11.41 -16.82 -6.09
CA LEU D 297 12.20 -18.03 -6.31
C LEU D 297 12.14 -18.96 -5.11
N LEU D 298 12.11 -18.40 -3.90
CA LEU D 298 12.03 -19.24 -2.71
C LEU D 298 10.75 -20.09 -2.73
N ASP D 299 9.62 -19.47 -3.05
CA ASP D 299 8.37 -20.22 -3.13
C ASP D 299 8.38 -21.20 -4.30
N VAL D 300 9.01 -20.83 -5.42
CA VAL D 300 9.14 -21.76 -6.53
C VAL D 300 9.90 -23.00 -6.10
N TYR D 301 10.99 -22.82 -5.36
CA TYR D 301 11.75 -23.96 -4.84
C TYR D 301 10.90 -24.80 -3.90
N LEU D 302 10.11 -24.15 -3.04
CA LEU D 302 9.25 -24.90 -2.14
C LEU D 302 8.24 -25.76 -2.92
N SER D 303 7.63 -25.18 -3.95
CA SER D 303 6.70 -25.94 -4.78
C SER D 303 7.39 -27.10 -5.49
N SER D 304 8.60 -26.86 -6.00
CA SER D 304 9.31 -27.92 -6.73
C SER D 304 9.68 -29.07 -5.80
N VAL D 305 10.18 -28.76 -4.60
CA VAL D 305 10.53 -29.85 -3.68
C VAL D 305 9.26 -30.56 -3.21
N SER D 306 8.16 -29.84 -3.04
CA SER D 306 6.90 -30.51 -2.70
C SER D 306 6.48 -31.47 -3.81
N ASN D 307 6.62 -31.05 -5.08
CA ASN D 307 6.24 -31.91 -6.19
C ASN D 307 7.14 -33.15 -6.27
N LYS D 308 8.45 -32.97 -6.05
CA LYS D 308 9.35 -34.12 -6.07
C LYS D 308 9.02 -35.09 -4.93
N THR D 309 8.76 -34.55 -3.73
CA THR D 309 8.30 -35.37 -2.63
C THR D 309 7.02 -36.11 -2.96
N ASN D 310 6.11 -35.44 -3.65
CA ASN D 310 4.85 -36.06 -4.04
C ASN D 310 5.09 -37.21 -5.02
N GLU D 311 6.00 -37.03 -5.96
CA GLU D 311 6.30 -38.12 -6.89
C GLU D 311 6.94 -39.31 -6.17
N VAL D 312 7.82 -39.04 -5.21
CA VAL D 312 8.38 -40.13 -4.42
C VAL D 312 7.29 -40.86 -3.65
N MET D 313 6.34 -40.10 -3.08
CA MET D 313 5.21 -40.72 -2.39
C MET D 313 4.35 -41.52 -3.35
N LYS D 314 4.22 -41.07 -4.59
CA LYS D 314 3.47 -41.84 -5.58
C LYS D 314 4.16 -43.17 -5.84
N VAL D 315 5.48 -43.17 -5.96
CA VAL D 315 6.22 -44.42 -6.13
C VAL D 315 5.98 -45.34 -4.93
N LEU D 316 6.07 -44.78 -3.73
CA LEU D 316 5.87 -45.57 -2.52
C LEU D 316 4.46 -46.15 -2.46
N THR D 317 3.45 -45.33 -2.79
CA THR D 317 2.07 -45.79 -2.76
C THR D 317 1.81 -46.86 -3.79
N ILE D 318 2.37 -46.71 -4.99
CA ILE D 318 2.20 -47.73 -6.02
C ILE D 318 2.79 -49.05 -5.54
N ILE D 319 4.02 -49.02 -5.03
CA ILE D 319 4.65 -50.25 -4.60
C ILE D 319 3.89 -50.88 -3.44
N ALA D 320 3.42 -50.05 -2.51
CA ALA D 320 2.64 -50.55 -1.38
C ALA D 320 1.36 -51.24 -1.85
N THR D 321 0.60 -50.56 -2.72
CA THR D 321 -0.66 -51.13 -3.18
C THR D 321 -0.44 -52.39 -4.00
N ILE D 322 0.70 -52.52 -4.69
CA ILE D 322 0.89 -53.71 -5.52
C ILE D 322 1.61 -54.84 -4.82
N PHE D 323 2.17 -54.60 -3.63
CA PHE D 323 2.87 -55.69 -2.94
C PHE D 323 2.35 -56.02 -1.55
N MET D 324 1.64 -55.12 -0.89
CA MET D 324 1.15 -55.41 0.46
C MET D 324 -0.12 -56.27 0.43
N PRO D 325 -1.14 -55.92 -0.37
CA PRO D 325 -2.29 -56.83 -0.47
C PRO D 325 -1.89 -58.21 -0.98
N LEU D 326 -1.00 -58.28 -1.96
CA LEU D 326 -0.53 -59.58 -2.42
C LEU D 326 0.24 -60.30 -1.33
N THR D 327 0.92 -59.57 -0.45
CA THR D 327 1.49 -60.20 0.74
C THR D 327 0.39 -60.73 1.66
N PHE D 328 -0.78 -60.08 1.67
CA PHE D 328 -1.88 -60.60 2.46
C PHE D 328 -2.44 -61.90 1.87
N ILE D 329 -2.55 -61.98 0.55
CA ILE D 329 -2.86 -63.28 -0.06
C ILE D 329 -1.80 -64.31 0.30
N ALA D 330 -0.53 -63.93 0.23
CA ALA D 330 0.53 -64.84 0.62
C ALA D 330 0.40 -65.26 2.09
N GLY D 331 -0.18 -64.41 2.93
CA GLY D 331 -0.39 -64.76 4.31
C GLY D 331 -1.58 -65.67 4.53
N ILE D 332 -2.64 -65.49 3.75
CA ILE D 332 -3.81 -66.36 3.85
C ILE D 332 -3.43 -67.80 3.56
N TYR D 333 -2.64 -67.99 2.51
CA TYR D 333 -2.15 -69.32 2.15
C TYR D 333 -0.85 -69.56 2.91
N GLY D 334 -0.88 -70.44 3.89
CA GLY D 334 0.28 -70.72 4.69
C GLY D 334 0.14 -70.32 6.15
N MET D 335 -0.20 -71.30 6.97
CA MET D 335 -0.32 -71.18 8.42
C MET D 335 0.00 -72.54 9.02
N ASN D 336 -0.40 -72.74 10.28
CA ASN D 336 -0.56 -74.07 10.85
C ASN D 336 -2.04 -74.27 11.12
N PHE D 337 -2.61 -75.34 10.58
CA PHE D 337 -4.04 -75.39 10.30
C PHE D 337 -4.47 -76.85 10.16
N GLU D 338 -5.69 -77.04 9.64
CA GLU D 338 -6.15 -78.33 9.14
C GLU D 338 -7.38 -78.10 8.25
N TYR D 339 -7.41 -78.81 7.13
CA TYR D 339 -8.64 -79.05 6.35
C TYR D 339 -9.31 -77.74 5.90
N MET D 340 -8.60 -77.00 5.04
CA MET D 340 -9.25 -76.02 4.19
C MET D 340 -9.46 -76.63 2.80
N PRO D 341 -10.19 -75.95 1.90
CA PRO D 341 -10.48 -76.53 0.58
C PRO D 341 -9.28 -77.00 -0.24
N GLU D 342 -8.05 -76.76 0.22
CA GLU D 342 -6.91 -77.28 -0.51
C GLU D 342 -6.80 -78.78 -0.28
N LEU D 343 -6.61 -79.52 -1.38
CA LEU D 343 -6.30 -80.95 -1.34
C LEU D 343 -5.22 -81.26 -2.38
N ARG D 344 -4.20 -80.39 -2.46
CA ARG D 344 -3.37 -80.10 -3.62
C ARG D 344 -4.18 -79.22 -4.58
N TRP D 345 -5.48 -79.09 -4.27
CA TRP D 345 -6.42 -78.23 -5.00
C TRP D 345 -6.18 -78.26 -6.51
N LYS D 346 -6.03 -79.47 -7.05
CA LYS D 346 -5.81 -79.68 -8.47
C LYS D 346 -4.64 -78.85 -8.98
N TRP D 347 -3.55 -78.87 -8.21
CA TRP D 347 -2.37 -78.04 -8.49
C TRP D 347 -2.75 -76.56 -8.51
N GLY D 348 -3.36 -76.12 -7.41
CA GLY D 348 -3.87 -74.77 -7.31
C GLY D 348 -2.88 -73.69 -6.98
N TYR D 349 -1.61 -74.04 -6.75
CA TYR D 349 -0.60 -73.03 -6.48
C TYR D 349 -0.38 -72.09 -7.67
N PRO D 350 -0.20 -72.58 -8.90
CA PRO D 350 -0.11 -71.63 -10.03
C PRO D 350 -1.35 -70.78 -10.23
N VAL D 351 -2.54 -71.30 -9.97
CA VAL D 351 -3.72 -70.44 -10.14
C VAL D 351 -3.83 -69.45 -8.98
N VAL D 352 -3.30 -69.79 -7.81
CA VAL D 352 -3.17 -68.80 -6.74
C VAL D 352 -2.27 -67.66 -7.19
N LEU D 353 -1.11 -68.00 -7.78
CA LEU D 353 -0.25 -66.96 -8.33
C LEU D 353 -0.94 -66.17 -9.43
N ALA D 354 -1.77 -66.84 -10.23
CA ALA D 354 -2.48 -66.16 -11.30
C ALA D 354 -3.49 -65.15 -10.74
N VAL D 355 -4.22 -65.53 -9.68
CA VAL D 355 -5.15 -64.59 -9.06
C VAL D 355 -4.40 -63.42 -8.44
N MET D 356 -3.26 -63.71 -7.81
CA MET D 356 -2.40 -62.67 -7.27
C MET D 356 -1.97 -61.69 -8.35
N GLY D 357 -1.51 -62.20 -9.49
CA GLY D 357 -1.12 -61.34 -10.59
C GLY D 357 -2.29 -60.56 -11.17
N VAL D 358 -3.48 -61.18 -11.18
CA VAL D 358 -4.66 -60.49 -11.67
C VAL D 358 -5.00 -59.31 -10.76
N ILE D 359 -4.90 -59.50 -9.45
CA ILE D 359 -5.13 -58.40 -8.51
C ILE D 359 -4.10 -57.30 -8.73
N ALA D 360 -2.83 -57.69 -8.91
CA ALA D 360 -1.80 -56.69 -9.18
C ALA D 360 -2.08 -55.93 -10.47
N VAL D 361 -2.55 -56.64 -11.50
CA VAL D 361 -2.87 -56.00 -12.77
C VAL D 361 -4.03 -55.04 -12.61
N ILE D 362 -5.05 -55.41 -11.82
CA ILE D 362 -6.16 -54.51 -11.57
C ILE D 362 -5.65 -53.24 -10.89
N MET D 363 -4.78 -53.39 -9.90
CA MET D 363 -4.23 -52.22 -9.21
C MET D 363 -3.46 -51.33 -10.18
N VAL D 364 -2.60 -51.94 -11.01
CA VAL D 364 -1.74 -51.13 -11.87
C VAL D 364 -2.55 -50.43 -12.95
N VAL D 365 -3.58 -51.10 -13.49
CA VAL D 365 -4.40 -50.42 -14.49
C VAL D 365 -5.25 -49.34 -13.85
N TYR D 366 -5.71 -49.53 -12.62
CA TYR D 366 -6.42 -48.46 -11.92
C TYR D 366 -5.53 -47.24 -11.74
N PHE D 367 -4.27 -47.46 -11.37
CA PHE D 367 -3.36 -46.34 -11.17
C PHE D 367 -2.95 -45.70 -12.50
N LYS D 368 -2.85 -46.49 -13.56
CA LYS D 368 -2.61 -45.92 -14.89
C LYS D 368 -3.77 -45.04 -15.32
N LYS D 369 -5.00 -45.47 -15.05
CA LYS D 369 -6.16 -44.63 -15.31
C LYS D 369 -6.10 -43.36 -14.47
N LYS D 370 -5.70 -43.49 -13.21
CA LYS D 370 -5.47 -42.31 -12.37
C LYS D 370 -4.22 -41.54 -12.78
N LYS D 371 -3.40 -42.09 -13.68
CA LYS D 371 -2.20 -41.44 -14.18
C LYS D 371 -1.15 -41.21 -13.09
N TRP D 372 -0.99 -42.18 -12.19
CA TRP D 372 0.04 -42.09 -11.16
C TRP D 372 1.32 -42.79 -11.56
N LEU D 373 1.39 -43.37 -12.75
CA LEU D 373 2.57 -44.10 -13.19
C LEU D 373 3.18 -43.45 -14.43
N LYS E 26 22.10 -9.83 -24.17
CA LYS E 26 22.18 -9.88 -22.71
C LYS E 26 21.77 -8.54 -22.10
N ARG E 27 21.70 -8.49 -20.77
CA ARG E 27 21.31 -7.26 -20.10
C ARG E 27 22.34 -6.16 -20.35
N LEU E 28 23.63 -6.49 -20.20
CA LEU E 28 24.75 -5.61 -20.51
C LEU E 28 24.51 -4.19 -20.01
N SER E 29 24.35 -4.07 -18.69
CA SER E 29 24.10 -2.77 -18.09
C SER E 29 25.34 -1.88 -18.06
N ALA E 30 26.50 -2.40 -18.41
CA ALA E 30 27.77 -1.71 -18.22
C ALA E 30 28.27 -1.13 -19.54
N LYS E 31 28.58 0.17 -19.53
CA LYS E 31 29.33 0.81 -20.60
C LYS E 31 30.82 0.86 -20.32
N LYS E 32 31.24 0.46 -19.11
CA LYS E 32 32.65 0.30 -18.75
C LYS E 32 33.40 1.63 -18.71
N GLY E 33 32.79 2.62 -18.07
CA GLY E 33 33.50 3.84 -17.70
C GLY E 33 34.02 4.68 -18.84
N LEU E 34 33.19 4.90 -19.86
CA LEU E 34 33.55 5.85 -20.91
C LEU E 34 33.17 7.26 -20.50
N PRO E 35 33.81 8.27 -21.09
CA PRO E 35 33.45 9.65 -20.78
C PRO E 35 32.01 9.92 -21.15
N PRO E 36 31.33 10.79 -20.39
CA PRO E 36 29.90 11.05 -20.68
C PRO E 36 29.64 11.65 -22.04
N GLY E 37 30.57 12.43 -22.59
CA GLY E 37 30.35 13.05 -23.88
C GLY E 37 30.42 12.11 -25.07
N THR E 38 30.83 10.86 -24.83
CA THR E 38 30.93 9.89 -25.92
C THR E 38 29.55 9.39 -26.33
N LEU E 39 29.40 9.13 -27.63
CA LEU E 39 28.18 8.56 -28.20
C LEU E 39 28.51 7.16 -28.71
N VAL E 40 28.08 6.14 -27.97
CA VAL E 40 28.27 4.75 -28.37
C VAL E 40 26.95 4.03 -28.25
N TYR E 41 26.62 3.21 -29.24
CA TYR E 41 25.37 2.47 -29.27
C TYR E 41 25.52 1.17 -28.49
N THR E 42 24.45 0.79 -27.80
CA THR E 42 24.47 -0.38 -26.92
C THR E 42 23.72 -1.58 -27.47
N GLY E 43 22.61 -1.35 -28.18
CA GLY E 43 21.78 -2.46 -28.62
C GLY E 43 22.42 -3.28 -29.72
N LYS E 44 21.80 -4.42 -29.99
CA LYS E 44 22.23 -5.33 -31.04
C LYS E 44 21.53 -5.09 -32.36
N TYR E 45 20.60 -4.14 -32.42
CA TYR E 45 19.82 -3.85 -33.62
C TYR E 45 20.56 -2.81 -34.42
N ARG E 46 21.41 -3.27 -35.36
CA ARG E 46 22.30 -2.39 -36.09
C ARG E 46 22.29 -2.73 -37.58
N GLU E 47 21.10 -3.04 -38.12
CA GLU E 47 20.98 -3.44 -39.52
C GLU E 47 20.46 -2.31 -40.40
N ASP E 48 19.30 -1.74 -40.06
CA ASP E 48 18.60 -0.82 -40.94
C ASP E 48 18.72 0.60 -40.41
N PHE E 49 18.90 1.56 -41.33
CA PHE E 49 18.99 2.98 -40.99
C PHE E 49 18.23 3.77 -42.04
N GLU E 50 17.15 4.42 -41.63
CA GLU E 50 16.38 5.29 -42.49
C GLU E 50 15.97 6.52 -41.72
N ILE E 51 15.74 7.62 -42.43
CA ILE E 51 15.17 8.82 -41.86
C ILE E 51 13.88 9.15 -42.60
N GLU E 52 12.79 9.24 -41.87
CA GLU E 52 11.47 9.56 -42.43
C GLU E 52 11.03 10.89 -41.84
N VAL E 53 10.74 11.86 -42.70
CA VAL E 53 10.42 13.21 -42.27
C VAL E 53 9.06 13.59 -42.82
N MET E 54 8.18 14.07 -41.95
CA MET E 54 6.86 14.55 -42.34
C MET E 54 6.67 15.94 -41.78
N ASN E 55 6.65 16.93 -42.66
CA ASN E 55 6.36 18.32 -42.31
C ASN E 55 4.89 18.57 -42.65
N TYR E 56 4.08 18.80 -41.63
CA TYR E 56 2.65 18.96 -41.80
C TYR E 56 2.21 20.32 -41.28
N SER E 57 1.49 21.06 -42.11
CA SER E 57 0.85 22.31 -41.72
C SER E 57 -0.66 22.16 -41.86
N ILE E 58 -1.38 23.22 -41.49
CA ILE E 58 -2.83 23.17 -41.50
C ILE E 58 -3.35 22.88 -42.91
N GLU E 59 -2.60 23.29 -43.94
CA GLU E 59 -3.02 23.07 -45.32
C GLU E 59 -2.04 22.24 -46.14
N GLU E 60 -0.78 22.12 -45.74
CA GLU E 60 0.24 21.46 -46.53
C GLU E 60 0.89 20.32 -45.76
N PHE E 61 1.00 19.17 -46.41
CA PHE E 61 1.70 18.01 -45.87
C PHE E 61 2.75 17.55 -46.88
N ARG E 62 3.98 17.35 -46.41
CA ARG E 62 5.03 16.83 -47.27
C ARG E 62 5.83 15.79 -46.51
N GLU E 63 6.08 14.65 -47.14
CA GLU E 63 6.82 13.56 -46.52
C GLU E 63 7.92 13.10 -47.44
N PHE E 64 9.10 12.82 -46.87
CA PHE E 64 10.19 12.26 -47.65
C PHE E 64 11.03 11.35 -46.77
N LYS E 65 11.53 10.27 -47.38
CA LYS E 65 12.33 9.27 -46.70
C LYS E 65 13.72 9.26 -47.33
N THR E 66 14.73 9.66 -46.55
CA THR E 66 16.10 9.70 -47.00
C THR E 66 17.02 9.11 -45.94
N THR E 67 18.15 8.59 -46.39
CA THR E 67 19.21 8.13 -45.50
C THR E 67 20.28 9.19 -45.28
N ASP E 68 20.16 10.35 -45.92
CA ASP E 68 21.09 11.45 -45.76
C ASP E 68 20.48 12.47 -44.81
N VAL E 69 21.05 12.58 -43.60
CA VAL E 69 20.51 13.50 -42.60
C VAL E 69 20.71 14.95 -43.02
N GLU E 70 21.63 15.21 -43.95
CA GLU E 70 21.94 16.60 -44.31
C GLU E 70 20.75 17.31 -44.94
N SER E 71 19.94 16.59 -45.72
CA SER E 71 18.73 17.17 -46.28
C SER E 71 17.60 17.25 -45.27
N VAL E 72 17.74 16.61 -44.11
CA VAL E 72 16.74 16.65 -43.06
C VAL E 72 17.02 17.80 -42.09
N LEU E 73 18.30 18.12 -41.90
CA LEU E 73 18.68 19.13 -40.92
C LEU E 73 18.16 20.54 -41.20
N PRO E 74 17.89 20.97 -42.44
CA PRO E 74 17.33 22.33 -42.62
C PRO E 74 15.98 22.54 -41.96
N PHE E 75 15.23 21.47 -41.68
CA PHE E 75 13.90 21.61 -41.07
C PHE E 75 13.96 21.89 -39.59
N ARG E 76 15.13 22.25 -39.04
CA ARG E 76 15.21 22.64 -37.65
C ARG E 76 14.42 23.93 -37.40
N ASP E 77 14.53 24.89 -38.31
CA ASP E 77 13.92 26.20 -38.13
C ASP E 77 12.62 26.37 -38.92
N SER E 78 12.05 25.27 -39.43
CA SER E 78 10.80 25.35 -40.15
C SER E 78 9.69 25.84 -39.22
N SER E 79 8.92 26.83 -39.69
CA SER E 79 7.83 27.35 -38.87
C SER E 79 6.74 26.31 -38.64
N THR E 80 6.41 25.54 -39.67
CA THR E 80 5.40 24.51 -39.54
C THR E 80 5.94 23.35 -38.69
N PRO E 81 5.05 22.63 -37.99
CA PRO E 81 5.51 21.48 -37.21
C PRO E 81 6.11 20.40 -38.11
N THR E 82 7.12 19.71 -37.58
CA THR E 82 7.82 18.67 -38.32
C THR E 82 8.02 17.47 -37.42
N TRP E 83 7.87 16.27 -37.98
CA TRP E 83 8.18 15.03 -37.30
C TRP E 83 9.32 14.36 -38.05
N ILE E 84 10.47 14.25 -37.41
CA ILE E 84 11.65 13.64 -37.99
C ILE E 84 11.88 12.32 -37.29
N ASN E 85 12.21 11.27 -38.04
CA ASN E 85 12.34 9.93 -37.50
C ASN E 85 13.66 9.35 -37.97
N ILE E 86 14.64 9.25 -37.08
CA ILE E 86 15.95 8.68 -37.39
C ILE E 86 15.91 7.23 -36.91
N THR E 87 15.50 6.34 -37.81
CA THR E 87 15.53 4.92 -37.51
C THR E 87 16.96 4.41 -37.57
N GLY E 88 17.28 3.44 -36.71
CA GLY E 88 18.62 2.89 -36.69
C GLY E 88 19.63 3.86 -36.12
N ILE E 89 19.55 4.11 -34.81
CA ILE E 89 20.47 5.01 -34.12
C ILE E 89 21.86 4.41 -34.05
N HIS E 90 22.03 3.19 -34.55
CA HIS E 90 23.35 2.55 -34.53
C HIS E 90 24.39 3.35 -35.30
N ARG E 91 23.95 4.23 -36.21
CA ARG E 91 24.86 5.16 -36.89
C ARG E 91 24.95 6.41 -36.02
N THR E 92 25.98 6.45 -35.17
CA THR E 92 26.12 7.54 -34.21
C THR E 92 26.45 8.88 -34.88
N ASP E 93 26.91 8.86 -36.13
CA ASP E 93 27.27 10.10 -36.81
C ASP E 93 26.06 11.01 -36.97
N VAL E 94 24.93 10.44 -37.40
CA VAL E 94 23.74 11.27 -37.62
C VAL E 94 23.18 11.78 -36.30
N VAL E 95 23.27 10.97 -35.25
CA VAL E 95 22.79 11.42 -33.93
C VAL E 95 23.67 12.56 -33.44
N GLN E 96 24.97 12.44 -33.59
CA GLN E 96 25.87 13.52 -33.19
C GLN E 96 25.60 14.78 -34.01
N ARG E 97 25.30 14.62 -35.30
CA ARG E 97 25.05 15.78 -36.15
C ARG E 97 23.77 16.50 -35.77
N VAL E 98 22.69 15.74 -35.53
CA VAL E 98 21.44 16.37 -35.12
C VAL E 98 21.59 16.99 -33.74
N GLY E 99 22.40 16.38 -32.86
CA GLY E 99 22.69 17.02 -31.59
C GLY E 99 23.47 18.31 -31.77
N GLU E 100 24.39 18.34 -32.73
CA GLU E 100 25.19 19.53 -32.96
C GLU E 100 24.33 20.69 -33.43
N PHE E 101 23.45 20.45 -34.41
CA PHE E 101 22.54 21.52 -34.83
C PHE E 101 21.52 21.86 -33.75
N PHE E 102 20.69 20.91 -33.35
CA PHE E 102 19.55 21.23 -32.51
C PHE E 102 19.94 21.64 -31.10
N GLY E 103 21.24 21.77 -30.81
CA GLY E 103 21.65 22.15 -29.47
C GLY E 103 21.43 21.08 -28.43
N ILE E 104 21.40 19.81 -28.84
CA ILE E 104 21.12 18.72 -27.92
C ILE E 104 22.36 18.45 -27.09
N HIS E 105 22.17 18.32 -25.78
CA HIS E 105 23.28 18.11 -24.87
C HIS E 105 23.94 16.75 -25.13
N PRO E 106 25.26 16.67 -24.96
CA PRO E 106 25.94 15.37 -25.14
C PRO E 106 25.41 14.28 -24.22
N LEU E 107 25.02 14.62 -22.99
CA LEU E 107 24.41 13.63 -22.12
C LEU E 107 23.11 13.11 -22.71
N VAL E 108 22.31 14.01 -23.27
CA VAL E 108 21.06 13.61 -23.90
C VAL E 108 21.33 12.70 -25.09
N LEU E 109 22.41 12.96 -25.83
CA LEU E 109 22.75 12.10 -26.97
C LEU E 109 23.20 10.72 -26.50
N GLU E 110 23.98 10.66 -25.42
CA GLU E 110 24.32 9.36 -24.86
C GLU E 110 23.07 8.61 -24.44
N ASP E 111 22.12 9.32 -23.84
CA ASP E 111 20.85 8.69 -23.47
C ASP E 111 20.08 8.24 -24.70
N ILE E 112 20.20 8.98 -25.81
CA ILE E 112 19.65 8.51 -27.08
C ILE E 112 20.22 7.15 -27.43
N LEU E 113 21.55 7.03 -27.37
CA LEU E 113 22.20 5.80 -27.80
C LEU E 113 22.08 4.69 -26.78
N ASN E 114 22.05 5.02 -25.49
CA ASN E 114 21.97 4.00 -24.44
C ASN E 114 20.54 3.48 -24.42
N VAL E 115 20.28 2.44 -25.23
CA VAL E 115 18.95 1.85 -25.28
C VAL E 115 18.56 1.12 -24.01
N HIS E 116 19.53 0.83 -23.14
CA HIS E 116 19.24 0.24 -21.83
C HIS E 116 19.07 1.31 -20.76
N GLN E 117 18.23 2.29 -21.06
CA GLN E 117 18.01 3.43 -20.19
C GLN E 117 16.55 3.50 -19.79
N ARG E 118 16.29 3.74 -18.51
CA ARG E 118 14.92 3.76 -18.03
C ARG E 118 14.17 4.92 -18.67
N PRO E 119 12.87 4.74 -18.94
CA PRO E 119 12.07 5.83 -19.51
C PRO E 119 12.10 7.05 -18.61
N LYS E 120 12.37 8.21 -19.19
CA LYS E 120 12.46 9.40 -18.35
C LYS E 120 12.19 10.65 -19.17
N VAL E 121 11.69 11.67 -18.49
CA VAL E 121 11.40 12.97 -19.11
C VAL E 121 12.23 14.03 -18.40
N GLU E 122 12.79 14.95 -19.18
CA GLU E 122 13.53 16.06 -18.60
C GLU E 122 13.44 17.26 -19.51
N PHE E 123 13.26 18.44 -18.91
CA PHE E 123 12.99 19.66 -19.64
C PHE E 123 14.22 20.55 -19.58
N PHE E 124 14.68 21.01 -20.75
CA PHE E 124 15.75 21.97 -20.88
C PHE E 124 15.20 23.32 -21.32
N GLU E 125 16.08 24.32 -21.36
CA GLU E 125 15.67 25.65 -21.76
C GLU E 125 15.28 25.73 -23.23
N ASN E 126 15.67 24.74 -24.03
CA ASN E 126 15.40 24.77 -25.47
C ASN E 126 14.65 23.56 -25.99
N TYR E 127 14.57 22.47 -25.23
CA TYR E 127 13.89 21.28 -25.71
C TYR E 127 13.43 20.43 -24.54
N VAL E 128 12.54 19.49 -24.83
CA VAL E 128 12.02 18.53 -23.87
C VAL E 128 12.43 17.14 -24.36
N PHE E 129 13.17 16.42 -23.53
CA PHE E 129 13.77 15.14 -23.92
C PHE E 129 13.07 14.01 -23.18
N ILE E 130 12.60 13.01 -23.92
CA ILE E 130 11.78 11.95 -23.35
C ILE E 130 12.29 10.62 -23.88
N VAL E 131 12.35 9.62 -23.01
CA VAL E 131 12.79 8.27 -23.35
C VAL E 131 11.69 7.29 -22.97
N LEU E 132 11.27 6.47 -23.95
CA LEU E 132 10.27 5.44 -23.76
C LEU E 132 10.79 4.11 -24.28
N LYS E 133 10.07 3.05 -23.91
CA LYS E 133 10.29 1.72 -24.43
C LYS E 133 9.05 1.25 -25.18
N MET E 134 9.26 0.54 -26.27
CA MET E 134 8.18 -0.11 -27.01
C MET E 134 8.37 -1.61 -26.89
N PHE E 135 7.35 -2.30 -26.43
CA PHE E 135 7.43 -3.74 -26.17
C PHE E 135 6.74 -4.51 -27.29
N THR E 136 7.31 -5.64 -27.65
CA THR E 136 6.67 -6.56 -28.58
C THR E 136 6.70 -7.96 -28.01
N TYR E 137 5.63 -8.70 -28.29
CA TYR E 137 5.41 -10.04 -27.78
C TYR E 137 5.23 -10.98 -28.97
N ASP E 138 5.88 -12.13 -28.90
CA ASP E 138 5.85 -13.11 -29.98
C ASP E 138 4.99 -14.30 -29.55
N LYS E 139 4.04 -14.68 -30.40
CA LYS E 139 3.23 -15.85 -30.13
C LYS E 139 4.04 -17.12 -30.37
N ASN E 140 3.53 -18.23 -29.82
CA ASN E 140 4.19 -19.53 -29.74
C ASN E 140 5.42 -19.50 -28.85
N LEU E 141 5.74 -18.35 -28.26
CA LEU E 141 6.84 -18.21 -27.31
C LEU E 141 6.41 -17.21 -26.25
N HIS E 142 7.25 -17.07 -25.22
CA HIS E 142 7.00 -16.12 -24.14
C HIS E 142 8.27 -15.31 -23.90
N GLU E 143 8.43 -14.23 -24.66
CA GLU E 143 9.60 -13.37 -24.51
C GLU E 143 9.21 -11.94 -24.88
N LEU E 144 9.50 -11.01 -23.98
CA LEU E 144 9.34 -9.59 -24.23
C LEU E 144 10.57 -9.08 -24.97
N GLU E 145 10.35 -8.34 -26.06
CA GLU E 145 11.45 -7.68 -26.75
C GLU E 145 11.21 -6.17 -26.69
N SER E 146 12.21 -5.44 -26.25
CA SER E 146 12.08 -4.02 -25.98
C SER E 146 12.93 -3.20 -26.94
N GLU E 147 12.36 -2.11 -27.44
CA GLU E 147 13.04 -1.20 -28.34
C GLU E 147 12.92 0.21 -27.77
N GLN E 148 14.06 0.86 -27.55
CA GLN E 148 14.04 2.18 -26.96
C GLN E 148 13.74 3.23 -28.02
N VAL E 149 12.72 4.05 -27.76
CA VAL E 149 12.40 5.19 -28.61
C VAL E 149 12.65 6.47 -27.81
N SER E 150 13.53 7.31 -28.33
CA SER E 150 13.94 8.52 -27.63
C SER E 150 13.55 9.72 -28.48
N LEU E 151 12.70 10.58 -27.95
CA LEU E 151 12.11 11.65 -28.71
C LEU E 151 12.28 12.99 -28.00
N ILE E 152 12.64 14.00 -28.79
CA ILE E 152 12.97 15.33 -28.29
C ILE E 152 12.09 16.34 -29.00
N LEU E 153 11.35 17.13 -28.22
CA LEU E 153 10.53 18.23 -28.75
C LEU E 153 11.33 19.51 -28.65
N THR E 154 11.68 20.08 -29.79
CA THR E 154 12.51 21.28 -29.85
C THR E 154 12.04 22.19 -30.99
N LYS E 155 11.79 23.45 -30.66
CA LYS E 155 11.49 24.50 -31.63
C LYS E 155 10.48 24.03 -32.67
N ASN E 156 9.26 23.78 -32.19
CA ASN E 156 8.13 23.29 -32.95
C ASN E 156 8.50 22.17 -33.92
N CYS E 157 9.42 21.29 -33.49
CA CYS E 157 9.77 20.09 -34.23
C CYS E 157 9.90 18.95 -33.22
N VAL E 158 9.73 17.72 -33.70
CA VAL E 158 9.83 16.54 -32.86
C VAL E 158 10.77 15.56 -33.52
N LEU E 159 11.92 15.33 -32.90
CA LEU E 159 12.86 14.31 -33.35
C LEU E 159 12.57 13.00 -32.63
N MET E 160 12.62 11.90 -33.38
CA MET E 160 12.41 10.56 -32.86
C MET E 160 13.61 9.71 -33.22
N PHE E 161 14.04 8.87 -32.28
CA PHE E 161 15.22 8.03 -32.46
C PHE E 161 14.84 6.60 -32.10
N GLN E 162 14.95 5.69 -33.06
CA GLN E 162 14.60 4.30 -32.89
C GLN E 162 15.74 3.43 -33.38
N GLU E 163 15.64 2.13 -33.14
CA GLU E 163 16.67 1.19 -33.54
C GLU E 163 16.18 0.12 -34.50
N LYS E 164 14.88 0.01 -34.75
CA LYS E 164 14.36 -0.93 -35.73
C LYS E 164 13.43 -0.20 -36.68
N ILE E 165 13.44 -0.62 -37.95
CA ILE E 165 12.41 -0.17 -38.87
C ILE E 165 11.06 -0.70 -38.39
N GLY E 166 10.02 0.09 -38.60
CA GLY E 166 8.70 -0.30 -38.13
C GLY E 166 8.50 0.03 -36.66
N ASP E 167 7.36 0.64 -36.34
CA ASP E 167 7.09 1.11 -35.00
C ASP E 167 5.59 1.02 -34.76
N VAL E 168 5.12 1.71 -33.72
CA VAL E 168 3.73 1.66 -33.31
C VAL E 168 2.99 2.94 -33.66
N PHE E 169 3.65 3.87 -34.35
CA PHE E 169 3.08 5.17 -34.65
C PHE E 169 2.44 5.24 -36.03
N ASP E 170 2.18 4.09 -36.66
CA ASP E 170 1.48 4.09 -37.94
C ASP E 170 0.14 4.81 -37.89
N PRO E 171 -0.71 4.64 -36.85
CA PRO E 171 -1.94 5.44 -36.82
C PRO E 171 -1.69 6.94 -36.86
N VAL E 172 -0.65 7.42 -36.16
CA VAL E 172 -0.33 8.85 -36.20
C VAL E 172 0.10 9.25 -37.61
N ARG E 173 0.89 8.39 -38.26
CA ARG E 173 1.31 8.69 -39.63
C ARG E 173 0.11 8.82 -40.56
N GLU E 174 -0.84 7.88 -40.45
CA GLU E 174 -2.03 7.94 -41.30
C GLU E 174 -2.87 9.17 -40.99
N ARG E 175 -3.01 9.50 -39.70
CA ARG E 175 -3.80 10.66 -39.32
C ARG E 175 -3.19 11.94 -39.88
N ILE E 176 -1.87 12.07 -39.80
CA ILE E 176 -1.21 13.23 -40.39
C ILE E 176 -1.36 13.22 -41.90
N ARG E 177 -1.30 12.04 -42.52
CA ARG E 177 -1.37 11.97 -43.98
C ARG E 177 -2.74 12.38 -44.51
N TYR E 178 -3.81 11.94 -43.86
CA TYR E 178 -5.15 12.10 -44.41
C TYR E 178 -6.01 13.09 -43.63
N ASN E 179 -5.38 14.06 -42.99
CA ASN E 179 -6.06 15.17 -42.32
C ASN E 179 -7.11 14.70 -41.32
N ARG E 180 -6.87 13.54 -40.71
CA ARG E 180 -7.80 13.00 -39.72
C ARG E 180 -7.42 13.46 -38.33
N GLY E 181 -8.43 13.74 -37.51
CA GLY E 181 -8.20 14.24 -36.17
C GLY E 181 -7.85 15.71 -36.18
N ILE E 182 -7.57 16.22 -34.98
CA ILE E 182 -7.22 17.62 -34.80
C ILE E 182 -5.71 17.84 -34.80
N ILE E 183 -4.93 16.82 -35.18
CA ILE E 183 -3.48 16.94 -35.14
C ILE E 183 -3.01 17.99 -36.14
N ARG E 184 -3.65 18.07 -37.30
CA ARG E 184 -3.19 18.99 -38.33
C ARG E 184 -3.34 20.44 -37.89
N LYS E 185 -4.43 20.76 -37.19
CA LYS E 185 -4.67 22.11 -36.72
C LYS E 185 -3.73 22.53 -35.60
N LYS E 186 -2.97 21.60 -35.04
CA LYS E 186 -2.19 21.84 -33.83
C LYS E 186 -0.69 21.85 -34.12
N ARG E 187 0.07 22.24 -33.11
CA ARG E 187 1.52 22.42 -33.21
C ARG E 187 2.24 21.15 -32.77
N ALA E 188 3.55 21.27 -32.56
CA ALA E 188 4.38 20.10 -32.24
C ALA E 188 4.07 19.50 -30.87
N ASP E 189 3.49 20.28 -29.96
CA ASP E 189 3.10 19.71 -28.67
C ASP E 189 2.05 18.61 -28.85
N TYR E 190 1.09 18.84 -29.73
CA TYR E 190 0.11 17.80 -30.02
C TYR E 190 0.75 16.62 -30.73
N LEU E 191 1.81 16.85 -31.50
CA LEU E 191 2.55 15.74 -32.09
C LEU E 191 3.19 14.90 -31.01
N LEU E 192 3.79 15.56 -30.01
CA LEU E 192 4.30 14.86 -28.83
C LEU E 192 3.22 14.00 -28.19
N TYR E 193 2.05 14.61 -27.96
CA TYR E 193 0.96 13.88 -27.34
C TYR E 193 0.53 12.69 -28.19
N SER E 194 0.45 12.88 -29.51
CA SER E 194 -0.02 11.81 -30.40
C SER E 194 0.95 10.65 -30.38
N LEU E 195 2.25 10.93 -30.43
CA LEU E 195 3.24 9.86 -30.41
C LEU E 195 3.18 9.08 -29.09
N ILE E 196 3.15 9.80 -27.96
CA ILE E 196 3.08 9.11 -26.68
C ILE E 196 1.78 8.33 -26.56
N ASP E 197 0.70 8.86 -27.11
CA ASP E 197 -0.58 8.18 -27.07
C ASP E 197 -0.56 6.89 -27.86
N ALA E 198 0.06 6.90 -29.04
CA ALA E 198 0.19 5.68 -29.82
C ALA E 198 1.01 4.64 -29.07
N LEU E 199 2.08 5.09 -28.43
CA LEU E 199 2.91 4.16 -27.67
C LEU E 199 2.14 3.54 -26.50
N VAL E 200 1.36 4.35 -25.78
CA VAL E 200 0.59 3.83 -24.67
C VAL E 200 -0.51 2.90 -25.17
N ASP E 201 -1.10 3.20 -26.34
CA ASP E 201 -2.08 2.29 -26.92
C ASP E 201 -1.44 0.94 -27.24
N ASP E 202 -0.20 0.95 -27.74
CA ASP E 202 0.47 -0.32 -27.97
C ASP E 202 0.76 -1.04 -26.65
N TYR E 203 0.99 -0.30 -25.57
CA TYR E 203 1.03 -0.95 -24.26
C TYR E 203 -0.29 -1.62 -23.91
N PHE E 204 -1.43 -0.98 -24.22
CA PHE E 204 -2.70 -1.66 -23.98
C PHE E 204 -2.80 -2.94 -24.80
N VAL E 205 -2.35 -2.91 -26.05
CA VAL E 205 -2.35 -4.12 -26.88
C VAL E 205 -1.48 -5.20 -26.24
N LEU E 206 -0.30 -4.80 -25.76
CA LEU E 206 0.61 -5.76 -25.12
C LEU E 206 -0.02 -6.36 -23.87
N LEU E 207 -0.68 -5.54 -23.05
CA LEU E 207 -1.33 -6.05 -21.86
C LEU E 207 -2.50 -6.97 -22.20
N GLU E 208 -3.16 -6.73 -23.33
CA GLU E 208 -4.17 -7.68 -23.80
C GLU E 208 -3.54 -9.03 -24.13
N LYS E 209 -2.39 -9.01 -24.79
CA LYS E 209 -1.69 -10.27 -25.07
C LYS E 209 -1.27 -10.97 -23.78
N ILE E 210 -0.76 -10.20 -22.82
CA ILE E 210 -0.36 -10.76 -21.54
C ILE E 210 -1.55 -11.35 -20.82
N ASP E 211 -2.71 -10.71 -20.94
CA ASP E 211 -3.94 -11.24 -20.33
C ASP E 211 -4.34 -12.55 -20.98
N ASP E 212 -4.19 -12.66 -22.30
CA ASP E 212 -4.47 -13.93 -22.97
C ASP E 212 -3.55 -15.02 -22.46
N GLU E 213 -2.27 -14.71 -22.30
CA GLU E 213 -1.34 -15.69 -21.73
C GLU E 213 -1.72 -16.05 -20.30
N ILE E 214 -2.19 -15.06 -19.53
CA ILE E 214 -2.65 -15.31 -18.18
C ILE E 214 -3.79 -16.31 -18.17
N ASP E 215 -4.77 -16.10 -19.06
CA ASP E 215 -5.92 -16.99 -19.12
C ASP E 215 -5.51 -18.40 -19.53
N VAL E 216 -4.59 -18.51 -20.50
CA VAL E 216 -4.13 -19.83 -20.94
C VAL E 216 -3.43 -20.55 -19.79
N LEU E 217 -2.53 -19.85 -19.09
CA LEU E 217 -1.82 -20.49 -17.99
C LEU E 217 -2.76 -20.82 -16.84
N GLU E 218 -3.78 -20.00 -16.61
CA GLU E 218 -4.73 -20.28 -15.54
C GLU E 218 -5.53 -21.54 -15.83
N GLU E 219 -6.06 -21.66 -17.05
CA GLU E 219 -6.79 -22.88 -17.37
C GLU E 219 -5.87 -24.09 -17.35
N GLU E 220 -4.59 -23.90 -17.72
CA GLU E 220 -3.64 -25.00 -17.66
C GLU E 220 -3.42 -25.47 -16.23
N VAL E 221 -3.18 -24.54 -15.31
CA VAL E 221 -2.89 -24.93 -13.93
C VAL E 221 -4.15 -25.51 -13.27
N LEU E 222 -5.33 -24.99 -13.60
CA LEU E 222 -6.55 -25.50 -12.99
C LEU E 222 -6.97 -26.85 -13.58
N GLU E 223 -6.60 -27.13 -14.83
CA GLU E 223 -7.03 -28.34 -15.49
C GLU E 223 -5.99 -29.45 -15.47
N ARG E 224 -4.71 -29.11 -15.61
CA ARG E 224 -3.64 -30.12 -15.64
C ARG E 224 -2.33 -29.49 -15.16
N PRO E 225 -2.01 -29.63 -13.88
CA PRO E 225 -0.72 -29.14 -13.38
C PRO E 225 0.38 -30.18 -13.55
N GLU E 226 1.55 -29.71 -13.99
CA GLU E 226 2.69 -30.57 -14.22
C GLU E 226 3.95 -29.85 -13.74
N LYS E 227 5.11 -30.36 -14.13
CA LYS E 227 6.39 -29.80 -13.73
C LYS E 227 6.90 -28.72 -14.70
N GLU E 228 6.19 -28.49 -15.81
CA GLU E 228 6.54 -27.42 -16.72
C GLU E 228 5.67 -26.18 -16.57
N THR E 229 4.47 -26.33 -15.99
CA THR E 229 3.65 -25.16 -15.76
C THR E 229 4.29 -24.23 -14.73
N VAL E 230 5.14 -24.75 -13.85
CA VAL E 230 5.82 -23.90 -12.89
C VAL E 230 6.85 -23.01 -13.57
N GLN E 231 7.60 -23.56 -14.54
CA GLN E 231 8.54 -22.72 -15.26
C GLN E 231 7.83 -21.77 -16.20
N ARG E 232 6.67 -22.18 -16.75
CA ARG E 232 5.87 -21.24 -17.52
C ARG E 232 5.40 -20.07 -16.64
N THR E 233 4.94 -20.37 -15.43
CA THR E 233 4.53 -19.32 -14.50
C THR E 233 5.71 -18.43 -14.13
N HIS E 234 6.88 -19.02 -13.93
CA HIS E 234 8.06 -18.23 -13.59
C HIS E 234 8.44 -17.29 -14.73
N GLN E 235 8.40 -17.78 -15.97
CA GLN E 235 8.69 -16.93 -17.11
C GLN E 235 7.69 -15.79 -17.23
N LEU E 236 6.40 -16.10 -17.00
CA LEU E 236 5.38 -15.06 -17.05
C LEU E 236 5.59 -14.03 -15.94
N LYS E 237 5.98 -14.48 -14.75
CA LYS E 237 6.26 -13.56 -13.66
C LYS E 237 7.47 -12.67 -13.97
N ARG E 238 8.50 -13.24 -14.60
CA ARG E 238 9.64 -12.42 -15.01
C ARG E 238 9.22 -11.37 -16.03
N ASN E 239 8.37 -11.76 -16.98
CA ASN E 239 7.84 -10.79 -17.93
C ASN E 239 7.08 -9.69 -17.21
N LEU E 240 6.29 -10.04 -16.20
CA LEU E 240 5.52 -9.04 -15.47
C LEU E 240 6.41 -8.10 -14.68
N VAL E 241 7.48 -8.61 -14.07
CA VAL E 241 8.37 -7.72 -13.32
C VAL E 241 9.12 -6.79 -14.26
N GLU E 242 9.49 -7.29 -15.45
CA GLU E 242 10.07 -6.41 -16.46
C GLU E 242 9.09 -5.31 -16.86
N LEU E 243 7.82 -5.70 -17.06
CA LEU E 243 6.79 -4.72 -17.39
C LEU E 243 6.64 -3.68 -16.30
N ARG E 244 6.66 -4.10 -15.03
CA ARG E 244 6.58 -3.16 -13.92
C ARG E 244 7.76 -2.19 -13.93
N LYS E 245 8.97 -2.74 -14.10
CA LYS E 245 10.18 -1.92 -14.10
C LYS E 245 10.17 -0.91 -15.24
N THR E 246 9.49 -1.22 -16.35
CA THR E 246 9.41 -0.27 -17.44
C THR E 246 8.21 0.67 -17.32
N ILE E 247 7.15 0.26 -16.63
CA ILE E 247 5.91 1.01 -16.64
C ILE E 247 5.80 2.01 -15.49
N TRP E 248 6.40 1.74 -14.33
CA TRP E 248 6.44 2.78 -13.31
C TRP E 248 7.20 4.03 -13.78
N PRO E 249 8.35 3.93 -14.45
CA PRO E 249 8.92 5.13 -15.08
C PRO E 249 8.00 5.78 -16.09
N LEU E 250 7.15 5.00 -16.77
CA LEU E 250 6.12 5.59 -17.63
C LEU E 250 5.22 6.51 -16.85
N ARG E 251 4.75 6.06 -15.67
CA ARG E 251 3.90 6.91 -14.85
C ARG E 251 4.64 8.16 -14.41
N GLU E 252 5.90 8.01 -14.00
CA GLU E 252 6.67 9.18 -13.61
C GLU E 252 6.81 10.16 -14.76
N VAL E 253 7.09 9.65 -15.96
CA VAL E 253 7.26 10.51 -17.13
C VAL E 253 5.99 11.30 -17.41
N LEU E 254 4.85 10.60 -17.44
CA LEU E 254 3.62 11.27 -17.83
C LEU E 254 3.13 12.22 -16.75
N SER E 255 3.33 11.86 -15.47
CA SER E 255 2.99 12.78 -14.40
C SER E 255 3.82 14.04 -14.49
N SER E 256 5.12 13.91 -14.75
CA SER E 256 5.96 15.09 -14.91
C SER E 256 5.57 15.90 -16.14
N LEU E 257 5.13 15.23 -17.20
CA LEU E 257 4.69 15.95 -18.40
C LEU E 257 3.45 16.78 -18.11
N TYR E 258 2.50 16.23 -17.35
CA TYR E 258 1.32 17.02 -16.98
C TYR E 258 1.60 17.97 -15.82
N ARG E 259 2.07 17.45 -14.69
CA ARG E 259 2.34 18.29 -13.54
C ARG E 259 3.44 19.29 -13.88
N ASP E 260 3.12 20.58 -13.72
CA ASP E 260 3.98 21.69 -14.14
C ASP E 260 4.10 21.73 -15.65
N VAL E 261 3.91 22.91 -16.23
CA VAL E 261 3.92 23.05 -17.69
C VAL E 261 5.17 23.80 -18.13
N PRO E 262 6.09 23.14 -18.85
CA PRO E 262 7.25 23.84 -19.38
C PRO E 262 6.83 24.83 -20.46
N PRO E 263 7.66 25.83 -20.74
CA PRO E 263 7.33 26.79 -21.81
C PRO E 263 7.15 26.13 -23.16
N LEU E 264 7.86 25.02 -23.42
CA LEU E 264 7.72 24.35 -24.71
C LEU E 264 6.32 23.80 -24.91
N ILE E 265 5.72 23.25 -23.87
CA ILE E 265 4.37 22.70 -23.95
C ILE E 265 3.36 23.83 -23.76
N GLU E 266 2.38 23.91 -24.65
CA GLU E 266 1.34 24.91 -24.57
C GLU E 266 0.17 24.38 -23.76
N LYS E 267 -0.52 25.31 -23.08
CA LYS E 267 -1.62 24.92 -22.21
C LYS E 267 -2.74 24.22 -22.98
N GLU E 268 -2.93 24.60 -24.25
CA GLU E 268 -4.03 24.05 -25.04
C GLU E 268 -3.96 22.52 -25.10
N THR E 269 -2.76 21.96 -25.18
CA THR E 269 -2.58 20.53 -25.25
C THR E 269 -2.33 19.88 -23.90
N VAL E 270 -2.25 20.67 -22.82
CA VAL E 270 -1.96 20.09 -21.51
C VAL E 270 -3.02 19.10 -21.05
N PRO E 271 -4.32 19.36 -21.18
CA PRO E 271 -5.31 18.35 -20.78
C PRO E 271 -5.17 17.04 -21.52
N TYR E 272 -4.77 17.08 -22.79
CA TYR E 272 -4.63 15.84 -23.56
C TYR E 272 -3.65 14.88 -22.89
N PHE E 273 -2.55 15.42 -22.34
CA PHE E 273 -1.60 14.57 -21.63
C PHE E 273 -2.26 13.82 -20.48
N ARG E 274 -3.20 14.46 -19.78
CA ARG E 274 -3.92 13.76 -18.73
C ARG E 274 -4.46 12.43 -19.25
N ASP E 275 -5.05 12.45 -20.44
CA ASP E 275 -5.53 11.22 -21.05
C ASP E 275 -4.48 10.13 -20.97
N VAL E 276 -3.33 10.35 -21.59
CA VAL E 276 -2.32 9.30 -21.60
C VAL E 276 -1.84 9.04 -20.18
N TYR E 277 -1.72 10.09 -19.37
CA TYR E 277 -1.37 9.88 -17.97
C TYR E 277 -2.37 8.94 -17.31
N ASP E 278 -3.66 9.23 -17.45
CA ASP E 278 -4.66 8.32 -16.91
C ASP E 278 -4.46 6.92 -17.46
N HIS E 279 -4.22 6.83 -18.77
CA HIS E 279 -3.98 5.53 -19.38
C HIS E 279 -2.85 4.81 -18.67
N THR E 280 -1.73 5.52 -18.45
CA THR E 280 -0.60 4.89 -17.77
C THR E 280 -1.03 4.34 -16.42
N ILE E 281 -1.80 5.12 -15.66
CA ILE E 281 -2.27 4.65 -14.36
C ILE E 281 -3.02 3.34 -14.52
N GLN E 282 -3.97 3.31 -15.46
CA GLN E 282 -4.71 2.09 -15.71
C GLN E 282 -3.75 0.94 -15.99
N ILE E 283 -2.77 1.19 -16.86
CA ILE E 283 -1.82 0.15 -17.22
C ILE E 283 -1.17 -0.40 -15.96
N ALA E 284 -0.67 0.49 -15.11
CA ALA E 284 -0.04 0.06 -13.87
C ALA E 284 -0.99 -0.82 -13.08
N ASP E 285 -2.21 -0.35 -12.86
CA ASP E 285 -3.20 -1.14 -12.14
C ASP E 285 -3.32 -2.51 -12.77
N THR E 286 -3.55 -2.54 -14.09
CA THR E 286 -3.68 -3.82 -14.77
C THR E 286 -2.47 -4.68 -14.53
N VAL E 287 -1.28 -4.11 -14.73
CA VAL E 287 -0.05 -4.87 -14.51
C VAL E 287 0.00 -5.37 -13.07
N GLU E 288 -0.29 -4.47 -12.13
CA GLU E 288 -0.33 -4.88 -10.73
C GLU E 288 -1.27 -6.06 -10.56
N THR E 289 -2.48 -5.95 -11.11
CA THR E 289 -3.43 -7.03 -11.03
C THR E 289 -2.85 -8.30 -11.61
N PHE E 290 -2.23 -8.20 -12.79
CA PHE E 290 -1.63 -9.37 -13.42
C PHE E 290 -0.64 -10.02 -12.47
N ARG E 291 0.20 -9.21 -11.82
CA ARG E 291 1.15 -9.75 -10.85
C ARG E 291 0.43 -10.58 -9.82
N ASP E 292 -0.62 -10.01 -9.21
CA ASP E 292 -1.38 -10.75 -8.22
C ASP E 292 -1.83 -12.09 -8.78
N ILE E 293 -2.42 -12.07 -9.99
CA ILE E 293 -2.92 -13.30 -10.58
C ILE E 293 -1.82 -14.33 -10.65
N VAL E 294 -0.65 -13.91 -11.14
CA VAL E 294 0.46 -14.86 -11.28
C VAL E 294 0.79 -15.48 -9.94
N SER E 295 0.87 -14.65 -8.89
CA SER E 295 1.13 -15.17 -7.56
C SER E 295 0.08 -16.20 -7.19
N GLY E 296 -1.19 -15.86 -7.40
CA GLY E 296 -2.25 -16.82 -7.13
C GLY E 296 -2.06 -18.10 -7.91
N LEU E 297 -1.66 -17.97 -9.18
CA LEU E 297 -1.35 -19.15 -9.98
C LEU E 297 -0.30 -19.99 -9.28
N LEU E 298 0.82 -19.38 -8.88
CA LEU E 298 1.81 -20.13 -8.12
C LEU E 298 1.14 -20.77 -6.92
N ASP E 299 0.38 -19.96 -6.16
CA ASP E 299 -0.30 -20.45 -4.98
C ASP E 299 -1.17 -21.65 -5.33
N VAL E 300 -1.98 -21.55 -6.39
CA VAL E 300 -2.90 -22.65 -6.65
C VAL E 300 -2.12 -23.91 -6.96
N TYR E 301 -1.01 -23.79 -7.69
CA TYR E 301 -0.18 -24.96 -7.93
C TYR E 301 0.26 -25.57 -6.62
N LEU E 302 0.76 -24.74 -5.71
CA LEU E 302 1.12 -25.23 -4.39
C LEU E 302 -0.06 -25.96 -3.77
N SER E 303 -1.22 -25.30 -3.75
CA SER E 303 -2.41 -25.95 -3.20
C SER E 303 -2.59 -27.31 -3.85
N SER E 304 -2.55 -27.34 -5.18
CA SER E 304 -2.75 -28.58 -5.90
C SER E 304 -1.87 -29.67 -5.32
N VAL E 305 -0.55 -29.43 -5.30
CA VAL E 305 0.34 -30.52 -4.92
C VAL E 305 0.03 -30.97 -3.49
N SER E 306 -0.19 -30.01 -2.59
CA SER E 306 -0.55 -30.38 -1.23
C SER E 306 -1.78 -31.25 -1.23
N ASN E 307 -2.86 -30.78 -1.87
CA ASN E 307 -4.06 -31.59 -1.96
C ASN E 307 -3.75 -32.91 -2.65
N LYS E 308 -2.99 -32.86 -3.74
CA LYS E 308 -2.62 -34.08 -4.43
C LYS E 308 -1.87 -35.00 -3.48
N THR E 309 -0.91 -34.44 -2.73
CA THR E 309 -0.19 -35.23 -1.74
C THR E 309 -1.18 -35.92 -0.81
N ASN E 310 -2.13 -35.16 -0.27
CA ASN E 310 -3.10 -35.74 0.64
C ASN E 310 -3.75 -36.97 0.01
N GLU E 311 -4.24 -36.83 -1.22
CA GLU E 311 -4.92 -37.93 -1.87
C GLU E 311 -4.03 -39.17 -1.88
N VAL E 312 -2.79 -39.00 -2.32
CA VAL E 312 -1.88 -40.14 -2.40
C VAL E 312 -1.78 -40.82 -1.06
N MET E 313 -1.53 -40.03 0.00
CA MET E 313 -1.29 -40.64 1.29
C MET E 313 -2.54 -41.37 1.78
N LYS E 314 -3.71 -40.85 1.43
CA LYS E 314 -4.94 -41.53 1.80
C LYS E 314 -4.89 -42.97 1.32
N VAL E 315 -4.55 -43.18 0.05
CA VAL E 315 -4.40 -44.55 -0.44
C VAL E 315 -3.36 -45.28 0.39
N LEU E 316 -2.18 -44.67 0.55
CA LEU E 316 -1.11 -45.31 1.30
C LEU E 316 -1.52 -45.58 2.74
N THR E 317 -2.51 -44.85 3.26
CA THR E 317 -3.01 -45.17 4.59
C THR E 317 -4.09 -46.24 4.50
N ILE E 318 -5.03 -46.08 3.57
CA ILE E 318 -6.20 -46.96 3.54
C ILE E 318 -5.77 -48.40 3.31
N ILE E 319 -4.81 -48.62 2.41
CA ILE E 319 -4.26 -49.96 2.24
C ILE E 319 -3.58 -50.41 3.53
N ALA E 320 -2.70 -49.58 4.07
CA ALA E 320 -1.94 -49.96 5.26
C ALA E 320 -2.88 -50.35 6.39
N THR E 321 -3.67 -49.38 6.86
CA THR E 321 -4.64 -49.63 7.93
C THR E 321 -5.47 -50.88 7.67
N ILE E 322 -5.71 -51.21 6.40
CA ILE E 322 -6.41 -52.44 6.10
C ILE E 322 -5.46 -53.63 6.19
N PHE E 323 -4.42 -53.63 5.36
CA PHE E 323 -3.64 -54.84 5.13
C PHE E 323 -2.50 -55.02 6.12
N MET E 324 -1.92 -53.94 6.65
CA MET E 324 -0.87 -54.11 7.66
C MET E 324 -1.39 -54.82 8.90
N PRO E 325 -2.58 -54.48 9.46
CA PRO E 325 -3.15 -55.33 10.51
C PRO E 325 -3.57 -56.70 9.97
N LEU E 326 -4.15 -56.72 8.77
CA LEU E 326 -4.69 -57.96 8.23
C LEU E 326 -3.60 -59.02 8.11
N THR E 327 -2.50 -58.67 7.43
CA THR E 327 -1.35 -59.58 7.35
C THR E 327 -0.89 -60.00 8.74
N PHE E 328 -1.02 -59.09 9.71
CA PHE E 328 -0.71 -59.43 11.09
C PHE E 328 -1.39 -60.72 11.53
N ILE E 329 -2.70 -60.83 11.31
CA ILE E 329 -3.37 -62.06 11.70
C ILE E 329 -2.82 -63.21 10.88
N ALA E 330 -2.63 -62.99 9.58
CA ALA E 330 -2.05 -64.02 8.71
C ALA E 330 -0.65 -64.40 9.16
N GLY E 331 -0.02 -63.56 9.99
CA GLY E 331 1.21 -63.96 10.64
C GLY E 331 0.96 -64.58 11.99
N ILE E 332 0.14 -63.93 12.81
CA ILE E 332 0.04 -64.35 14.21
C ILE E 332 -0.64 -65.71 14.31
N TYR E 333 -1.44 -66.07 13.31
CA TYR E 333 -2.07 -67.38 13.26
C TYR E 333 -1.41 -68.28 12.22
N GLY E 334 -0.15 -68.02 11.91
CA GLY E 334 0.55 -68.80 10.91
C GLY E 334 1.99 -69.11 11.28
N MET E 335 2.30 -69.07 12.57
CA MET E 335 3.66 -69.35 13.02
C MET E 335 3.92 -70.85 13.02
N ASN E 336 5.12 -71.24 13.43
CA ASN E 336 5.53 -72.63 13.51
C ASN E 336 5.27 -73.24 14.88
N PHE E 337 4.34 -72.67 15.66
CA PHE E 337 4.04 -73.23 16.97
C PHE E 337 3.47 -74.63 16.85
N GLU E 338 3.93 -75.52 17.72
CA GLU E 338 3.51 -76.91 17.70
C GLU E 338 2.35 -77.12 18.67
N TYR E 339 1.28 -77.73 18.17
CA TYR E 339 0.08 -78.02 18.97
C TYR E 339 -0.50 -76.76 19.60
N MET E 340 -0.55 -75.68 18.83
CA MET E 340 -1.11 -74.43 19.34
C MET E 340 -2.62 -74.57 19.55
N PRO E 341 -3.19 -73.81 20.48
CA PRO E 341 -4.59 -74.08 20.89
C PRO E 341 -5.61 -73.73 19.82
N GLU E 342 -5.35 -72.72 18.99
CA GLU E 342 -6.34 -72.30 18.00
C GLU E 342 -6.52 -73.32 16.88
N LEU E 343 -5.64 -74.32 16.79
CA LEU E 343 -5.87 -75.44 15.91
C LEU E 343 -7.16 -76.15 16.32
N ARG E 344 -7.81 -76.80 15.34
CA ARG E 344 -9.07 -77.52 15.48
C ARG E 344 -10.25 -76.58 15.28
N TRP E 345 -10.85 -76.12 16.37
CA TRP E 345 -12.00 -75.21 16.33
C TRP E 345 -13.08 -75.74 15.38
N LYS E 346 -13.67 -74.86 14.58
CA LYS E 346 -14.56 -75.30 13.52
C LYS E 346 -13.77 -76.12 12.52
N TRP E 347 -12.85 -75.47 11.81
CA TRP E 347 -11.79 -76.12 11.06
C TRP E 347 -10.44 -75.49 11.29
N GLY E 348 -10.37 -74.17 11.47
CA GLY E 348 -9.12 -73.49 11.73
C GLY E 348 -8.76 -72.46 10.68
N TYR E 349 -8.99 -72.78 9.41
CA TYR E 349 -8.73 -71.84 8.33
C TYR E 349 -9.85 -70.82 8.15
N PRO E 350 -11.11 -71.23 7.94
CA PRO E 350 -12.14 -70.23 7.62
C PRO E 350 -12.73 -69.54 8.84
N VAL E 351 -12.47 -70.03 10.04
CA VAL E 351 -12.99 -69.38 11.24
C VAL E 351 -12.38 -67.99 11.41
N VAL E 352 -11.11 -67.84 11.04
CA VAL E 352 -10.45 -66.55 11.18
C VAL E 352 -10.80 -65.63 10.03
N LEU E 353 -11.22 -66.18 8.89
CA LEU E 353 -11.51 -65.34 7.73
C LEU E 353 -12.69 -64.42 7.98
N ALA E 354 -13.67 -64.87 8.77
CA ALA E 354 -14.76 -63.99 9.15
C ALA E 354 -14.26 -62.80 9.96
N VAL E 355 -13.32 -63.04 10.87
CA VAL E 355 -12.70 -61.94 11.62
C VAL E 355 -11.96 -61.01 10.67
N MET E 356 -11.24 -61.59 9.70
CA MET E 356 -10.52 -60.78 8.73
C MET E 356 -11.47 -59.85 7.99
N GLY E 357 -12.59 -60.42 7.52
CA GLY E 357 -13.55 -59.63 6.77
C GLY E 357 -14.22 -58.56 7.62
N VAL E 358 -14.58 -58.90 8.86
CA VAL E 358 -15.28 -57.91 9.69
C VAL E 358 -14.35 -56.78 10.08
N ILE E 359 -13.07 -57.06 10.36
CA ILE E 359 -12.16 -55.97 10.69
C ILE E 359 -11.87 -55.13 9.45
N ALA E 360 -11.77 -55.75 8.28
CA ALA E 360 -11.60 -54.98 7.05
C ALA E 360 -12.80 -54.09 6.80
N VAL E 361 -14.01 -54.61 7.03
CA VAL E 361 -15.22 -53.82 6.86
C VAL E 361 -15.28 -52.70 7.88
N ILE E 362 -14.80 -52.94 9.09
CA ILE E 362 -14.73 -51.89 10.10
C ILE E 362 -13.82 -50.76 9.62
N MET E 363 -12.66 -51.11 9.07
CA MET E 363 -11.76 -50.08 8.53
C MET E 363 -12.41 -49.35 7.36
N VAL E 364 -13.10 -50.08 6.49
CA VAL E 364 -13.74 -49.46 5.33
C VAL E 364 -14.81 -48.46 5.78
N VAL E 365 -15.62 -48.85 6.78
CA VAL E 365 -16.64 -47.95 7.30
C VAL E 365 -16.00 -46.74 7.99
N TYR E 366 -14.89 -46.97 8.70
CA TYR E 366 -14.18 -45.87 9.35
C TYR E 366 -13.74 -44.83 8.30
N PHE E 367 -13.11 -45.29 7.23
CA PHE E 367 -12.63 -44.37 6.21
C PHE E 367 -13.76 -43.82 5.35
N LYS E 368 -14.90 -44.50 5.29
CA LYS E 368 -16.05 -43.95 4.59
C LYS E 368 -16.69 -42.81 5.38
N LYS E 369 -16.86 -43.00 6.70
CA LYS E 369 -17.44 -41.93 7.51
C LYS E 369 -16.47 -40.77 7.66
N LYS E 370 -15.16 -41.05 7.65
CA LYS E 370 -14.18 -39.98 7.57
C LYS E 370 -14.03 -39.43 6.15
N LYS E 371 -14.62 -40.10 5.16
CA LYS E 371 -14.61 -39.66 3.76
C LYS E 371 -13.19 -39.64 3.18
N TRP E 372 -12.43 -40.71 3.43
CA TRP E 372 -11.10 -40.85 2.86
C TRP E 372 -11.08 -41.95 1.81
N GLU F 4 -8.38 12.39 -57.07
CA GLU F 4 -8.56 10.98 -57.43
C GLU F 4 -9.95 10.49 -57.08
N VAL F 5 -10.34 10.70 -55.82
CA VAL F 5 -11.67 10.29 -55.37
C VAL F 5 -12.72 11.17 -56.03
N GLN F 6 -13.77 10.53 -56.56
CA GLN F 6 -14.81 11.26 -57.26
C GLN F 6 -16.07 10.40 -57.32
N LEU F 7 -17.21 11.06 -57.20
CA LEU F 7 -18.52 10.44 -57.34
C LEU F 7 -19.15 10.94 -58.63
N VAL F 8 -19.86 10.05 -59.33
CA VAL F 8 -20.58 10.42 -60.55
C VAL F 8 -21.98 9.83 -60.48
N GLU F 9 -22.95 10.57 -60.99
CA GLU F 9 -24.33 10.13 -61.04
C GLU F 9 -24.76 9.91 -62.49
N SER F 10 -25.51 8.83 -62.70
CA SER F 10 -26.12 8.54 -63.99
C SER F 10 -27.53 8.05 -63.75
N GLY F 11 -28.33 8.01 -64.82
CA GLY F 11 -29.68 7.51 -64.76
C GLY F 11 -30.76 8.56 -64.77
N GLY F 12 -30.40 9.84 -64.65
CA GLY F 12 -31.38 10.90 -64.73
C GLY F 12 -32.13 10.88 -66.04
N GLY F 13 -33.46 10.90 -65.98
CA GLY F 13 -34.25 10.85 -67.19
C GLY F 13 -35.68 11.25 -66.93
N LEU F 14 -36.38 11.53 -68.03
CA LEU F 14 -37.78 11.95 -67.94
C LEU F 14 -38.65 10.77 -67.55
N VAL F 15 -39.53 10.99 -66.58
CA VAL F 15 -40.42 9.96 -66.06
C VAL F 15 -41.83 10.50 -66.06
N GLN F 16 -42.77 9.73 -66.61
CA GLN F 16 -44.17 10.13 -66.54
C GLN F 16 -44.64 10.07 -65.09
N PRO F 17 -45.39 11.10 -64.64
CA PRO F 17 -45.77 11.16 -63.22
C PRO F 17 -46.44 9.89 -62.73
N GLY F 18 -45.77 9.21 -61.82
CA GLY F 18 -46.21 7.90 -61.33
C GLY F 18 -45.32 6.75 -61.75
N GLY F 19 -44.23 7.02 -62.45
CA GLY F 19 -43.33 5.98 -62.92
C GLY F 19 -42.27 5.63 -61.91
N SER F 20 -41.26 4.88 -62.39
CA SER F 20 -40.15 4.42 -61.57
C SER F 20 -38.85 4.73 -62.29
N LEU F 21 -37.83 5.15 -61.53
CA LEU F 21 -36.55 5.53 -62.11
C LEU F 21 -35.43 5.26 -61.11
N ARG F 22 -34.31 4.76 -61.60
CA ARG F 22 -33.19 4.37 -60.76
C ARG F 22 -31.99 5.27 -61.07
N LEU F 23 -31.48 5.94 -60.05
CA LEU F 23 -30.25 6.70 -60.18
C LEU F 23 -29.09 5.88 -59.64
N SER F 24 -27.94 5.96 -60.32
CA SER F 24 -26.75 5.20 -59.98
C SER F 24 -25.63 6.17 -59.65
N CYS F 25 -25.06 6.05 -58.46
CA CYS F 25 -23.93 6.86 -58.02
C CYS F 25 -22.72 5.95 -57.89
N ALA F 26 -21.77 6.12 -58.80
CA ALA F 26 -20.55 5.34 -58.82
C ALA F 26 -19.41 6.17 -58.23
N ALA F 27 -18.72 5.62 -57.24
CA ALA F 27 -17.66 6.31 -56.53
C ALA F 27 -16.33 5.61 -56.79
N SER F 28 -15.28 6.41 -56.97
CA SER F 28 -13.93 5.89 -57.18
C SER F 28 -13.00 6.56 -56.18
N GLY F 29 -12.20 5.76 -55.49
CA GLY F 29 -11.27 6.23 -54.50
C GLY F 29 -11.60 5.79 -53.09
N PHE F 30 -12.83 5.37 -52.83
CA PHE F 30 -13.22 4.87 -51.52
C PHE F 30 -14.28 3.80 -51.68
N ASN F 31 -14.43 2.97 -50.67
CA ASN F 31 -15.40 1.89 -50.67
C ASN F 31 -16.65 2.36 -49.90
N ILE F 32 -17.80 2.32 -50.57
CA ILE F 32 -19.04 2.76 -49.96
C ILE F 32 -19.51 1.83 -48.86
N TYR F 33 -18.92 0.64 -48.74
CA TYR F 33 -19.29 -0.29 -47.67
C TYR F 33 -18.97 0.27 -46.29
N TYR F 34 -18.09 1.27 -46.20
CA TYR F 34 -17.66 1.80 -44.92
C TYR F 34 -18.04 3.26 -44.71
N SER F 35 -18.72 3.89 -45.67
CA SER F 35 -18.99 5.32 -45.61
C SER F 35 -20.48 5.57 -45.83
N SER F 36 -20.90 6.80 -45.51
CA SER F 36 -22.29 7.22 -45.65
C SER F 36 -22.47 7.93 -46.98
N ILE F 37 -23.48 7.50 -47.73
CA ILE F 37 -23.77 8.09 -49.05
C ILE F 37 -25.08 8.86 -48.93
N HIS F 38 -25.05 10.14 -49.28
CA HIS F 38 -26.20 11.02 -49.14
C HIS F 38 -26.68 11.46 -50.52
N TRP F 39 -27.98 11.31 -50.75
CA TRP F 39 -28.63 11.81 -51.96
C TRP F 39 -29.33 13.12 -51.64
N VAL F 40 -28.98 14.16 -52.39
CA VAL F 40 -29.50 15.52 -52.18
C VAL F 40 -30.22 15.96 -53.44
N ARG F 41 -31.24 16.78 -53.26
CA ARG F 41 -32.09 17.24 -54.35
C ARG F 41 -32.08 18.75 -54.42
N GLN F 42 -32.15 19.28 -55.64
CA GLN F 42 -32.20 20.71 -55.86
C GLN F 42 -33.12 21.01 -57.04
N ALA F 43 -34.30 21.55 -56.74
CA ALA F 43 -35.22 21.92 -57.80
C ALA F 43 -34.66 23.11 -58.59
N PRO F 44 -35.08 23.26 -59.85
CA PRO F 44 -34.59 24.39 -60.64
C PRO F 44 -35.01 25.72 -60.03
N GLY F 45 -34.02 26.47 -59.55
CA GLY F 45 -34.26 27.75 -58.95
C GLY F 45 -34.44 27.75 -57.44
N LYS F 46 -34.57 26.59 -56.82
CA LYS F 46 -34.71 26.48 -55.38
C LYS F 46 -33.45 25.89 -54.76
N GLY F 47 -33.41 25.90 -53.43
CA GLY F 47 -32.24 25.48 -52.70
C GLY F 47 -32.09 23.97 -52.64
N LEU F 48 -31.02 23.55 -51.97
CA LEU F 48 -30.77 22.13 -51.79
C LEU F 48 -31.78 21.52 -50.84
N GLU F 49 -32.20 20.29 -51.12
CA GLU F 49 -33.11 19.55 -50.27
C GLU F 49 -32.59 18.13 -50.13
N TRP F 50 -32.18 17.77 -48.93
CA TRP F 50 -31.68 16.43 -48.67
C TRP F 50 -32.77 15.39 -48.90
N VAL F 51 -32.43 14.32 -49.62
CA VAL F 51 -33.39 13.27 -49.95
C VAL F 51 -33.19 12.05 -49.06
N ALA F 52 -32.00 11.45 -49.15
CA ALA F 52 -31.81 10.15 -48.53
C ALA F 52 -30.38 10.00 -48.06
N SER F 53 -30.14 8.96 -47.28
CA SER F 53 -28.82 8.62 -46.80
C SER F 53 -28.77 7.12 -46.55
N ILE F 54 -27.62 6.51 -46.87
CA ILE F 54 -27.42 5.10 -46.61
C ILE F 54 -26.11 4.93 -45.86
N TYR F 55 -26.17 4.18 -44.77
CA TYR F 55 -25.00 3.62 -44.11
C TYR F 55 -24.98 2.15 -44.50
N SER F 56 -24.11 1.80 -45.46
CA SER F 56 -24.21 0.51 -46.11
C SER F 56 -23.79 -0.64 -45.19
N TYR F 57 -22.88 -0.39 -44.25
CA TYR F 57 -22.37 -1.49 -43.44
C TYR F 57 -23.48 -2.16 -42.65
N SER F 58 -24.31 -1.38 -41.98
CA SER F 58 -25.45 -1.91 -41.26
C SER F 58 -26.71 -1.92 -42.10
N GLY F 59 -26.63 -1.55 -43.37
CA GLY F 59 -27.81 -1.53 -44.22
C GLY F 59 -28.86 -0.57 -43.73
N TYR F 60 -28.45 0.56 -43.15
CA TYR F 60 -29.38 1.52 -42.61
C TYR F 60 -29.74 2.56 -43.67
N THR F 61 -31.03 2.79 -43.87
CA THR F 61 -31.52 3.69 -44.90
C THR F 61 -32.39 4.76 -44.25
N SER F 62 -31.89 5.99 -44.23
CA SER F 62 -32.65 7.13 -43.72
C SER F 62 -33.19 7.94 -44.89
N TYR F 63 -34.41 8.46 -44.73
CA TYR F 63 -35.09 9.16 -45.80
C TYR F 63 -35.62 10.49 -45.32
N ALA F 64 -35.94 11.36 -46.28
CA ALA F 64 -36.64 12.59 -45.98
C ALA F 64 -38.15 12.35 -45.95
N ASP F 65 -38.86 13.25 -45.28
CA ASP F 65 -40.31 13.10 -45.16
C ASP F 65 -41.01 13.15 -46.51
N SER F 66 -40.50 13.95 -47.45
CA SER F 66 -41.15 14.09 -48.74
C SER F 66 -41.05 12.83 -49.59
N VAL F 67 -40.08 11.96 -49.32
CA VAL F 67 -39.90 10.75 -50.14
C VAL F 67 -39.90 9.52 -49.25
N LYS F 68 -40.25 9.69 -47.97
CA LYS F 68 -40.26 8.57 -47.04
C LYS F 68 -41.19 7.47 -47.53
N GLY F 69 -40.65 6.28 -47.76
CA GLY F 69 -41.39 5.18 -48.32
C GLY F 69 -41.46 5.18 -49.83
N ARG F 70 -41.40 6.36 -50.46
CA ARG F 70 -41.44 6.42 -51.92
C ARG F 70 -40.13 5.96 -52.52
N PHE F 71 -39.03 6.66 -52.21
CA PHE F 71 -37.73 6.25 -52.72
C PHE F 71 -37.18 5.09 -51.89
N THR F 72 -36.14 4.46 -52.43
CA THR F 72 -35.46 3.37 -51.76
C THR F 72 -33.98 3.44 -52.10
N ILE F 73 -33.14 3.61 -51.09
CA ILE F 73 -31.71 3.75 -51.27
C ILE F 73 -31.03 2.44 -50.88
N SER F 74 -30.15 1.94 -51.74
CA SER F 74 -29.49 0.68 -51.48
C SER F 74 -28.11 0.66 -52.13
N ALA F 75 -27.14 0.08 -51.43
CA ALA F 75 -25.77 0.04 -51.90
C ALA F 75 -25.42 -1.35 -52.42
N ASP F 76 -24.38 -1.40 -53.24
CA ASP F 76 -23.82 -2.64 -53.75
C ASP F 76 -22.30 -2.56 -53.62
N THR F 77 -21.75 -3.42 -52.76
CA THR F 77 -20.32 -3.37 -52.47
C THR F 77 -19.51 -3.95 -53.62
N SER F 78 -19.97 -5.05 -54.21
CA SER F 78 -19.25 -5.66 -55.33
C SER F 78 -19.14 -4.69 -56.50
N LYS F 79 -20.24 -4.02 -56.84
CA LYS F 79 -20.19 -2.97 -57.85
C LYS F 79 -19.73 -1.64 -57.28
N ASN F 80 -19.69 -1.49 -55.96
CA ASN F 80 -19.33 -0.25 -55.30
C ASN F 80 -20.15 0.91 -55.86
N THR F 81 -21.48 0.79 -55.76
CA THR F 81 -22.38 1.75 -56.35
C THR F 81 -23.62 1.90 -55.47
N ALA F 82 -24.07 3.15 -55.31
CA ALA F 82 -25.25 3.44 -54.51
C ALA F 82 -26.40 3.78 -55.45
N TYR F 83 -27.49 3.03 -55.34
CA TYR F 83 -28.65 3.22 -56.20
C TYR F 83 -29.79 3.84 -55.41
N LEU F 84 -30.42 4.83 -56.01
CA LEU F 84 -31.62 5.47 -55.46
C LEU F 84 -32.77 5.15 -56.41
N GLN F 85 -33.61 4.19 -56.02
CA GLN F 85 -34.78 3.81 -56.79
C GLN F 85 -35.96 4.69 -56.40
N MET F 86 -36.79 5.02 -57.38
CA MET F 86 -37.97 5.84 -57.16
C MET F 86 -39.17 5.17 -57.79
N ASN F 87 -40.27 5.14 -57.05
CA ASN F 87 -41.54 4.62 -57.54
C ASN F 87 -42.61 5.68 -57.33
N SER F 88 -43.43 5.89 -58.37
CA SER F 88 -44.51 6.87 -58.35
C SER F 88 -43.98 8.27 -58.06
N LEU F 89 -43.13 8.75 -58.98
CA LEU F 89 -42.59 10.10 -58.87
C LEU F 89 -43.70 11.13 -59.05
N ARG F 90 -43.66 12.18 -58.24
CA ARG F 90 -44.65 13.25 -58.30
C ARG F 90 -44.08 14.44 -59.04
N ALA F 91 -44.92 15.48 -59.18
CA ALA F 91 -44.50 16.68 -59.90
C ALA F 91 -43.37 17.39 -59.19
N GLU F 92 -43.41 17.44 -57.85
CA GLU F 92 -42.39 18.15 -57.08
C GLU F 92 -41.03 17.46 -57.14
N ASP F 93 -40.96 16.24 -57.66
CA ASP F 93 -39.71 15.49 -57.68
C ASP F 93 -38.76 15.92 -58.79
N THR F 94 -39.22 16.74 -59.73
CA THR F 94 -38.35 17.19 -60.81
C THR F 94 -37.27 18.12 -60.28
N ALA F 95 -36.02 17.73 -60.44
CA ALA F 95 -34.91 18.46 -59.85
C ALA F 95 -33.60 17.80 -60.27
N VAL F 96 -32.50 18.46 -59.94
CA VAL F 96 -31.17 17.89 -60.12
C VAL F 96 -30.81 17.13 -58.84
N TYR F 97 -30.39 15.88 -59.02
CA TYR F 97 -30.04 15.02 -57.90
C TYR F 97 -28.53 14.84 -57.85
N TYR F 98 -27.97 14.91 -56.65
CA TYR F 98 -26.54 14.73 -56.43
C TYR F 98 -26.33 13.64 -55.39
N CYS F 99 -25.21 12.93 -55.51
CA CYS F 99 -24.77 11.99 -54.50
C CYS F 99 -23.47 12.48 -53.90
N ALA F 100 -23.37 12.38 -52.58
CA ALA F 100 -22.26 13.00 -51.85
C ALA F 100 -21.78 12.07 -50.76
N ARG F 101 -20.51 12.25 -50.40
CA ARG F 101 -19.86 11.46 -49.35
C ARG F 101 -19.66 12.34 -48.13
N SER F 102 -20.26 11.96 -47.00
CA SER F 102 -20.10 12.69 -45.76
C SER F 102 -18.87 12.18 -45.01
N PHE F 103 -18.27 13.08 -44.24
CA PHE F 103 -17.05 12.77 -43.50
C PHE F 103 -17.06 13.54 -42.20
N TYR F 104 -16.23 13.10 -41.26
CA TYR F 104 -16.03 13.85 -40.03
C TYR F 104 -14.68 13.48 -39.44
N VAL F 105 -14.00 14.48 -38.89
CA VAL F 105 -12.73 14.29 -38.20
C VAL F 105 -13.00 14.30 -36.71
N PHE F 106 -12.41 13.35 -35.99
CA PHE F 106 -12.71 13.16 -34.59
C PHE F 106 -11.44 12.82 -33.81
N LYS F 107 -11.43 13.17 -32.54
CA LYS F 107 -10.38 12.75 -31.61
C LYS F 107 -11.05 12.11 -30.40
N ARG F 108 -10.56 10.93 -30.02
CA ARG F 108 -11.17 10.13 -28.97
C ARG F 108 -10.48 10.37 -27.64
N GLY F 109 -10.99 9.70 -26.61
CA GLY F 109 -10.32 9.63 -25.32
C GLY F 109 -10.62 10.67 -24.27
N THR F 110 -10.55 11.94 -24.64
CA THR F 110 -10.69 13.01 -23.66
C THR F 110 -12.08 13.02 -23.08
N LYS F 111 -12.19 13.49 -21.83
CA LYS F 111 -13.49 13.64 -21.19
C LYS F 111 -14.33 14.71 -21.89
N TYR F 112 -13.72 15.52 -22.75
CA TYR F 112 -14.41 16.50 -23.58
C TYR F 112 -13.99 16.27 -25.03
N PRO F 113 -14.46 15.18 -25.63
CA PRO F 113 -13.97 14.80 -26.95
C PRO F 113 -14.39 15.78 -28.03
N TYR F 114 -13.54 15.88 -29.06
CA TYR F 114 -13.77 16.76 -30.20
C TYR F 114 -14.38 15.90 -31.31
N TYR F 115 -15.70 15.91 -31.39
CA TYR F 115 -16.44 15.09 -32.35
C TYR F 115 -17.12 16.00 -33.37
N ASN F 116 -16.49 16.17 -34.52
CA ASN F 116 -17.11 16.93 -35.61
C ASN F 116 -18.29 16.15 -36.17
N TYR F 117 -19.29 16.88 -36.61
CA TYR F 117 -20.44 16.16 -37.15
C TYR F 117 -20.33 16.02 -38.67
N PRO F 118 -20.89 14.96 -39.25
CA PRO F 118 -20.65 14.66 -40.65
C PRO F 118 -21.16 15.77 -41.57
N ALA F 119 -20.37 16.07 -42.60
CA ALA F 119 -20.75 17.07 -43.59
C ALA F 119 -20.41 16.54 -44.96
N MET F 120 -21.33 16.70 -45.90
CA MET F 120 -21.08 16.22 -47.25
C MET F 120 -19.86 16.90 -47.84
N ASP F 121 -18.95 16.10 -48.40
CA ASP F 121 -17.64 16.56 -48.80
C ASP F 121 -17.45 16.52 -50.32
N TYR F 122 -17.63 15.36 -50.93
CA TYR F 122 -17.49 15.20 -52.36
C TYR F 122 -18.88 14.97 -52.94
N TRP F 123 -19.26 15.80 -53.91
CA TRP F 123 -20.53 15.70 -54.59
C TRP F 123 -20.31 15.30 -56.04
N GLY F 124 -21.16 14.43 -56.54
CA GLY F 124 -21.12 14.10 -57.95
C GLY F 124 -21.69 15.19 -58.81
N GLN F 125 -21.56 15.02 -60.12
CA GLN F 125 -22.03 16.04 -61.04
C GLN F 125 -23.54 16.18 -61.05
N GLY F 126 -24.27 15.20 -60.48
CA GLY F 126 -25.71 15.28 -60.43
C GLY F 126 -26.36 15.10 -61.79
N THR F 127 -27.63 14.71 -61.80
CA THR F 127 -28.36 14.53 -63.05
C THR F 127 -29.75 15.14 -62.91
N LEU F 128 -30.31 15.56 -64.03
CA LEU F 128 -31.67 16.10 -64.05
C LEU F 128 -32.68 14.98 -64.07
N VAL F 129 -33.68 15.06 -63.21
CA VAL F 129 -34.80 14.13 -63.16
C VAL F 129 -36.06 14.96 -63.36
N THR F 130 -36.61 14.91 -64.57
CA THR F 130 -37.81 15.66 -64.92
C THR F 130 -39.00 14.72 -64.93
N VAL F 131 -40.12 15.20 -64.40
CA VAL F 131 -41.33 14.41 -64.28
C VAL F 131 -42.38 15.02 -65.20
N PHE F 132 -42.73 14.28 -66.25
CA PHE F 132 -43.76 14.71 -67.21
C PHE F 132 -44.16 13.56 -68.12
N SER G 1 -41.34 17.52 -36.96
CA SER G 1 -40.68 18.49 -36.10
C SER G 1 -39.21 18.65 -36.47
N ASP G 2 -38.91 18.52 -37.76
CA ASP G 2 -37.55 18.68 -38.23
C ASP G 2 -37.09 20.12 -38.08
N ILE G 3 -35.78 20.30 -37.92
CA ILE G 3 -35.21 21.63 -37.72
C ILE G 3 -35.37 22.45 -38.99
N GLN G 4 -35.77 23.71 -38.82
CA GLN G 4 -35.83 24.68 -39.90
C GLN G 4 -34.77 25.73 -39.63
N MET G 5 -33.78 25.84 -40.51
CA MET G 5 -32.73 26.84 -40.38
C MET G 5 -33.03 27.98 -41.34
N THR G 6 -33.24 29.17 -40.79
CA THR G 6 -33.51 30.36 -41.58
C THR G 6 -32.19 31.07 -41.87
N GLN G 7 -31.90 31.25 -43.15
CA GLN G 7 -30.66 31.88 -43.60
C GLN G 7 -30.98 33.22 -44.23
N SER G 8 -30.23 34.25 -43.85
CA SER G 8 -30.43 35.61 -44.32
C SER G 8 -29.08 36.26 -44.54
N PRO G 9 -28.98 37.20 -45.51
CA PRO G 9 -30.06 37.72 -46.36
C PRO G 9 -30.57 36.73 -47.39
N SER G 10 -31.81 36.91 -47.84
CA SER G 10 -32.34 36.07 -48.91
C SER G 10 -31.55 36.27 -50.20
N SER G 11 -31.18 37.51 -50.49
CA SER G 11 -30.30 37.83 -51.61
C SER G 11 -29.24 38.80 -51.12
N LEU G 12 -28.08 38.77 -51.76
CA LEU G 12 -26.96 39.62 -51.37
C LEU G 12 -26.36 40.28 -52.59
N SER G 13 -26.06 41.57 -52.47
CA SER G 13 -25.36 42.33 -53.49
C SER G 13 -24.05 42.85 -52.91
N ALA G 14 -22.95 42.57 -53.58
CA ALA G 14 -21.63 42.94 -53.07
C ALA G 14 -20.66 43.13 -54.23
N SER G 15 -19.59 43.86 -53.96
CA SER G 15 -18.53 44.13 -54.93
C SER G 15 -17.26 43.39 -54.53
N VAL G 16 -16.26 43.47 -55.41
CA VAL G 16 -15.01 42.78 -55.19
C VAL G 16 -14.31 43.35 -53.96
N GLY G 17 -13.74 42.47 -53.15
CA GLY G 17 -13.00 42.90 -51.96
C GLY G 17 -13.86 43.54 -50.89
N ASP G 18 -15.01 42.96 -50.59
CA ASP G 18 -15.90 43.47 -49.55
C ASP G 18 -16.07 42.40 -48.48
N ARG G 19 -16.23 42.85 -47.24
CA ARG G 19 -16.47 41.96 -46.10
C ARG G 19 -17.97 41.71 -46.00
N VAL G 20 -18.40 40.52 -46.41
CA VAL G 20 -19.81 40.18 -46.48
C VAL G 20 -20.08 39.00 -45.55
N THR G 21 -21.16 39.11 -44.77
CA THR G 21 -21.53 38.11 -43.79
C THR G 21 -22.92 37.57 -44.10
N ILE G 22 -23.04 36.25 -44.19
CA ILE G 22 -24.32 35.57 -44.42
C ILE G 22 -24.58 34.72 -43.19
N THR G 23 -25.69 34.97 -42.50
CA THR G 23 -25.95 34.32 -41.23
C THR G 23 -27.16 33.41 -41.31
N CYS G 24 -27.03 32.22 -40.72
CA CYS G 24 -28.11 31.25 -40.64
C CYS G 24 -28.35 30.89 -39.18
N ARG G 25 -29.62 30.79 -38.81
CA ARG G 25 -30.00 30.49 -37.44
C ARG G 25 -30.93 29.27 -37.41
N ALA G 26 -30.67 28.38 -36.46
CA ALA G 26 -31.43 27.16 -36.29
C ALA G 26 -32.42 27.31 -35.13
N SER G 27 -33.58 26.66 -35.28
CA SER G 27 -34.60 26.73 -34.24
C SER G 27 -34.08 26.14 -32.93
N GLN G 28 -33.40 25.00 -32.99
CA GLN G 28 -32.78 24.39 -31.84
C GLN G 28 -31.27 24.50 -31.94
N SER G 29 -30.60 24.38 -30.80
CA SER G 29 -29.14 24.43 -30.76
C SER G 29 -28.59 23.19 -31.44
N VAL G 30 -27.90 23.39 -32.57
CA VAL G 30 -27.28 22.29 -33.30
C VAL G 30 -25.80 22.15 -32.94
N SER G 31 -25.39 22.73 -31.82
CA SER G 31 -23.99 22.70 -31.36
C SER G 31 -23.15 23.39 -32.44
N SER G 32 -22.03 22.79 -32.85
CA SER G 32 -21.19 23.32 -33.92
C SER G 32 -21.24 22.41 -35.14
N ALA G 33 -22.42 21.90 -35.46
CA ALA G 33 -22.58 20.94 -36.54
C ALA G 33 -22.89 21.59 -37.88
N VAL G 34 -22.87 22.91 -37.96
CA VAL G 34 -23.20 23.62 -39.19
C VAL G 34 -22.04 23.57 -40.17
N ALA G 35 -22.37 23.36 -41.44
CA ALA G 35 -21.43 23.46 -42.54
C ALA G 35 -21.93 24.51 -43.54
N TRP G 36 -20.98 25.07 -44.29
CA TRP G 36 -21.25 26.07 -45.31
C TRP G 36 -20.78 25.54 -46.65
N TYR G 37 -21.68 25.56 -47.63
CA TYR G 37 -21.43 25.07 -48.98
C TYR G 37 -21.58 26.19 -49.99
N GLN G 38 -20.80 26.12 -51.06
CA GLN G 38 -20.88 27.06 -52.17
C GLN G 38 -21.23 26.31 -53.44
N GLN G 39 -22.23 26.80 -54.17
CA GLN G 39 -22.66 26.20 -55.42
C GLN G 39 -22.59 27.23 -56.53
N LYS G 40 -21.79 26.94 -57.55
CA LYS G 40 -21.74 27.69 -58.78
C LYS G 40 -22.96 27.34 -59.64
N PRO G 41 -23.35 28.23 -60.55
CA PRO G 41 -24.55 27.97 -61.35
C PRO G 41 -24.46 26.66 -62.12
N GLY G 42 -25.48 25.82 -61.96
CA GLY G 42 -25.54 24.55 -62.66
C GLY G 42 -24.38 23.63 -62.37
N LYS G 43 -23.91 23.62 -61.12
CA LYS G 43 -22.75 22.83 -60.74
C LYS G 43 -22.98 22.21 -59.37
N ALA G 44 -22.17 21.22 -59.06
CA ALA G 44 -22.27 20.57 -57.76
C ALA G 44 -21.72 21.49 -56.67
N PRO G 45 -22.46 21.72 -55.59
CA PRO G 45 -21.93 22.56 -54.51
C PRO G 45 -20.69 21.93 -53.89
N LYS G 46 -19.73 22.78 -53.53
CA LYS G 46 -18.49 22.34 -52.91
C LYS G 46 -18.44 22.82 -51.46
N LEU G 47 -17.84 21.99 -50.61
CA LEU G 47 -17.85 22.25 -49.18
C LEU G 47 -16.83 23.33 -48.86
N LEU G 48 -17.30 24.44 -48.28
CA LEU G 48 -16.41 25.52 -47.86
C LEU G 48 -15.95 25.33 -46.42
N ILE G 49 -16.90 25.19 -45.49
CA ILE G 49 -16.58 25.19 -44.07
C ILE G 49 -17.34 24.05 -43.40
N TYR G 50 -16.66 23.34 -42.51
CA TYR G 50 -17.30 22.30 -41.72
C TYR G 50 -17.03 22.53 -40.24
N SER G 51 -17.96 22.07 -39.41
CA SER G 51 -17.97 22.29 -37.98
C SER G 51 -18.13 23.77 -37.61
N ALA G 52 -18.64 24.57 -38.54
CA ALA G 52 -19.04 25.96 -38.34
C ALA G 52 -17.87 26.90 -38.15
N SER G 53 -16.67 26.37 -38.00
CA SER G 53 -15.49 27.23 -37.95
C SER G 53 -14.36 26.73 -38.84
N SER G 54 -14.16 25.42 -38.94
CA SER G 54 -12.99 24.90 -39.62
C SER G 54 -13.08 25.15 -41.12
N LEU G 55 -11.93 25.43 -41.74
CA LEU G 55 -11.85 25.67 -43.16
C LEU G 55 -11.44 24.38 -43.87
N TYR G 56 -12.20 24.01 -44.89
CA TYR G 56 -11.88 22.81 -45.66
C TYR G 56 -10.54 22.95 -46.36
N SER G 57 -9.81 21.84 -46.45
CA SER G 57 -8.58 21.80 -47.21
C SER G 57 -8.91 21.89 -48.71
N GLY G 58 -8.28 22.83 -49.39
CA GLY G 58 -8.49 23.07 -50.81
C GLY G 58 -9.12 24.42 -51.11
N VAL G 59 -10.11 24.82 -50.33
CA VAL G 59 -10.73 26.14 -50.50
C VAL G 59 -9.71 27.19 -50.08
N PRO G 60 -9.68 28.37 -50.70
CA PRO G 60 -8.81 29.44 -50.20
C PRO G 60 -9.19 29.83 -48.78
N SER G 61 -8.18 30.23 -48.01
CA SER G 61 -8.37 30.60 -46.61
C SER G 61 -9.16 31.89 -46.45
N ARG G 62 -9.68 32.45 -47.54
CA ARG G 62 -10.44 33.70 -47.46
C ARG G 62 -11.71 33.53 -46.63
N PHE G 63 -12.45 32.44 -46.85
CA PHE G 63 -13.70 32.24 -46.15
C PHE G 63 -13.45 32.01 -44.66
N SER G 64 -14.38 32.47 -43.83
CA SER G 64 -14.29 32.26 -42.40
C SER G 64 -15.66 31.91 -41.86
N GLY G 65 -15.67 31.14 -40.78
CA GLY G 65 -16.93 30.75 -40.16
C GLY G 65 -16.96 31.04 -38.68
N SER G 66 -18.02 31.68 -38.21
CA SER G 66 -18.15 32.05 -36.82
C SER G 66 -19.45 31.51 -36.26
N ARG G 67 -19.44 31.23 -34.96
CA ARG G 67 -20.60 30.68 -34.27
C ARG G 67 -20.85 31.49 -33.01
N SER G 68 -22.12 31.73 -32.71
CA SER G 68 -22.52 32.43 -31.50
C SER G 68 -23.88 31.86 -31.07
N GLY G 69 -23.85 30.96 -30.09
CA GLY G 69 -25.08 30.33 -29.64
C GLY G 69 -25.73 29.55 -30.77
N THR G 70 -26.99 29.86 -31.04
CA THR G 70 -27.74 29.23 -32.12
C THR G 70 -27.63 30.01 -33.42
N ASP G 71 -26.60 30.84 -33.58
CA ASP G 71 -26.40 31.65 -34.77
C ASP G 71 -25.07 31.29 -35.42
N PHE G 72 -25.06 31.21 -36.75
CA PHE G 72 -23.84 30.88 -37.48
C PHE G 72 -23.66 31.88 -38.61
N THR G 73 -22.40 32.18 -38.93
CA THR G 73 -22.10 33.21 -39.91
C THR G 73 -20.96 32.77 -40.81
N LEU G 74 -21.14 32.97 -42.11
CA LEU G 74 -20.09 32.75 -43.10
C LEU G 74 -19.65 34.12 -43.60
N THR G 75 -18.37 34.42 -43.44
CA THR G 75 -17.82 35.74 -43.73
C THR G 75 -16.77 35.64 -44.82
N ILE G 76 -16.85 36.56 -45.78
CA ILE G 76 -15.84 36.73 -46.82
C ILE G 76 -15.16 38.08 -46.57
N SER G 77 -13.85 38.06 -46.40
CA SER G 77 -13.12 39.28 -46.10
C SER G 77 -12.89 40.13 -47.35
N SER G 78 -12.15 39.59 -48.32
CA SER G 78 -11.84 40.29 -49.57
C SER G 78 -12.51 39.50 -50.69
N LEU G 79 -13.77 39.81 -50.95
CA LEU G 79 -14.55 39.07 -51.93
C LEU G 79 -13.88 39.11 -53.31
N GLN G 80 -13.91 37.98 -54.00
CA GLN G 80 -13.36 37.86 -55.34
C GLN G 80 -14.49 37.66 -56.34
N PRO G 81 -14.30 38.07 -57.60
CA PRO G 81 -15.33 37.83 -58.61
C PRO G 81 -15.66 36.36 -58.80
N GLU G 82 -14.70 35.47 -58.54
CA GLU G 82 -14.98 34.04 -58.59
C GLU G 82 -15.97 33.62 -57.52
N ASP G 83 -15.97 34.30 -56.38
CA ASP G 83 -16.88 33.97 -55.28
C ASP G 83 -18.21 34.70 -55.41
N PHE G 84 -18.87 34.56 -56.55
CA PHE G 84 -20.21 35.08 -56.77
C PHE G 84 -21.08 33.88 -57.13
N ALA G 85 -21.61 33.22 -56.10
CA ALA G 85 -22.37 31.99 -56.29
C ALA G 85 -23.27 31.79 -55.09
N THR G 86 -24.14 30.79 -55.17
CA THR G 86 -25.11 30.56 -54.11
C THR G 86 -24.42 29.93 -52.90
N TYR G 87 -24.89 30.29 -51.71
CA TYR G 87 -24.32 29.79 -50.47
C TYR G 87 -25.40 29.13 -49.64
N TYR G 88 -25.08 27.97 -49.07
CA TYR G 88 -26.06 27.19 -48.32
C TYR G 88 -25.52 26.85 -46.93
N CYS G 89 -26.39 26.97 -45.94
CA CYS G 89 -26.11 26.64 -44.55
C CYS G 89 -26.78 25.32 -44.20
N GLN G 90 -26.01 24.38 -43.68
CA GLN G 90 -26.49 23.04 -43.39
C GLN G 90 -26.27 22.67 -41.92
N GLN G 91 -27.25 22.01 -41.33
CA GLN G 91 -27.05 21.32 -40.05
C GLN G 91 -26.72 19.87 -40.29
N SER G 92 -26.03 19.28 -39.33
CA SER G 92 -25.76 17.85 -39.34
C SER G 92 -26.09 17.20 -38.01
N TYR G 93 -26.60 17.95 -37.04
CA TYR G 93 -26.83 17.42 -35.71
C TYR G 93 -27.97 16.40 -35.72
N TYR G 94 -29.09 16.74 -36.34
CA TYR G 94 -30.31 15.98 -36.19
C TYR G 94 -30.59 15.14 -37.44
N LYS G 95 -31.75 14.46 -37.43
CA LYS G 95 -31.97 13.37 -38.39
C LYS G 95 -32.12 13.89 -39.82
N PRO G 96 -33.12 14.71 -40.15
CA PRO G 96 -33.21 15.22 -41.53
C PRO G 96 -32.22 16.37 -41.71
N ILE G 97 -31.14 16.10 -42.44
CA ILE G 97 -30.18 17.16 -42.74
C ILE G 97 -30.90 18.26 -43.49
N THR G 98 -30.98 19.44 -42.89
CA THR G 98 -31.72 20.55 -43.46
C THR G 98 -30.77 21.65 -43.87
N PHE G 99 -31.00 22.20 -45.05
CA PHE G 99 -30.22 23.31 -45.58
C PHE G 99 -30.99 24.62 -45.41
N GLY G 100 -30.25 25.72 -45.51
CA GLY G 100 -30.89 27.01 -45.54
C GLY G 100 -31.62 27.23 -46.85
N GLN G 101 -32.44 28.27 -46.87
CA GLN G 101 -33.17 28.61 -48.09
C GLN G 101 -32.26 29.08 -49.21
N GLY G 102 -31.00 29.35 -48.91
CA GLY G 102 -30.03 29.74 -49.91
C GLY G 102 -29.76 31.23 -49.89
N THR G 103 -28.56 31.60 -50.32
CA THR G 103 -28.17 33.00 -50.42
C THR G 103 -27.31 33.17 -51.66
N LYS G 104 -27.71 34.08 -52.55
CA LYS G 104 -26.99 34.34 -53.78
C LYS G 104 -26.28 35.68 -53.65
N VAL G 105 -24.96 35.67 -53.82
CA VAL G 105 -24.17 36.89 -53.80
C VAL G 105 -23.91 37.30 -55.24
N GLU G 106 -24.39 38.49 -55.60
CA GLU G 106 -24.27 38.99 -56.96
C GLU G 106 -23.52 40.31 -56.96
N ILE G 107 -22.80 40.58 -58.05
CA ILE G 107 -22.02 41.80 -58.15
C ILE G 107 -22.95 43.00 -58.10
N LYS G 108 -22.56 44.01 -57.32
CA LYS G 108 -23.36 45.22 -57.16
C LYS G 108 -22.94 46.29 -58.15
N GLU H 4 -19.26 27.60 42.65
CA GLU H 4 -19.21 26.19 43.01
C GLU H 4 -18.11 25.91 44.02
N VAL H 5 -17.01 26.66 43.92
CA VAL H 5 -15.85 26.48 44.79
C VAL H 5 -15.89 27.56 45.86
N GLN H 6 -16.06 27.15 47.11
CA GLN H 6 -16.09 28.06 48.25
C GLN H 6 -15.13 27.57 49.31
N LEU H 7 -14.28 28.46 49.80
CA LEU H 7 -13.30 28.14 50.85
C LEU H 7 -13.54 29.09 52.02
N VAL H 8 -14.06 28.56 53.12
CA VAL H 8 -14.24 29.32 54.36
C VAL H 8 -13.49 28.55 55.44
N GLU H 9 -12.22 28.91 55.66
CA GLU H 9 -11.39 28.20 56.61
C GLU H 9 -11.63 28.73 58.02
N SER H 10 -11.42 27.87 59.01
CA SER H 10 -11.59 28.22 60.41
C SER H 10 -10.27 28.06 61.15
N GLY H 11 -10.30 28.24 62.46
CA GLY H 11 -9.13 28.07 63.30
C GLY H 11 -8.46 29.36 63.73
N GLY H 12 -9.00 30.51 63.35
CA GLY H 12 -8.40 31.77 63.78
C GLY H 12 -8.55 31.95 65.27
N GLY H 13 -7.44 32.25 65.94
CA GLY H 13 -7.47 32.45 67.38
C GLY H 13 -6.11 32.89 67.88
N LEU H 14 -6.12 33.44 69.10
CA LEU H 14 -4.91 33.93 69.71
C LEU H 14 -4.01 32.77 70.11
N VAL H 15 -2.70 33.00 70.01
CA VAL H 15 -1.69 31.98 70.29
C VAL H 15 -0.69 32.53 71.29
N GLN H 16 -0.38 31.74 72.31
CA GLN H 16 0.72 32.07 73.20
C GLN H 16 2.04 31.70 72.55
N PRO H 17 3.13 32.39 72.89
CA PRO H 17 4.42 32.10 72.25
C PRO H 17 4.82 30.65 72.44
N GLY H 18 5.37 30.06 71.38
CA GLY H 18 5.77 28.67 71.40
C GLY H 18 4.65 27.68 71.29
N GLY H 19 3.42 28.13 71.05
CA GLY H 19 2.27 27.25 70.99
C GLY H 19 2.11 26.59 69.63
N SER H 20 1.10 25.73 69.55
CA SER H 20 0.77 25.00 68.34
C SER H 20 -0.70 25.21 68.00
N LEU H 21 -0.99 25.56 66.75
CA LEU H 21 -2.36 25.78 66.31
C LEU H 21 -2.57 25.14 64.96
N ARG H 22 -3.71 24.48 64.78
CA ARG H 22 -4.03 23.77 63.55
C ARG H 22 -5.14 24.52 62.82
N LEU H 23 -4.87 24.92 61.58
CA LEU H 23 -5.83 25.60 60.73
C LEU H 23 -6.48 24.59 59.80
N SER H 24 -7.82 24.61 59.75
CA SER H 24 -8.59 23.75 58.87
C SER H 24 -9.14 24.59 57.73
N CYS H 25 -8.92 24.13 56.50
CA CYS H 25 -9.35 24.83 55.29
C CYS H 25 -10.41 23.99 54.61
N ALA H 26 -11.59 24.59 54.42
CA ALA H 26 -12.73 23.89 53.85
C ALA H 26 -12.73 24.01 52.32
N ALA H 27 -13.22 22.96 51.67
CA ALA H 27 -13.27 22.89 50.22
C ALA H 27 -14.66 22.46 49.76
N SER H 28 -15.16 23.14 48.72
CA SER H 28 -16.42 22.77 48.11
C SER H 28 -16.26 22.85 46.59
N GLY H 29 -17.06 22.06 45.89
CA GLY H 29 -17.05 22.08 44.44
C GLY H 29 -15.84 21.44 43.79
N PHE H 30 -14.91 20.90 44.57
CA PHE H 30 -13.76 20.22 44.00
C PHE H 30 -13.18 19.27 45.04
N ASN H 31 -12.41 18.30 44.57
CA ASN H 31 -11.77 17.32 45.41
C ASN H 31 -10.33 17.75 45.69
N ILE H 32 -9.97 17.76 46.98
CA ILE H 32 -8.60 18.11 47.36
C ILE H 32 -7.61 17.08 46.81
N TYR H 33 -8.02 15.81 46.78
CA TYR H 33 -7.14 14.75 46.32
C TYR H 33 -6.79 14.87 44.85
N TYR H 34 -7.60 15.60 44.06
CA TYR H 34 -7.39 15.71 42.63
C TYR H 34 -7.00 17.12 42.18
N SER H 35 -6.71 18.01 43.12
CA SER H 35 -6.35 19.38 42.78
C SER H 35 -5.14 19.79 43.63
N SER H 36 -4.75 21.06 43.49
CA SER H 36 -3.60 21.61 44.22
C SER H 36 -4.08 22.76 45.08
N ILE H 37 -3.83 22.66 46.38
CA ILE H 37 -4.30 23.61 47.38
C ILE H 37 -3.08 24.22 48.07
N HIS H 38 -3.04 25.54 48.13
CA HIS H 38 -1.93 26.29 48.70
C HIS H 38 -2.40 27.12 49.90
N TRP H 39 -1.42 27.52 50.71
CA TRP H 39 -1.64 28.42 51.84
C TRP H 39 -0.70 29.61 51.72
N VAL H 40 -1.22 30.80 51.99
CA VAL H 40 -0.41 32.01 52.00
C VAL H 40 -0.71 32.77 53.29
N ARG H 41 0.18 33.70 53.62
CA ARG H 41 -0.04 34.55 54.78
C ARG H 41 0.32 35.99 54.41
N GLN H 42 -0.45 36.92 54.96
CA GLN H 42 -0.22 38.34 54.77
C GLN H 42 -0.09 39.01 56.13
N ALA H 43 0.95 39.80 56.29
CA ALA H 43 1.13 40.62 57.48
C ALA H 43 0.49 41.98 57.28
N PRO H 44 0.04 42.62 58.37
CA PRO H 44 -0.53 43.96 58.24
C PRO H 44 0.42 44.94 57.56
N GLY H 45 0.05 45.39 56.36
CA GLY H 45 0.88 46.29 55.61
C GLY H 45 2.03 45.66 54.85
N LYS H 46 2.11 44.33 54.80
CA LYS H 46 3.19 43.64 54.12
C LYS H 46 2.62 42.72 53.05
N GLY H 47 3.43 42.46 52.03
CA GLY H 47 2.98 41.66 50.92
C GLY H 47 2.75 40.20 51.29
N LEU H 48 1.88 39.56 50.52
CA LEU H 48 1.56 38.16 50.76
C LEU H 48 2.77 37.28 50.49
N GLU H 49 2.96 36.26 51.32
CA GLU H 49 4.02 35.29 51.13
C GLU H 49 3.44 33.88 51.26
N TRP H 50 3.76 33.03 50.30
CA TRP H 50 3.27 31.66 50.29
C TRP H 50 4.00 30.85 51.35
N VAL H 51 3.24 30.03 52.10
CA VAL H 51 3.79 29.32 53.24
C VAL H 51 3.86 27.81 52.99
N ALA H 52 2.86 27.25 52.32
CA ALA H 52 2.84 25.81 52.10
C ALA H 52 1.94 25.46 50.93
N SER H 53 2.13 24.24 50.41
CA SER H 53 1.32 23.72 49.33
C SER H 53 1.26 22.20 49.44
N ILE H 54 0.15 21.63 48.99
CA ILE H 54 -0.17 20.23 49.18
C ILE H 54 -0.39 19.59 47.80
N TYR H 55 0.26 18.45 47.56
CA TYR H 55 -0.06 17.56 46.47
C TYR H 55 -0.41 16.23 47.12
N SER H 56 -1.68 16.09 47.50
CA SER H 56 -2.09 14.94 48.31
C SER H 56 -2.09 13.65 47.52
N TYR H 57 -2.16 13.72 46.19
CA TYR H 57 -2.10 12.51 45.39
C TYR H 57 -0.75 11.82 45.55
N SER H 58 0.33 12.58 45.56
CA SER H 58 1.66 12.04 45.80
C SER H 58 2.09 12.15 47.25
N GLY H 59 1.25 12.72 48.12
CA GLY H 59 1.67 12.93 49.51
C GLY H 59 2.85 13.86 49.63
N TYR H 60 2.87 14.93 48.84
CA TYR H 60 4.00 15.86 48.78
C TYR H 60 3.62 17.17 49.45
N THR H 61 4.43 17.60 50.41
CA THR H 61 4.22 18.85 51.11
C THR H 61 5.38 19.78 50.80
N SER H 62 5.07 20.97 50.29
CA SER H 62 6.08 21.97 49.98
C SER H 62 5.95 23.12 50.96
N TYR H 63 7.06 23.48 51.61
CA TYR H 63 7.10 24.53 52.61
C TYR H 63 8.05 25.62 52.18
N ALA H 64 7.68 26.87 52.46
CA ALA H 64 8.58 27.99 52.23
C ALA H 64 9.74 27.94 53.22
N ASP H 65 10.86 28.53 52.82
CA ASP H 65 12.05 28.54 53.68
C ASP H 65 11.79 29.28 54.98
N SER H 66 10.85 30.24 54.97
CA SER H 66 10.57 31.01 56.18
C SER H 66 9.93 30.15 57.26
N VAL H 67 9.11 29.18 56.87
CA VAL H 67 8.39 28.34 57.83
C VAL H 67 8.85 26.89 57.76
N LYS H 68 9.98 26.63 57.12
CA LYS H 68 10.45 25.25 56.94
C LYS H 68 10.83 24.63 58.28
N GLY H 69 10.44 23.38 58.47
CA GLY H 69 10.85 22.60 59.62
C GLY H 69 9.97 22.73 60.85
N ARG H 70 9.02 23.66 60.85
CA ARG H 70 8.10 23.81 61.97
C ARG H 70 6.65 23.56 61.58
N PHE H 71 6.17 24.20 60.52
CA PHE H 71 4.84 23.95 60.02
C PHE H 71 4.78 22.59 59.33
N THR H 72 3.68 21.88 59.55
CA THR H 72 3.37 20.69 58.78
C THR H 72 2.02 20.91 58.11
N ILE H 73 1.72 20.11 57.09
CA ILE H 73 0.48 20.30 56.37
C ILE H 73 0.09 18.98 55.72
N SER H 74 -1.21 18.78 55.54
CA SER H 74 -1.74 17.52 55.04
C SER H 74 -3.16 17.78 54.53
N ALA H 75 -3.76 16.73 53.97
CA ALA H 75 -5.11 16.82 53.43
C ALA H 75 -5.93 15.63 53.89
N ASP H 76 -7.19 15.89 54.23
CA ASP H 76 -8.14 14.86 54.63
C ASP H 76 -9.14 14.68 53.51
N THR H 77 -9.02 13.55 52.79
CA THR H 77 -9.91 13.28 51.67
C THR H 77 -11.30 12.86 52.14
N SER H 78 -11.41 12.24 53.31
CA SER H 78 -12.71 11.84 53.83
C SER H 78 -13.59 13.06 54.07
N LYS H 79 -13.04 14.12 54.65
CA LYS H 79 -13.75 15.37 54.84
C LYS H 79 -13.22 16.49 53.95
N ASN H 80 -12.43 16.13 52.94
CA ASN H 80 -11.87 17.03 51.90
C ASN H 80 -11.51 18.41 52.46
N THR H 81 -10.64 18.39 53.46
CA THR H 81 -10.12 19.61 54.06
C THR H 81 -8.60 19.64 53.97
N ALA H 82 -8.04 20.84 54.16
CA ALA H 82 -6.60 21.04 54.17
C ALA H 82 -6.17 21.47 55.56
N TYR H 83 -5.37 20.65 56.22
CA TYR H 83 -4.96 20.90 57.60
C TYR H 83 -3.53 21.41 57.62
N LEU H 84 -3.32 22.55 58.26
CA LEU H 84 -1.99 23.14 58.41
C LEU H 84 -1.70 23.24 59.90
N GLN H 85 -0.80 22.41 60.39
CA GLN H 85 -0.42 22.41 61.80
C GLN H 85 0.78 23.33 62.00
N MET H 86 0.71 24.16 63.04
CA MET H 86 1.71 25.16 63.34
C MET H 86 2.33 24.83 64.69
N ASN H 87 3.65 24.70 64.72
CA ASN H 87 4.41 24.44 65.93
C ASN H 87 5.47 25.52 66.10
N SER H 88 5.74 25.89 67.34
CA SER H 88 6.60 27.03 67.65
C SER H 88 6.10 28.28 66.91
N LEU H 89 4.79 28.49 66.99
CA LEU H 89 4.14 29.48 66.13
C LEU H 89 4.48 30.91 66.54
N ARG H 90 4.71 31.15 67.83
CA ARG H 90 4.96 32.48 68.37
C ARG H 90 3.71 33.35 68.33
N ALA H 91 3.57 34.25 69.31
CA ALA H 91 2.32 34.99 69.46
C ALA H 91 2.12 36.01 68.35
N GLU H 92 3.15 36.81 68.07
CA GLU H 92 3.02 37.92 67.13
C GLU H 92 3.96 37.83 65.94
N ASP H 93 4.57 36.66 65.70
CA ASP H 93 5.43 36.49 64.54
C ASP H 93 4.64 36.01 63.33
N THR H 94 3.32 35.87 63.44
CA THR H 94 2.48 35.47 62.33
C THR H 94 1.29 36.43 62.23
N ALA H 95 0.55 36.31 61.14
CA ALA H 95 -0.44 37.30 60.74
C ALA H 95 -1.56 36.60 59.98
N VAL H 96 -2.32 37.36 59.19
CA VAL H 96 -3.48 36.82 58.49
C VAL H 96 -3.06 35.65 57.62
N TYR H 97 -3.91 34.63 57.53
CA TYR H 97 -3.67 33.47 56.70
C TYR H 97 -4.82 33.29 55.72
N TYR H 98 -4.47 32.93 54.48
CA TYR H 98 -5.44 32.66 53.43
C TYR H 98 -5.19 31.28 52.85
N CYS H 99 -6.28 30.61 52.47
CA CYS H 99 -6.24 29.32 51.79
C CYS H 99 -6.71 29.51 50.36
N ALA H 100 -5.89 29.11 49.40
CA ALA H 100 -6.21 29.29 48.00
C ALA H 100 -5.99 27.98 47.25
N ARG H 101 -6.44 27.94 46.00
CA ARG H 101 -6.16 26.79 45.14
C ARG H 101 -5.42 27.27 43.90
N SER H 102 -4.83 26.33 43.18
CA SER H 102 -4.11 26.64 41.95
C SER H 102 -4.70 25.87 40.78
N PHE H 103 -4.54 26.44 39.59
CA PHE H 103 -5.03 25.84 38.36
C PHE H 103 -4.13 26.26 37.22
N TYR H 104 -4.15 25.49 36.14
CA TYR H 104 -3.39 25.83 34.95
C TYR H 104 -3.98 25.12 33.75
N VAL H 105 -4.48 25.88 32.79
CA VAL H 105 -4.99 25.33 31.55
C VAL H 105 -3.81 24.94 30.67
N PHE H 106 -4.01 23.94 29.82
CA PHE H 106 -2.88 23.39 29.07
C PHE H 106 -3.38 22.69 27.80
N LYS H 107 -2.46 22.52 26.86
CA LYS H 107 -2.70 21.77 25.65
C LYS H 107 -1.46 20.96 25.35
N ARG H 108 -1.63 19.68 25.00
CA ARG H 108 -0.53 18.77 24.84
C ARG H 108 -0.41 18.32 23.39
N GLY H 109 0.71 17.67 23.09
CA GLY H 109 0.87 17.01 21.81
C GLY H 109 1.96 17.55 20.91
N THR H 110 2.09 18.87 20.83
CA THR H 110 3.04 19.46 19.91
C THR H 110 4.41 19.61 20.57
N LYS H 111 5.41 19.93 19.74
CA LYS H 111 6.76 20.13 20.24
C LYS H 111 6.92 21.40 21.06
N TYR H 112 5.94 22.29 21.02
CA TYR H 112 5.92 23.50 21.84
C TYR H 112 4.59 23.54 22.58
N PRO H 113 4.41 22.67 23.58
CA PRO H 113 3.10 22.56 24.22
C PRO H 113 2.68 23.87 24.88
N TYR H 114 1.39 24.16 24.81
CA TYR H 114 0.82 25.34 25.46
C TYR H 114 0.59 25.03 26.93
N TYR H 115 1.70 24.99 27.67
CA TYR H 115 1.67 24.67 29.09
C TYR H 115 1.66 25.96 29.91
N ASN H 116 0.76 26.04 30.87
CA ASN H 116 0.66 27.18 31.77
C ASN H 116 1.01 26.75 33.18
N TYR H 117 1.49 27.69 33.96
CA TYR H 117 1.92 27.36 35.30
C TYR H 117 0.88 27.79 36.32
N PRO H 118 0.89 27.21 37.52
CA PRO H 118 -0.22 27.41 38.45
C PRO H 118 -0.46 28.88 38.79
N ALA H 119 -1.73 29.23 38.94
CA ALA H 119 -2.14 30.55 39.37
C ALA H 119 -3.24 30.40 40.41
N MET H 120 -3.32 31.37 41.31
CA MET H 120 -4.30 31.34 42.39
C MET H 120 -5.57 32.04 41.93
N ASP H 121 -6.66 31.28 41.83
CA ASP H 121 -7.95 31.80 41.37
C ASP H 121 -8.99 31.86 42.48
N TYR H 122 -9.17 30.77 43.22
CA TYR H 122 -10.14 30.72 44.30
C TYR H 122 -9.40 30.80 45.63
N TRP H 123 -9.77 31.80 46.44
CA TRP H 123 -9.10 32.13 47.68
C TRP H 123 -10.06 31.95 48.85
N GLY H 124 -9.51 31.60 50.00
CA GLY H 124 -10.31 31.57 51.20
C GLY H 124 -10.67 32.95 51.69
N GLN H 125 -11.59 32.99 52.66
CA GLN H 125 -12.02 34.28 53.20
C GLN H 125 -10.87 35.01 53.88
N GLY H 126 -10.02 34.27 54.60
CA GLY H 126 -8.89 34.86 55.28
C GLY H 126 -9.10 34.97 56.77
N THR H 127 -8.50 34.05 57.52
CA THR H 127 -8.68 34.00 58.97
C THR H 127 -7.41 34.45 59.68
N LEU H 128 -7.58 35.15 60.80
CA LEU H 128 -6.47 35.68 61.55
C LEU H 128 -5.73 34.55 62.28
N VAL H 129 -4.65 34.92 62.94
CA VAL H 129 -3.91 33.99 63.80
C VAL H 129 -3.59 34.67 65.12
N SER I 1 12.61 30.95 47.96
CA SER I 1 12.54 32.40 48.01
C SER I 1 13.66 33.03 47.18
N ASP I 2 14.41 32.18 46.48
CA ASP I 2 15.54 32.68 45.69
C ASP I 2 15.08 33.59 44.56
N ILE I 3 13.86 33.42 44.08
CA ILE I 3 13.34 34.26 42.99
C ILE I 3 12.68 35.46 43.65
N GLN I 4 13.51 36.45 43.97
CA GLN I 4 12.97 37.72 44.43
C GLN I 4 12.30 38.43 43.26
N MET I 5 11.55 39.48 43.58
CA MET I 5 10.76 40.17 42.57
C MET I 5 10.53 41.62 42.97
N THR I 6 10.92 42.54 42.10
CA THR I 6 10.77 43.97 42.34
C THR I 6 9.56 44.48 41.56
N GLN I 7 8.90 45.50 42.10
CA GLN I 7 7.66 45.99 41.53
C GLN I 7 7.74 47.51 41.36
N SER I 8 6.71 48.06 40.71
CA SER I 8 6.44 49.48 40.58
C SER I 8 6.48 50.15 41.96
N PRO I 9 6.71 51.47 42.04
CA PRO I 9 6.74 52.14 43.35
C PRO I 9 5.56 51.81 44.23
N SER I 10 5.71 52.05 45.54
CA SER I 10 4.80 51.48 46.54
C SER I 10 3.36 51.89 46.26
N SER I 11 3.11 53.16 46.02
CA SER I 11 1.76 53.66 45.79
C SER I 11 1.77 54.61 44.60
N LEU I 12 0.74 54.52 43.77
CA LEU I 12 0.53 55.45 42.68
C LEU I 12 -0.84 56.10 42.83
N SER I 13 -0.92 57.39 42.57
CA SER I 13 -2.17 58.14 42.66
C SER I 13 -2.74 58.27 41.26
N ALA I 14 -3.91 57.68 41.04
CA ALA I 14 -4.57 57.72 39.74
C ALA I 14 -6.04 58.06 39.92
N SER I 15 -6.57 58.79 38.94
CA SER I 15 -7.99 59.13 38.92
C SER I 15 -8.74 58.12 38.06
N VAL I 16 -10.02 58.41 37.80
CA VAL I 16 -10.83 57.53 36.96
C VAL I 16 -10.46 57.75 35.50
N GLY I 17 -10.43 56.67 34.73
CA GLY I 17 -10.15 56.74 33.31
C GLY I 17 -8.76 57.22 32.95
N ASP I 18 -7.74 56.66 33.60
CA ASP I 18 -6.35 56.98 33.32
C ASP I 18 -5.60 55.71 32.97
N ARG I 19 -4.60 55.83 32.10
CA ARG I 19 -3.81 54.68 31.69
C ARG I 19 -2.57 54.56 32.55
N VAL I 20 -2.51 53.49 33.36
CA VAL I 20 -1.45 53.30 34.34
C VAL I 20 -0.76 51.98 34.06
N THR I 21 0.57 51.99 34.10
CA THR I 21 1.39 50.81 33.85
C THR I 21 2.12 50.43 35.12
N ILE I 22 1.90 49.21 35.59
CA ILE I 22 2.55 48.67 36.77
C ILE I 22 3.60 47.67 36.31
N THR I 23 4.85 47.88 36.71
CA THR I 23 5.96 47.04 36.30
C THR I 23 6.23 45.98 37.34
N CYS I 24 6.80 44.86 36.88
CA CYS I 24 7.14 43.75 37.77
C CYS I 24 8.33 43.02 37.15
N ARG I 25 9.48 43.11 37.79
CA ARG I 25 10.72 42.53 37.29
C ARG I 25 11.13 41.36 38.19
N ALA I 26 11.61 40.30 37.55
CA ALA I 26 12.05 39.10 38.25
C ALA I 26 13.57 38.98 38.18
N SER I 27 14.17 38.42 39.23
CA SER I 27 15.61 38.25 39.25
C SER I 27 16.06 37.33 38.13
N GLN I 28 15.35 36.23 37.92
CA GLN I 28 15.66 35.28 36.85
C GLN I 28 14.62 35.40 35.74
N SER I 29 14.95 34.79 34.60
CA SER I 29 14.10 34.87 33.41
C SER I 29 13.02 33.79 33.50
N VAL I 30 12.03 34.05 34.36
CA VAL I 30 10.86 33.19 34.41
C VAL I 30 10.10 33.27 33.08
N SER I 31 9.28 32.27 32.82
CA SER I 31 8.50 32.23 31.59
C SER I 31 7.31 33.17 31.74
N SER I 32 6.34 33.05 30.84
CA SER I 32 5.15 33.88 30.90
C SER I 32 4.39 33.73 32.22
N ALA I 33 4.81 32.80 33.08
CA ALA I 33 4.07 32.44 34.30
C ALA I 33 4.26 33.51 35.37
N VAL I 34 3.52 34.61 35.22
CA VAL I 34 3.32 35.56 36.31
C VAL I 34 1.83 35.85 36.41
N ALA I 35 1.33 35.89 37.63
CA ALA I 35 -0.07 36.09 37.92
C ALA I 35 -0.26 37.41 38.65
N TRP I 36 -1.23 38.18 38.20
CA TRP I 36 -1.57 39.47 38.79
C TRP I 36 -2.89 39.30 39.55
N TYR I 37 -2.87 39.61 40.84
CA TYR I 37 -4.05 39.59 41.69
C TYR I 37 -4.38 41.00 42.15
N GLN I 38 -5.64 41.21 42.51
CA GLN I 38 -6.08 42.46 43.11
C GLN I 38 -6.63 42.19 44.50
N GLN I 39 -6.10 42.91 45.49
CA GLN I 39 -6.55 42.80 46.87
C GLN I 39 -7.29 44.08 47.24
N LYS I 40 -8.58 43.94 47.55
CA LYS I 40 -9.34 45.05 48.09
C LYS I 40 -8.95 45.27 49.56
N PRO I 41 -8.95 46.51 50.02
CA PRO I 41 -8.66 46.78 51.44
C PRO I 41 -9.59 46.02 52.36
N GLY I 42 -9.05 45.08 53.13
CA GLY I 42 -9.85 44.27 54.03
C GLY I 42 -10.50 43.06 53.43
N LYS I 43 -10.13 42.69 52.20
CA LYS I 43 -10.74 41.55 51.52
C LYS I 43 -9.64 40.71 50.88
N ALA I 44 -9.93 39.42 50.72
CA ALA I 44 -8.96 38.51 50.13
C ALA I 44 -8.69 38.89 48.67
N PRO I 45 -7.48 38.62 48.18
CA PRO I 45 -7.14 39.02 46.81
C PRO I 45 -7.94 38.25 45.77
N LYS I 46 -8.16 38.89 44.63
CA LYS I 46 -8.87 38.30 43.51
C LYS I 46 -7.95 38.20 42.31
N LEU I 47 -7.89 37.02 41.71
CA LEU I 47 -7.13 36.83 40.48
C LEU I 47 -7.60 37.78 39.39
N LEU I 48 -6.65 38.37 38.68
CA LEU I 48 -6.93 39.17 37.49
C LEU I 48 -6.31 38.58 36.24
N ILE I 49 -5.01 38.30 36.26
CA ILE I 49 -4.30 37.83 35.08
C ILE I 49 -3.47 36.60 35.46
N TYR I 50 -3.46 35.60 34.60
CA TYR I 50 -2.59 34.45 34.74
C TYR I 50 -1.88 34.19 33.43
N SER I 51 -0.62 33.75 33.53
CA SER I 51 0.28 33.57 32.39
C SER I 51 0.60 34.88 31.69
N ALA I 52 0.38 36.01 32.36
CA ALA I 52 0.80 37.34 31.93
C ALA I 52 0.04 37.86 30.72
N SER I 53 -0.78 37.02 30.10
CA SER I 53 -1.55 37.45 28.95
C SER I 53 -2.98 36.92 28.92
N SER I 54 -3.37 36.10 29.88
CA SER I 54 -4.69 35.47 29.89
C SER I 54 -5.51 36.05 31.04
N LEU I 55 -6.61 36.70 30.70
CA LEU I 55 -7.52 37.21 31.70
C LEU I 55 -8.34 36.07 32.31
N TYR I 56 -8.65 36.21 33.59
CA TYR I 56 -9.45 35.19 34.26
C TYR I 56 -10.88 35.20 33.73
N SER I 57 -11.55 34.06 33.90
CA SER I 57 -12.94 33.95 33.48
C SER I 57 -13.84 34.73 34.42
N GLY I 58 -14.77 35.48 33.85
CA GLY I 58 -15.71 36.27 34.64
C GLY I 58 -15.10 37.40 35.42
N VAL I 59 -14.12 38.09 34.84
CA VAL I 59 -13.52 39.26 35.46
C VAL I 59 -13.57 40.40 34.45
N PRO I 60 -13.53 41.67 34.87
CA PRO I 60 -13.59 42.76 33.91
C PRO I 60 -12.43 42.72 32.92
N SER I 61 -12.72 43.15 31.69
CA SER I 61 -11.74 43.16 30.62
C SER I 61 -10.86 44.40 30.64
N ARG I 62 -11.06 45.29 31.59
CA ARG I 62 -10.22 46.49 31.67
C ARG I 62 -8.76 46.13 31.94
N PHE I 63 -8.51 45.03 32.64
CA PHE I 63 -7.16 44.64 32.98
C PHE I 63 -6.49 43.90 31.84
N SER I 64 -5.22 44.22 31.60
CA SER I 64 -4.44 43.57 30.56
C SER I 64 -3.00 43.46 31.03
N GLY I 65 -2.29 42.49 30.48
CA GLY I 65 -0.90 42.26 30.86
C GLY I 65 -0.05 41.98 29.64
N SER I 66 1.22 42.36 29.75
CA SER I 66 2.18 42.12 28.69
C SER I 66 3.52 41.78 29.30
N ARG I 67 4.37 41.14 28.51
CA ARG I 67 5.71 40.76 28.93
C ARG I 67 6.73 41.28 27.94
N SER I 68 7.92 41.60 28.45
CA SER I 68 9.03 42.01 27.61
C SER I 68 10.30 41.47 28.26
N GLY I 69 10.94 40.51 27.59
CA GLY I 69 12.16 39.93 28.14
C GLY I 69 11.92 39.35 29.51
N THR I 70 12.40 40.04 30.53
CA THR I 70 12.25 39.62 31.91
C THR I 70 11.08 40.26 32.62
N ASP I 71 10.72 41.51 32.28
CA ASP I 71 9.73 42.22 33.06
C ASP I 71 8.31 42.04 32.50
N PHE I 72 7.33 42.29 33.35
CA PHE I 72 5.92 42.14 33.02
C PHE I 72 5.17 43.38 33.48
N THR I 73 4.32 43.92 32.62
CA THR I 73 3.62 45.16 32.89
C THR I 73 2.11 44.96 32.79
N LEU I 74 1.40 45.47 33.78
CA LEU I 74 -0.06 45.43 33.84
C LEU I 74 -0.62 46.82 33.54
N THR I 75 -1.72 46.86 32.79
CA THR I 75 -2.42 48.09 32.47
C THR I 75 -3.91 47.91 32.72
N ILE I 76 -4.60 49.03 32.93
CA ILE I 76 -6.04 49.05 33.15
C ILE I 76 -6.67 49.86 32.03
N SER I 77 -7.68 49.29 31.37
CA SER I 77 -8.33 49.99 30.28
C SER I 77 -9.24 51.11 30.77
N SER I 78 -9.86 50.95 31.94
CA SER I 78 -10.67 52.01 32.54
C SER I 78 -10.85 51.71 34.02
N LEU I 79 -10.32 52.57 34.88
CA LEU I 79 -10.51 52.40 36.31
C LEU I 79 -11.92 52.82 36.71
N GLN I 80 -12.35 52.28 37.86
CA GLN I 80 -13.66 52.55 38.42
C GLN I 80 -13.50 52.61 39.93
N PRO I 81 -14.47 53.21 40.64
CA PRO I 81 -14.36 53.27 42.10
C PRO I 81 -14.28 51.91 42.77
N GLU I 82 -14.77 50.86 42.11
CA GLU I 82 -14.75 49.52 42.70
C GLU I 82 -13.36 48.89 42.69
N ASP I 83 -12.46 49.33 41.82
CA ASP I 83 -11.15 48.71 41.65
C ASP I 83 -10.00 49.63 42.08
N PHE I 84 -10.26 50.49 43.07
CA PHE I 84 -9.22 51.33 43.64
C PHE I 84 -8.62 50.58 44.83
N ALA I 85 -7.80 49.58 44.52
CA ALA I 85 -7.31 48.66 45.53
C ALA I 85 -5.91 48.18 45.17
N THR I 86 -5.27 47.51 46.12
CA THR I 86 -3.88 47.11 45.95
C THR I 86 -3.75 46.02 44.89
N TYR I 87 -2.61 46.01 44.21
CA TYR I 87 -2.31 44.99 43.21
C TYR I 87 -1.08 44.20 43.64
N TYR I 88 -1.05 42.93 43.25
CA TYR I 88 0.02 42.03 43.64
C TYR I 88 0.48 41.21 42.43
N CYS I 89 1.79 40.97 42.37
CA CYS I 89 2.44 40.29 41.26
C CYS I 89 3.17 39.07 41.78
N GLN I 90 2.89 37.91 41.19
CA GLN I 90 3.39 36.63 41.67
C GLN I 90 4.00 35.85 40.52
N GLN I 91 5.04 35.09 40.82
CA GLN I 91 5.58 34.11 39.87
C GLN I 91 5.22 32.72 40.34
N SER I 92 5.09 31.79 39.41
CA SER I 92 4.89 30.39 39.74
C SER I 92 5.71 29.46 38.86
N TYR I 93 6.62 30.01 38.04
CA TYR I 93 7.53 29.17 37.29
C TYR I 93 8.41 28.35 38.22
N TYR I 94 8.90 28.97 39.28
CA TYR I 94 9.64 28.29 40.33
C TYR I 94 8.79 28.25 41.58
N LYS I 95 8.41 27.05 42.01
CA LYS I 95 7.35 26.86 43.00
C LYS I 95 7.62 27.46 44.38
N PRO I 96 8.87 27.70 44.79
CA PRO I 96 9.06 28.58 45.95
C PRO I 96 8.63 30.00 45.60
N ILE I 97 7.32 30.18 45.44
CA ILE I 97 6.79 31.36 44.77
C ILE I 97 6.96 32.58 45.67
N THR I 98 7.31 33.70 45.07
CA THR I 98 7.50 34.95 45.80
C THR I 98 6.67 36.03 45.12
N PHE I 99 5.75 36.63 45.87
CA PHE I 99 4.99 37.76 45.37
C PHE I 99 5.89 38.99 45.30
N GLY I 100 5.36 40.05 44.69
CA GLY I 100 6.02 41.34 44.72
C GLY I 100 5.73 42.06 46.02
N GLN I 101 6.32 43.26 46.13
CA GLN I 101 6.01 44.11 47.28
C GLN I 101 4.56 44.56 47.26
N GLY I 102 3.94 44.60 46.09
CA GLY I 102 2.56 45.03 45.96
C GLY I 102 2.45 46.53 45.80
N THR I 103 1.63 46.98 44.86
CA THR I 103 1.41 48.41 44.63
C THR I 103 -0.02 48.76 45.05
N LYS I 104 -0.13 49.79 45.89
CA LYS I 104 -1.42 50.26 46.40
C LYS I 104 -1.82 51.49 45.61
N VAL I 105 -2.70 51.30 44.63
CA VAL I 105 -3.21 52.43 43.86
C VAL I 105 -4.20 53.22 44.72
N GLU I 106 -4.38 54.49 44.38
CA GLU I 106 -5.24 55.36 45.17
C GLU I 106 -5.82 56.44 44.27
N ILE I 107 -6.90 57.05 44.74
CA ILE I 107 -7.54 58.12 43.99
C ILE I 107 -6.63 59.34 43.95
N LYS I 108 -6.51 59.94 42.77
CA LYS I 108 -5.69 61.14 42.59
C LYS I 108 -6.57 62.37 42.72
N ARG I 109 -6.23 63.24 43.66
CA ARG I 109 -6.99 64.47 43.88
C ARG I 109 -6.12 65.56 44.49
#